data_4D1Q
#
_entry.id   4D1Q
#
_cell.length_a   265.150
_cell.length_b   265.150
_cell.length_c   157.640
_cell.angle_alpha   90.00
_cell.angle_beta   90.00
_cell.angle_gamma   120.00
#
_symmetry.space_group_name_H-M   'P 32 2 1'
#
loop_
_entity.id
_entity.type
_entity.pdbx_description
1 polymer TRANSPOSASE
2 polymer 'TERMINAL INVERTED REPEAT'
3 polymer 'TERMINAL INVERTED REPEAT'
4 non-polymer 'SODIUM ION'
#
loop_
_entity_poly.entity_id
_entity_poly.type
_entity_poly.pdbx_seq_one_letter_code
_entity_poly.pdbx_strand_id
1 'polypeptide(L)'
;HMQSRELKTVSADCKKEAIEKCAQWVVRDCRPFSAVSGSGFIDMIKFFIKVGAEYGEHVNVEELLPSPITLSRKVTSDAK
EKKALIGREIKSAVEKDGASATIDLWTDNYIKRNFLGVTLHYHENNELRDLILGLKSLDFERSTAENIYKKLKAIFSQFN
VEDLSSIKFVTDRGANVVKSLANNIRINCSSHLLSNVLENSFEETPELNMPILACKNIVKYFKKANLQHRLRSSLKSECP
TRWNSTYTMLRSILDNWESVIQILSEAGETQRIVHINKSIIQTMVNILDGFERIFKELQTCSSPSLCFVVPSILKVKEIC
SPDVGDVADIAKLKVNIIKNVRIIWEENLSIWHYTAFFFYPPALHMQQEKVAQIKEFCLSKMEDLELINRMSSFNELSAT
QLNQSDSNSHNSIDLTSHSKDISTTSFFFPQLTQNNSREPPVCPSDEFEFYRKEIVILSEDFKVMEWWNLNSKKYPKLSK
LALSLLSIPASSAASERTFSLAGNIITEKRNRIGQQTVDSLLFLNSFYKNFCKLDI
;
A,B,G,H
2 'polydeoxyribonucleotide' (DA)(DG)(DA)(DG)(DA)(DA)(DC)(DA)(DA)(DC)(DA)(DA)(DC)(DA)(DA) C,E,I,K
3 'polydeoxyribonucleotide' (DT)(DT)(DG)(DT)(DT)(DG)(DT)(DT)(DG)(DT)(DT)(DC)(DT)(DC)(DT)(DG) D,F,J,L
#
# COMPACT_ATOMS: atom_id res chain seq x y z
N ARG A 5 -42.35 -30.68 -20.28
CA ARG A 5 -41.80 -31.92 -20.83
C ARG A 5 -40.88 -31.63 -22.02
N GLU A 6 -40.81 -30.36 -22.41
CA GLU A 6 -39.95 -29.92 -23.50
C GLU A 6 -38.64 -29.38 -22.91
N LEU A 7 -37.68 -30.30 -22.81
CA LEU A 7 -36.35 -30.08 -22.27
C LEU A 7 -35.68 -28.85 -22.93
N LYS A 8 -35.42 -27.82 -22.13
CA LYS A 8 -34.81 -26.60 -22.66
C LYS A 8 -33.30 -26.72 -22.91
N THR A 9 -32.88 -26.31 -24.10
CA THR A 9 -31.47 -26.31 -24.48
C THR A 9 -30.98 -24.93 -24.00
N VAL A 10 -29.79 -24.85 -23.40
CA VAL A 10 -29.27 -23.56 -22.87
C VAL A 10 -28.35 -22.77 -23.78
N SER A 11 -28.04 -21.55 -23.35
CA SER A 11 -27.21 -20.66 -24.15
C SER A 11 -25.81 -21.19 -24.30
N ALA A 12 -25.23 -20.99 -25.48
CA ALA A 12 -23.88 -21.45 -25.73
C ALA A 12 -22.92 -20.74 -24.82
N ASP A 13 -23.37 -19.64 -24.21
CA ASP A 13 -22.50 -18.94 -23.30
C ASP A 13 -22.53 -19.61 -21.94
N CYS A 14 -23.64 -20.28 -21.66
CA CYS A 14 -23.81 -21.01 -20.44
C CYS A 14 -23.06 -22.33 -20.65
N LYS A 15 -23.41 -23.05 -21.72
CA LYS A 15 -22.76 -24.33 -22.08
C LYS A 15 -21.21 -24.20 -21.97
N LYS A 16 -20.70 -23.03 -22.35
CA LYS A 16 -19.30 -22.72 -22.30
C LYS A 16 -18.82 -22.67 -20.85
N GLU A 17 -19.60 -22.04 -19.98
CA GLU A 17 -19.21 -21.95 -18.59
C GLU A 17 -19.34 -23.31 -17.95
N ALA A 18 -20.24 -24.13 -18.50
CA ALA A 18 -20.46 -25.51 -17.98
C ALA A 18 -19.15 -26.30 -18.09
N ILE A 19 -18.61 -26.33 -19.32
CA ILE A 19 -17.36 -26.98 -19.61
C ILE A 19 -16.37 -26.53 -18.54
N GLU A 20 -15.91 -25.28 -18.61
CA GLU A 20 -14.93 -24.76 -17.66
C GLU A 20 -15.11 -25.28 -16.25
N LYS A 21 -16.30 -25.10 -15.69
CA LYS A 21 -16.55 -25.52 -14.33
C LYS A 21 -16.31 -26.99 -14.06
N CYS A 22 -16.65 -27.84 -15.04
CA CYS A 22 -16.45 -29.31 -14.92
C CYS A 22 -14.99 -29.73 -15.01
N ALA A 23 -14.30 -29.17 -15.99
CA ALA A 23 -12.87 -29.44 -16.19
C ALA A 23 -12.19 -29.17 -14.86
N GLN A 24 -12.41 -27.96 -14.34
CA GLN A 24 -11.82 -27.59 -13.06
C GLN A 24 -12.10 -28.58 -11.97
N TRP A 25 -13.25 -29.20 -12.01
CA TRP A 25 -13.58 -30.21 -11.02
C TRP A 25 -12.60 -31.38 -11.17
N VAL A 26 -12.51 -31.86 -12.40
CA VAL A 26 -11.65 -32.95 -12.75
C VAL A 26 -10.19 -32.61 -12.41
N VAL A 27 -9.83 -31.35 -12.55
CA VAL A 27 -8.48 -30.95 -12.24
C VAL A 27 -8.24 -30.75 -10.76
N ARG A 28 -9.04 -29.90 -10.18
CA ARG A 28 -8.91 -29.59 -8.79
C ARG A 28 -9.12 -30.77 -7.89
N ASP A 29 -10.05 -31.62 -8.27
CA ASP A 29 -10.38 -32.81 -7.48
C ASP A 29 -9.73 -34.13 -7.91
N CYS A 30 -8.94 -34.09 -8.99
CA CYS A 30 -8.30 -35.28 -9.54
C CYS A 30 -9.35 -36.38 -9.73
N ARG A 31 -10.24 -36.15 -10.69
CA ARG A 31 -11.30 -37.06 -11.04
C ARG A 31 -11.09 -37.46 -12.50
N PRO A 32 -11.68 -38.60 -12.86
CA PRO A 32 -11.51 -39.04 -14.25
C PRO A 32 -12.46 -38.27 -15.12
N PHE A 33 -12.03 -37.95 -16.33
CA PHE A 33 -12.92 -37.26 -17.25
C PHE A 33 -14.29 -37.99 -17.35
N SER A 34 -14.25 -39.32 -17.38
CA SER A 34 -15.49 -40.09 -17.48
C SER A 34 -16.45 -39.83 -16.31
N ALA A 35 -15.98 -39.03 -15.36
CA ALA A 35 -16.76 -38.73 -14.17
C ALA A 35 -18.08 -38.04 -14.52
N VAL A 36 -18.03 -37.14 -15.52
CA VAL A 36 -19.21 -36.39 -15.93
C VAL A 36 -20.17 -37.26 -16.66
N SER A 37 -19.70 -38.28 -17.37
CA SER A 37 -20.64 -39.14 -18.11
C SER A 37 -21.39 -40.16 -17.20
N GLY A 38 -20.84 -40.44 -16.02
CA GLY A 38 -21.52 -41.39 -15.15
C GLY A 38 -23.01 -41.14 -15.00
N SER A 39 -23.83 -42.16 -15.20
CA SER A 39 -25.26 -41.97 -15.06
C SER A 39 -25.69 -41.44 -13.66
N GLY A 40 -25.10 -41.98 -12.61
CA GLY A 40 -25.46 -41.55 -11.28
C GLY A 40 -25.16 -40.10 -10.98
N PHE A 41 -24.16 -39.55 -11.68
CA PHE A 41 -23.74 -38.17 -11.50
C PHE A 41 -24.72 -37.31 -12.18
N ILE A 42 -25.19 -37.75 -13.35
CA ILE A 42 -26.21 -37.01 -14.09
C ILE A 42 -27.43 -36.79 -13.13
N ASP A 43 -28.05 -37.87 -12.69
CA ASP A 43 -29.16 -37.75 -11.79
C ASP A 43 -28.93 -36.83 -10.64
N MET A 44 -27.72 -36.74 -10.13
CA MET A 44 -27.52 -35.80 -9.04
C MET A 44 -27.41 -34.41 -9.62
N ILE A 45 -26.89 -34.29 -10.82
CA ILE A 45 -26.81 -32.96 -11.38
C ILE A 45 -28.21 -32.46 -11.63
N LYS A 46 -29.10 -33.37 -12.00
CA LYS A 46 -30.48 -33.01 -12.21
C LYS A 46 -31.04 -32.46 -10.92
N PHE A 47 -30.97 -33.19 -9.81
CA PHE A 47 -31.48 -32.69 -8.54
C PHE A 47 -30.87 -31.36 -8.10
N PHE A 48 -29.69 -31.02 -8.57
CA PHE A 48 -29.16 -29.72 -8.17
C PHE A 48 -29.71 -28.59 -9.05
N ILE A 49 -30.32 -28.97 -10.16
CA ILE A 49 -30.93 -27.98 -11.02
C ILE A 49 -32.31 -27.82 -10.40
N LYS A 50 -32.98 -28.94 -10.11
CA LYS A 50 -34.31 -28.90 -9.48
C LYS A 50 -34.28 -28.13 -8.15
N VAL A 51 -33.09 -27.86 -7.60
CA VAL A 51 -33.03 -27.06 -6.37
C VAL A 51 -32.87 -25.61 -6.80
N GLY A 52 -31.89 -25.36 -7.68
CA GLY A 52 -31.65 -24.01 -8.17
C GLY A 52 -32.88 -23.28 -8.65
N ALA A 53 -33.75 -24.00 -9.37
CA ALA A 53 -35.00 -23.43 -9.89
C ALA A 53 -35.93 -23.10 -8.72
N GLU A 54 -36.22 -24.10 -7.90
CA GLU A 54 -37.13 -23.92 -6.78
C GLU A 54 -36.58 -23.20 -5.53
N TYR A 55 -35.33 -22.73 -5.57
CA TYR A 55 -34.78 -22.01 -4.42
C TYR A 55 -33.98 -20.80 -4.84
N GLY A 56 -33.71 -20.66 -6.13
CA GLY A 56 -32.95 -19.50 -6.62
C GLY A 56 -31.44 -19.58 -6.46
N GLU A 57 -30.70 -18.91 -7.34
CA GLU A 57 -29.23 -18.94 -7.33
C GLU A 57 -28.44 -18.48 -6.09
N HIS A 58 -29.04 -18.40 -4.91
CA HIS A 58 -28.28 -17.96 -3.75
C HIS A 58 -28.37 -18.86 -2.54
N VAL A 59 -28.06 -20.13 -2.77
CA VAL A 59 -28.15 -21.12 -1.72
C VAL A 59 -26.84 -21.33 -0.99
N ASN A 60 -26.94 -21.76 0.27
CA ASN A 60 -25.77 -22.05 1.08
C ASN A 60 -25.40 -23.49 0.81
N VAL A 61 -24.65 -23.66 -0.26
CA VAL A 61 -24.20 -24.95 -0.74
C VAL A 61 -23.57 -25.74 0.36
N GLU A 62 -22.47 -25.18 0.87
CA GLU A 62 -21.70 -25.85 1.90
C GLU A 62 -22.52 -26.51 3.03
N GLU A 63 -23.65 -25.92 3.36
CA GLU A 63 -24.44 -26.51 4.41
C GLU A 63 -25.29 -27.60 3.77
N LEU A 64 -25.90 -27.28 2.65
CA LEU A 64 -26.76 -28.21 1.93
C LEU A 64 -26.11 -29.56 1.64
N LEU A 65 -24.88 -29.51 1.09
CA LEU A 65 -24.06 -30.68 0.71
C LEU A 65 -23.63 -31.46 1.92
N PRO A 66 -24.07 -32.73 2.01
CA PRO A 66 -23.74 -33.63 3.13
C PRO A 66 -22.26 -33.88 3.29
N SER A 67 -21.86 -34.28 4.48
CA SER A 67 -20.46 -34.56 4.72
C SER A 67 -20.28 -36.05 4.37
N PRO A 68 -19.07 -36.42 3.92
CA PRO A 68 -18.74 -37.79 3.53
C PRO A 68 -19.35 -38.78 4.47
N ILE A 69 -19.00 -38.62 5.75
CA ILE A 69 -19.50 -39.52 6.77
C ILE A 69 -21.03 -39.77 6.82
N THR A 70 -21.81 -38.83 6.30
CA THR A 70 -23.24 -39.08 6.27
C THR A 70 -23.53 -39.94 5.02
N LEU A 71 -22.80 -39.66 3.95
CA LEU A 71 -22.96 -40.42 2.74
C LEU A 71 -22.66 -41.88 3.10
N SER A 72 -21.49 -42.15 3.69
CA SER A 72 -21.16 -43.53 4.09
C SER A 72 -22.31 -44.12 4.92
N ARG A 73 -22.79 -43.33 5.87
CA ARG A 73 -23.86 -43.73 6.75
C ARG A 73 -25.19 -44.01 6.07
N LYS A 74 -25.54 -43.19 5.07
CA LYS A 74 -26.78 -43.42 4.34
C LYS A 74 -26.65 -44.75 3.61
N VAL A 75 -25.47 -44.96 3.04
CA VAL A 75 -25.20 -46.18 2.29
C VAL A 75 -25.41 -47.41 3.17
N THR A 76 -24.76 -47.44 4.33
CA THR A 76 -24.83 -48.61 5.19
C THR A 76 -26.23 -48.93 5.65
N SER A 77 -27.04 -47.89 5.82
CA SER A 77 -28.44 -48.02 6.27
C SER A 77 -29.30 -48.43 5.09
N ASP A 78 -29.21 -47.62 4.04
CA ASP A 78 -29.88 -47.80 2.75
C ASP A 78 -29.72 -49.29 2.35
N ALA A 79 -28.56 -49.84 2.69
CA ALA A 79 -28.19 -51.22 2.45
C ALA A 79 -29.19 -52.12 3.13
N LYS A 80 -29.16 -52.11 4.46
CA LYS A 80 -30.04 -52.90 5.32
C LYS A 80 -31.49 -52.81 4.85
N GLU A 81 -31.90 -51.61 4.40
CA GLU A 81 -33.26 -51.35 3.92
C GLU A 81 -33.61 -52.19 2.71
N LYS A 82 -32.91 -51.96 1.60
CA LYS A 82 -33.18 -52.73 0.38
C LYS A 82 -32.90 -54.23 0.55
N LYS A 83 -31.84 -54.59 1.29
CA LYS A 83 -31.56 -56.01 1.48
C LYS A 83 -32.84 -56.61 2.05
N ALA A 84 -33.37 -55.92 3.07
CA ALA A 84 -34.60 -56.32 3.73
C ALA A 84 -35.75 -56.36 2.71
N LEU A 85 -35.91 -55.23 2.00
CA LEU A 85 -36.92 -55.03 0.95
C LEU A 85 -37.16 -56.19 -0.07
N ILE A 86 -36.10 -56.71 -0.68
CA ILE A 86 -36.28 -57.79 -1.64
C ILE A 86 -36.30 -59.16 -0.94
N GLY A 87 -36.09 -59.13 0.38
CA GLY A 87 -36.09 -60.29 1.26
C GLY A 87 -37.13 -61.29 0.76
N ARG A 88 -38.30 -60.78 0.35
CA ARG A 88 -39.35 -61.67 -0.11
C ARG A 88 -39.08 -62.29 -1.46
N GLU A 89 -38.81 -61.45 -2.46
CA GLU A 89 -38.62 -61.98 -3.82
C GLU A 89 -37.63 -63.12 -3.86
N ILE A 90 -36.50 -62.87 -3.21
CA ILE A 90 -35.42 -63.82 -3.12
C ILE A 90 -35.88 -65.06 -2.42
N LYS A 91 -36.59 -64.81 -1.33
CA LYS A 91 -37.13 -65.87 -0.48
C LYS A 91 -38.05 -66.80 -1.29
N SER A 92 -38.87 -66.18 -2.15
CA SER A 92 -39.82 -66.94 -2.96
C SER A 92 -39.00 -67.84 -3.86
N ALA A 93 -38.17 -67.14 -4.66
CA ALA A 93 -37.28 -67.69 -5.66
C ALA A 93 -36.63 -68.92 -5.09
N VAL A 94 -35.96 -68.74 -3.96
CA VAL A 94 -35.29 -69.87 -3.34
C VAL A 94 -36.17 -71.11 -3.15
N GLU A 95 -37.37 -70.85 -2.63
CA GLU A 95 -38.34 -71.87 -2.28
C GLU A 95 -39.06 -72.54 -3.39
N LYS A 96 -39.38 -71.75 -4.42
CA LYS A 96 -40.05 -72.25 -5.61
C LYS A 96 -39.01 -72.95 -6.56
N ASP A 97 -37.81 -73.19 -6.01
CA ASP A 97 -36.69 -73.85 -6.68
C ASP A 97 -35.88 -73.14 -7.73
N GLY A 98 -36.24 -71.91 -8.10
CA GLY A 98 -35.51 -71.20 -9.15
C GLY A 98 -34.23 -70.47 -8.76
N ALA A 99 -33.66 -70.84 -7.62
CA ALA A 99 -32.45 -70.19 -7.15
C ALA A 99 -31.19 -70.90 -7.48
N SER A 100 -30.20 -70.11 -7.95
CA SER A 100 -28.84 -70.55 -8.24
C SER A 100 -27.83 -69.58 -7.60
N ALA A 101 -26.77 -70.12 -7.03
CA ALA A 101 -25.77 -69.23 -6.40
C ALA A 101 -24.32 -69.59 -6.62
N THR A 102 -23.42 -68.60 -6.66
CA THR A 102 -21.96 -68.87 -6.77
C THR A 102 -21.16 -68.22 -5.64
N ILE A 103 -20.19 -68.95 -5.09
CA ILE A 103 -19.41 -68.39 -4.00
C ILE A 103 -17.97 -68.67 -4.20
N ASP A 104 -17.10 -67.77 -3.79
CA ASP A 104 -15.64 -67.95 -3.90
C ASP A 104 -15.02 -67.16 -2.74
N LEU A 105 -13.78 -67.43 -2.39
CA LEU A 105 -13.14 -66.67 -1.33
C LEU A 105 -12.19 -65.67 -2.00
N TRP A 106 -11.98 -64.51 -1.38
CA TRP A 106 -11.11 -63.47 -1.92
C TRP A 106 -10.52 -62.71 -0.78
N THR A 107 -9.42 -61.99 -1.02
CA THR A 107 -8.75 -61.20 0.03
C THR A 107 -8.30 -59.86 -0.54
N ASP A 108 -8.59 -58.77 0.17
CA ASP A 108 -8.18 -57.43 -0.25
C ASP A 108 -6.68 -57.37 -0.04
N ASN A 109 -6.05 -56.24 -0.35
CA ASN A 109 -4.63 -56.21 -0.13
C ASN A 109 -4.14 -55.03 0.60
N TYR A 110 -4.91 -54.62 1.60
CA TYR A 110 -4.48 -53.52 2.45
C TYR A 110 -4.54 -53.99 3.87
N ILE A 111 -5.65 -54.56 4.26
CA ILE A 111 -5.78 -55.07 5.62
C ILE A 111 -5.62 -56.57 5.51
N LYS A 112 -5.69 -57.08 4.27
CA LYS A 112 -5.60 -58.51 3.99
C LYS A 112 -6.74 -59.27 4.68
N ARG A 113 -7.94 -58.67 4.69
CA ARG A 113 -9.16 -59.24 5.28
C ARG A 113 -9.59 -60.41 4.41
N ASN A 114 -9.98 -61.54 4.97
CA ASN A 114 -10.38 -62.63 4.08
C ASN A 114 -11.91 -62.74 3.81
N PHE A 115 -12.38 -62.48 2.59
CA PHE A 115 -13.85 -62.51 2.26
C PHE A 115 -14.52 -63.70 1.57
N LEU A 116 -15.84 -63.76 1.70
CA LEU A 116 -16.66 -64.75 1.01
C LEU A 116 -17.63 -63.92 0.20
N GLY A 117 -17.65 -64.18 -1.10
CA GLY A 117 -18.53 -63.47 -2.01
C GLY A 117 -19.63 -64.46 -2.32
N VAL A 118 -20.85 -63.96 -2.46
CA VAL A 118 -22.00 -64.78 -2.78
C VAL A 118 -22.90 -64.10 -3.79
N THR A 119 -23.22 -64.81 -4.86
CA THR A 119 -24.09 -64.29 -5.90
C THR A 119 -25.32 -65.20 -6.06
N LEU A 120 -26.46 -64.56 -6.35
CA LEU A 120 -27.69 -65.29 -6.56
C LEU A 120 -28.16 -65.02 -7.97
N HIS A 121 -28.74 -66.06 -8.58
CA HIS A 121 -29.20 -66.00 -9.96
C HIS A 121 -30.58 -66.65 -10.09
N TYR A 122 -31.53 -65.93 -10.69
CA TYR A 122 -32.87 -66.49 -10.86
C TYR A 122 -33.62 -65.83 -12.02
N HIS A 123 -34.72 -66.47 -12.38
CA HIS A 123 -35.57 -65.95 -13.45
C HIS A 123 -36.87 -65.20 -13.06
N GLU A 124 -36.94 -63.91 -13.41
CA GLU A 124 -38.13 -63.09 -13.11
C GLU A 124 -38.64 -62.35 -14.36
N ASN A 125 -39.88 -62.62 -14.69
CA ASN A 125 -40.45 -62.00 -15.87
C ASN A 125 -39.66 -62.41 -17.06
N ASN A 126 -39.26 -61.51 -17.93
CA ASN A 126 -38.52 -62.05 -19.03
C ASN A 126 -37.03 -61.98 -18.85
N GLU A 127 -36.64 -61.60 -17.63
CA GLU A 127 -35.22 -61.44 -17.32
C GLU A 127 -34.54 -62.39 -16.34
N LEU A 128 -33.23 -62.43 -16.56
CA LEU A 128 -32.38 -63.27 -15.79
C LEU A 128 -31.65 -62.37 -14.82
N ARG A 129 -31.69 -62.76 -13.55
CA ARG A 129 -31.10 -62.00 -12.48
C ARG A 129 -29.63 -62.30 -12.08
N ASP A 130 -28.83 -61.23 -12.01
CA ASP A 130 -27.40 -61.27 -11.68
C ASP A 130 -27.17 -60.52 -10.39
N LEU A 131 -27.39 -61.23 -9.30
CA LEU A 131 -27.30 -60.60 -8.02
C LEU A 131 -26.17 -60.85 -7.03
N ILE A 132 -25.60 -59.76 -6.52
CA ILE A 132 -24.59 -59.88 -5.47
C ILE A 132 -25.29 -59.88 -4.09
N LEU A 133 -25.30 -60.98 -3.34
CA LEU A 133 -25.96 -60.89 -2.04
C LEU A 133 -24.96 -60.30 -1.08
N GLY A 134 -23.68 -60.64 -1.21
CA GLY A 134 -22.75 -60.03 -0.27
C GLY A 134 -21.31 -60.46 -0.28
N LEU A 135 -20.47 -59.69 0.41
CA LEU A 135 -19.04 -59.90 0.56
C LEU A 135 -18.79 -59.81 2.07
N LYS A 136 -18.75 -60.96 2.73
CA LYS A 136 -18.60 -60.91 4.17
C LYS A 136 -17.23 -61.36 4.58
N SER A 137 -16.57 -60.57 5.42
CA SER A 137 -15.26 -60.95 5.92
C SER A 137 -15.50 -62.21 6.75
N LEU A 138 -14.70 -63.22 6.51
CA LEU A 138 -14.76 -64.47 7.23
C LEU A 138 -14.16 -64.16 8.61
N ASP A 139 -13.85 -62.88 8.82
CA ASP A 139 -13.16 -62.38 10.02
C ASP A 139 -11.74 -62.92 9.90
N PHE A 140 -11.11 -63.21 11.03
CA PHE A 140 -9.76 -63.71 10.94
C PHE A 140 -9.98 -65.02 11.62
N GLU A 141 -10.66 -65.88 10.88
CA GLU A 141 -11.05 -67.18 11.36
C GLU A 141 -10.66 -68.34 10.46
N ARG A 142 -9.41 -68.83 10.59
CA ARG A 142 -8.88 -69.98 9.84
C ARG A 142 -9.21 -70.04 8.34
N SER A 143 -10.51 -70.20 8.01
CA SER A 143 -11.04 -70.26 6.64
C SER A 143 -11.29 -71.72 6.27
N THR A 144 -11.92 -72.43 7.21
CA THR A 144 -12.21 -73.85 7.10
C THR A 144 -13.60 -74.06 6.56
N ALA A 145 -13.94 -75.31 6.25
CA ALA A 145 -15.26 -75.63 5.70
C ALA A 145 -16.41 -75.01 6.51
N GLU A 146 -16.43 -75.38 7.79
CA GLU A 146 -17.42 -74.95 8.78
C GLU A 146 -17.63 -73.48 8.72
N ASN A 147 -16.54 -72.73 8.88
CA ASN A 147 -16.60 -71.27 8.89
C ASN A 147 -17.15 -70.63 7.64
N ILE A 148 -16.98 -71.34 6.54
CA ILE A 148 -17.47 -70.86 5.27
C ILE A 148 -18.98 -71.02 5.28
N TYR A 149 -19.44 -72.26 5.54
CA TYR A 149 -20.87 -72.55 5.53
C TYR A 149 -21.60 -71.57 6.43
N LYS A 150 -20.94 -71.28 7.54
CA LYS A 150 -21.47 -70.38 8.53
C LYS A 150 -21.73 -69.03 7.90
N LYS A 151 -20.67 -68.39 7.42
CA LYS A 151 -20.83 -67.08 6.81
C LYS A 151 -21.79 -67.14 5.62
N LEU A 152 -21.85 -68.29 4.96
CA LEU A 152 -22.72 -68.50 3.81
C LEU A 152 -24.13 -68.37 4.32
N LYS A 153 -24.45 -69.21 5.33
CA LYS A 153 -25.75 -69.29 6.05
C LYS A 153 -26.19 -67.89 6.51
N ALA A 154 -25.22 -67.20 7.12
CA ALA A 154 -25.30 -65.86 7.58
C ALA A 154 -25.69 -64.82 6.48
N ILE A 155 -25.04 -64.89 5.33
CA ILE A 155 -25.33 -63.94 4.28
C ILE A 155 -26.76 -64.11 3.81
N PHE A 156 -27.24 -65.35 3.78
CA PHE A 156 -28.62 -65.60 3.36
C PHE A 156 -29.67 -65.09 4.38
N SER A 157 -29.36 -65.17 5.67
CA SER A 157 -30.26 -64.68 6.75
C SER A 157 -30.67 -63.24 6.52
N GLN A 158 -29.75 -62.42 6.06
CA GLN A 158 -30.05 -61.05 5.79
C GLN A 158 -31.32 -60.90 4.91
N PHE A 159 -31.60 -61.89 4.06
CA PHE A 159 -32.75 -61.84 3.15
C PHE A 159 -33.90 -62.65 3.69
N ASN A 160 -33.55 -63.46 4.67
CA ASN A 160 -34.47 -64.33 5.39
C ASN A 160 -34.74 -65.60 4.67
N VAL A 161 -33.64 -66.12 4.17
CA VAL A 161 -33.64 -67.37 3.48
C VAL A 161 -32.89 -68.24 4.48
N GLU A 162 -33.57 -69.25 5.01
CA GLU A 162 -32.93 -70.13 6.01
C GLU A 162 -32.78 -71.56 5.53
N ASP A 163 -33.50 -71.92 4.47
CA ASP A 163 -33.32 -73.28 4.00
C ASP A 163 -32.54 -73.20 2.72
N LEU A 164 -31.30 -73.64 2.83
CA LEU A 164 -30.47 -73.54 1.70
C LEU A 164 -30.48 -74.67 0.75
N SER A 165 -31.14 -75.79 1.08
CA SER A 165 -31.02 -76.96 0.19
C SER A 165 -31.46 -76.81 -1.25
N SER A 166 -32.59 -76.14 -1.46
CA SER A 166 -33.11 -75.95 -2.81
C SER A 166 -32.22 -75.09 -3.69
N ILE A 167 -31.07 -74.65 -3.15
CA ILE A 167 -30.16 -73.81 -3.91
C ILE A 167 -29.05 -74.60 -4.60
N LYS A 168 -28.94 -74.32 -5.91
CA LYS A 168 -27.98 -74.91 -6.83
C LYS A 168 -26.87 -73.93 -6.84
N PHE A 169 -25.77 -74.46 -6.33
CA PHE A 169 -24.51 -73.80 -6.18
C PHE A 169 -23.47 -74.14 -7.23
N VAL A 170 -22.92 -73.11 -7.83
CA VAL A 170 -21.89 -73.23 -8.83
C VAL A 170 -20.61 -72.67 -8.16
N THR A 171 -19.61 -73.53 -8.08
CA THR A 171 -18.36 -73.17 -7.47
C THR A 171 -17.17 -73.91 -8.11
N ASP A 172 -15.97 -73.36 -7.91
CA ASP A 172 -14.72 -73.98 -8.42
C ASP A 172 -14.45 -75.20 -7.58
N ARG A 173 -13.27 -75.81 -7.70
CA ARG A 173 -13.05 -77.00 -6.88
C ARG A 173 -12.24 -76.89 -5.60
N GLY A 174 -12.23 -75.69 -5.05
CA GLY A 174 -11.50 -75.37 -3.83
C GLY A 174 -11.89 -76.29 -2.70
N ALA A 175 -11.03 -77.25 -2.43
CA ALA A 175 -11.21 -78.23 -1.39
C ALA A 175 -12.11 -77.79 -0.22
N ASN A 176 -11.76 -76.64 0.36
CA ASN A 176 -12.48 -76.04 1.50
C ASN A 176 -13.97 -75.78 1.13
N VAL A 177 -14.16 -74.96 0.12
CA VAL A 177 -15.48 -74.67 -0.35
C VAL A 177 -16.21 -75.94 -0.77
N VAL A 178 -15.68 -76.78 -1.64
CA VAL A 178 -16.47 -77.96 -2.00
C VAL A 178 -16.95 -78.70 -0.78
N LYS A 179 -16.13 -78.79 0.27
CA LYS A 179 -16.55 -79.48 1.50
C LYS A 179 -17.65 -78.67 2.23
N SER A 180 -17.47 -77.36 2.26
CA SER A 180 -18.46 -76.53 2.91
C SER A 180 -19.81 -76.84 2.26
N LEU A 181 -19.86 -76.92 0.95
CA LEU A 181 -21.13 -77.20 0.32
C LEU A 181 -21.24 -78.68 0.12
N ALA A 182 -20.76 -79.47 1.07
CA ALA A 182 -20.82 -80.89 0.83
C ALA A 182 -22.24 -81.50 0.83
N ASN A 183 -23.17 -80.84 1.56
CA ASN A 183 -24.53 -81.37 1.65
C ASN A 183 -25.50 -80.67 0.77
N ASN A 184 -25.05 -79.89 -0.20
CA ASN A 184 -26.01 -79.17 -1.05
C ASN A 184 -25.79 -79.47 -2.50
N ILE A 185 -26.57 -78.84 -3.36
CA ILE A 185 -26.40 -79.02 -4.79
C ILE A 185 -25.18 -78.17 -5.20
N ARG A 186 -24.13 -78.83 -5.68
CA ARG A 186 -22.93 -78.11 -6.09
C ARG A 186 -22.50 -78.51 -7.50
N ILE A 187 -22.44 -77.52 -8.39
CA ILE A 187 -22.05 -77.76 -9.74
C ILE A 187 -20.64 -77.18 -9.92
N ASN A 188 -19.78 -77.90 -10.65
CA ASN A 188 -18.41 -77.47 -10.96
C ASN A 188 -18.27 -76.34 -12.03
N CYS A 189 -17.49 -75.32 -11.66
CA CYS A 189 -17.27 -74.18 -12.55
C CYS A 189 -16.68 -74.72 -13.81
N SER A 190 -17.32 -74.54 -14.94
CA SER A 190 -16.75 -75.09 -16.16
C SER A 190 -15.64 -74.22 -16.67
N SER A 191 -15.52 -73.01 -16.15
CA SER A 191 -14.43 -72.17 -16.62
C SER A 191 -13.15 -72.69 -16.04
N HIS A 192 -13.16 -72.82 -14.72
CA HIS A 192 -12.05 -73.37 -13.98
C HIS A 192 -11.83 -74.75 -14.64
N LEU A 193 -12.83 -75.59 -14.76
CA LEU A 193 -12.62 -76.88 -15.39
C LEU A 193 -11.87 -76.83 -16.71
N LEU A 194 -12.29 -75.94 -17.62
CA LEU A 194 -11.66 -75.79 -18.94
C LEU A 194 -10.19 -75.49 -18.73
N SER A 195 -9.91 -74.40 -18.04
CA SER A 195 -8.54 -74.03 -17.71
C SER A 195 -7.71 -75.23 -17.21
N ASN A 196 -8.27 -76.12 -16.41
CA ASN A 196 -7.50 -77.30 -15.96
C ASN A 196 -7.21 -78.15 -17.17
N VAL A 197 -8.19 -78.31 -18.06
CA VAL A 197 -7.91 -79.08 -19.24
C VAL A 197 -6.76 -78.41 -20.00
N LEU A 198 -6.82 -77.09 -20.14
CA LEU A 198 -5.79 -76.38 -20.86
C LEU A 198 -4.45 -76.52 -20.22
N GLU A 199 -4.36 -76.28 -18.93
CA GLU A 199 -3.07 -76.43 -18.27
C GLU A 199 -2.48 -77.87 -18.37
N ASN A 200 -3.20 -78.89 -17.94
CA ASN A 200 -2.68 -80.24 -18.08
C ASN A 200 -2.41 -80.60 -19.54
N SER A 201 -3.23 -80.16 -20.46
CA SER A 201 -2.96 -80.57 -21.81
C SER A 201 -1.58 -80.09 -22.29
N PHE A 202 -1.24 -78.87 -21.96
CA PHE A 202 -0.01 -78.35 -22.42
C PHE A 202 1.10 -79.08 -21.75
N GLU A 203 1.05 -79.10 -20.44
CA GLU A 203 2.07 -79.78 -19.70
C GLU A 203 2.40 -81.16 -20.29
N GLU A 204 1.42 -81.88 -20.77
CA GLU A 204 1.71 -83.19 -21.30
C GLU A 204 2.00 -83.16 -22.76
N THR A 205 2.48 -82.03 -23.24
CA THR A 205 2.84 -81.89 -24.64
C THR A 205 4.05 -80.95 -24.63
N PRO A 206 5.16 -81.45 -23.99
CA PRO A 206 6.45 -80.78 -23.80
C PRO A 206 7.10 -80.35 -25.12
N GLU A 207 6.65 -81.04 -26.16
CA GLU A 207 7.08 -80.71 -27.48
C GLU A 207 6.78 -79.20 -27.75
N LEU A 208 5.82 -78.64 -27.04
CA LEU A 208 5.44 -77.25 -27.35
C LEU A 208 6.11 -76.23 -26.53
N ASN A 209 6.77 -76.77 -25.51
CA ASN A 209 7.45 -76.00 -24.51
C ASN A 209 8.40 -74.90 -25.02
N MET A 210 9.22 -75.33 -25.98
CA MET A 210 10.24 -74.47 -26.52
C MET A 210 9.77 -73.19 -27.13
N PRO A 211 8.95 -73.32 -28.14
CA PRO A 211 8.45 -72.12 -28.81
C PRO A 211 7.59 -71.26 -27.92
N ILE A 212 7.16 -71.80 -26.79
CA ILE A 212 6.35 -70.98 -25.94
C ILE A 212 7.30 -70.12 -25.17
N LEU A 213 8.26 -70.79 -24.52
CA LEU A 213 9.30 -70.10 -23.76
C LEU A 213 10.02 -69.08 -24.66
N ALA A 214 10.24 -69.49 -25.90
CA ALA A 214 10.85 -68.66 -26.91
C ALA A 214 10.14 -67.34 -26.97
N CYS A 215 8.82 -67.46 -27.12
CA CYS A 215 7.85 -66.37 -27.23
C CYS A 215 7.78 -65.57 -25.96
N LYS A 216 7.79 -66.32 -24.84
CA LYS A 216 7.74 -65.73 -23.51
C LYS A 216 8.87 -64.69 -23.49
N ASN A 217 10.05 -65.16 -23.86
CA ASN A 217 11.22 -64.33 -23.88
C ASN A 217 11.25 -63.25 -24.92
N ILE A 218 10.44 -63.35 -25.96
CA ILE A 218 10.47 -62.27 -26.93
C ILE A 218 9.81 -61.06 -26.25
N VAL A 219 8.94 -61.35 -25.28
CA VAL A 219 8.25 -60.27 -24.57
C VAL A 219 9.20 -59.76 -23.54
N LYS A 220 9.66 -60.69 -22.70
CA LYS A 220 10.59 -60.37 -21.62
C LYS A 220 11.60 -59.34 -22.15
N TYR A 221 12.19 -59.66 -23.31
CA TYR A 221 13.16 -58.78 -23.92
C TYR A 221 12.53 -57.44 -24.14
N PHE A 222 11.59 -57.36 -25.07
CA PHE A 222 10.90 -56.12 -25.42
C PHE A 222 10.49 -55.20 -24.24
N LYS A 223 10.09 -55.84 -23.15
CA LYS A 223 9.70 -55.10 -21.95
C LYS A 223 10.98 -54.46 -21.41
N LYS A 224 11.92 -55.32 -20.97
CA LYS A 224 13.21 -54.95 -20.43
C LYS A 224 13.88 -53.94 -21.35
N ALA A 225 14.17 -54.34 -22.59
CA ALA A 225 14.78 -53.48 -23.60
C ALA A 225 13.99 -52.18 -24.02
N ASN A 226 12.87 -51.94 -23.34
CA ASN A 226 11.99 -50.77 -23.55
C ASN A 226 11.63 -50.37 -24.99
N LEU A 227 11.31 -51.35 -25.83
CA LEU A 227 10.94 -51.09 -27.23
C LEU A 227 9.51 -51.50 -27.56
N GLN A 228 8.79 -51.87 -26.51
CA GLN A 228 7.40 -52.25 -26.61
C GLN A 228 6.65 -51.06 -27.21
N HIS A 229 6.98 -49.89 -26.67
CA HIS A 229 6.39 -48.63 -27.06
C HIS A 229 6.14 -48.42 -28.55
N ARG A 230 6.72 -49.23 -29.43
CA ARG A 230 6.48 -48.97 -30.84
C ARG A 230 5.76 -50.05 -31.59
N LEU A 231 5.00 -50.85 -30.89
CA LEU A 231 4.32 -51.88 -31.58
C LEU A 231 2.95 -51.65 -32.13
N ARG A 232 2.17 -50.79 -31.48
CA ARG A 232 0.78 -50.48 -31.86
C ARG A 232 -0.02 -51.27 -30.88
N SER A 233 0.51 -52.43 -30.51
CA SER A 233 -0.12 -53.28 -29.56
C SER A 233 1.04 -53.98 -28.84
N SER A 234 0.98 -54.01 -27.53
CA SER A 234 2.02 -54.63 -26.75
C SER A 234 2.07 -56.12 -26.85
N LEU A 235 3.20 -56.63 -26.44
CA LEU A 235 3.34 -58.06 -26.42
C LEU A 235 2.80 -58.30 -25.03
N LYS A 236 1.82 -59.19 -24.95
CA LYS A 236 1.24 -59.46 -23.66
C LYS A 236 2.02 -60.61 -23.04
N SER A 237 2.35 -60.46 -21.77
CA SER A 237 3.09 -61.47 -21.02
C SER A 237 2.24 -62.61 -20.56
N GLU A 238 2.72 -63.36 -19.59
CA GLU A 238 1.95 -64.49 -19.13
C GLU A 238 0.84 -64.31 -18.05
N CYS A 239 1.19 -64.16 -16.77
CA CYS A 239 0.18 -64.02 -15.68
C CYS A 239 -0.67 -65.30 -15.75
N PRO A 240 -0.06 -66.41 -15.44
CA PRO A 240 -0.58 -67.78 -15.45
C PRO A 240 -1.88 -68.04 -14.75
N THR A 241 -2.14 -67.23 -13.72
CA THR A 241 -3.37 -67.27 -12.93
C THR A 241 -4.58 -67.01 -13.82
N ARG A 242 -4.38 -66.30 -14.94
CA ARG A 242 -5.46 -65.97 -15.87
C ARG A 242 -5.85 -67.06 -16.84
N TRP A 243 -7.08 -66.97 -17.35
CA TRP A 243 -7.59 -67.99 -18.24
C TRP A 243 -7.17 -67.76 -19.66
N ASN A 244 -6.77 -68.85 -20.29
CA ASN A 244 -6.28 -68.85 -21.68
C ASN A 244 -5.07 -67.88 -21.79
N SER A 245 -4.16 -68.06 -20.83
CA SER A 245 -2.95 -67.24 -20.65
C SER A 245 -2.00 -67.32 -21.79
N THR A 246 -1.78 -68.55 -22.29
CA THR A 246 -0.84 -68.70 -23.37
C THR A 246 -1.36 -67.96 -24.58
N TYR A 247 -2.57 -68.35 -24.97
CA TYR A 247 -3.25 -67.77 -26.13
C TYR A 247 -3.04 -66.27 -26.25
N THR A 248 -3.56 -65.53 -25.27
CA THR A 248 -3.48 -64.07 -25.28
C THR A 248 -2.11 -63.55 -25.63
N MET A 249 -1.09 -64.34 -25.28
CA MET A 249 0.29 -63.98 -25.53
C MET A 249 0.76 -64.31 -26.91
N LEU A 250 0.68 -65.57 -27.30
CA LEU A 250 1.07 -65.94 -28.66
C LEU A 250 0.34 -65.01 -29.64
N ARG A 251 -0.95 -64.80 -29.39
CA ARG A 251 -1.72 -63.93 -30.23
C ARG A 251 -1.02 -62.58 -30.25
N SER A 252 -0.58 -62.03 -29.13
CA SER A 252 0.11 -60.74 -29.21
C SER A 252 1.34 -60.72 -30.11
N ILE A 253 2.09 -61.81 -30.14
CA ILE A 253 3.29 -61.87 -30.95
C ILE A 253 2.86 -62.01 -32.39
N LEU A 254 1.94 -62.92 -32.62
CA LEU A 254 1.45 -63.19 -33.94
C LEU A 254 0.87 -61.95 -34.61
N ASP A 255 0.08 -61.19 -33.84
CA ASP A 255 -0.62 -59.99 -34.29
C ASP A 255 0.35 -58.92 -34.66
N ASN A 256 1.58 -59.09 -34.22
CA ASN A 256 2.59 -58.10 -34.49
C ASN A 256 3.82 -58.55 -35.25
N TRP A 257 3.93 -59.86 -35.50
CA TRP A 257 5.07 -60.49 -36.19
C TRP A 257 5.97 -59.62 -37.02
N GLU A 258 5.45 -59.17 -38.17
CA GLU A 258 6.22 -58.30 -39.08
C GLU A 258 7.01 -57.26 -38.30
N SER A 259 6.29 -56.36 -37.68
CA SER A 259 6.87 -55.30 -36.89
C SER A 259 7.90 -55.83 -35.91
N VAL A 260 7.84 -57.09 -35.52
CA VAL A 260 8.84 -57.53 -34.59
C VAL A 260 10.04 -58.24 -35.16
N ILE A 261 9.85 -59.06 -36.19
CA ILE A 261 10.98 -59.77 -36.82
C ILE A 261 11.94 -58.65 -37.26
N GLN A 262 11.31 -57.57 -37.73
CA GLN A 262 12.00 -56.39 -38.21
C GLN A 262 12.78 -55.64 -37.12
N ILE A 263 12.17 -55.32 -36.00
CA ILE A 263 12.95 -54.59 -35.01
C ILE A 263 14.01 -55.42 -34.35
N LEU A 264 13.82 -56.73 -34.30
CA LEU A 264 14.82 -57.62 -33.72
C LEU A 264 15.99 -57.78 -34.69
N SER A 265 15.70 -57.70 -35.98
CA SER A 265 16.73 -57.82 -37.00
C SER A 265 17.58 -56.54 -36.91
N GLU A 266 16.99 -55.39 -37.27
CA GLU A 266 17.70 -54.10 -37.25
C GLU A 266 18.32 -53.70 -35.89
N ALA A 267 17.94 -54.39 -34.82
CA ALA A 267 18.52 -54.11 -33.50
C ALA A 267 19.31 -55.39 -33.17
N GLY A 268 19.66 -56.09 -34.25
CA GLY A 268 20.48 -57.31 -34.27
C GLY A 268 20.34 -58.47 -33.31
N GLU A 269 19.10 -58.76 -32.95
CA GLU A 269 18.82 -59.87 -32.06
C GLU A 269 17.88 -60.92 -32.63
N THR A 270 17.90 -61.05 -33.95
CA THR A 270 17.13 -62.07 -34.67
C THR A 270 17.41 -63.48 -34.06
N GLN A 271 18.38 -63.57 -33.17
CA GLN A 271 18.68 -64.85 -32.53
C GLN A 271 17.45 -65.35 -31.74
N ARG A 272 16.74 -64.36 -31.21
CA ARG A 272 15.56 -64.47 -30.37
C ARG A 272 14.37 -65.09 -31.00
N ILE A 273 14.09 -64.67 -32.22
CA ILE A 273 12.90 -65.12 -32.88
C ILE A 273 13.07 -66.21 -33.88
N VAL A 274 14.30 -66.51 -34.25
CA VAL A 274 14.50 -67.48 -35.32
C VAL A 274 14.24 -68.94 -35.01
N HIS A 275 13.99 -69.25 -33.76
CA HIS A 275 13.84 -70.63 -33.53
C HIS A 275 12.42 -71.03 -33.37
N ILE A 276 11.60 -69.99 -33.48
CA ILE A 276 10.17 -70.04 -33.31
C ILE A 276 9.55 -70.43 -34.60
N ASN A 277 8.97 -71.63 -34.64
CA ASN A 277 8.29 -72.04 -35.86
C ASN A 277 6.98 -71.23 -35.94
N LYS A 278 6.90 -70.23 -36.83
CA LYS A 278 5.69 -69.41 -36.86
C LYS A 278 4.44 -70.21 -37.15
N SER A 279 4.53 -71.19 -38.02
CA SER A 279 3.37 -71.98 -38.31
C SER A 279 2.88 -72.60 -37.03
N ILE A 280 3.75 -73.23 -36.24
CA ILE A 280 3.23 -73.82 -35.04
C ILE A 280 2.50 -72.79 -34.19
N ILE A 281 3.05 -71.60 -34.08
CA ILE A 281 2.38 -70.59 -33.32
C ILE A 281 1.03 -70.37 -33.96
N GLN A 282 0.99 -69.86 -35.21
CA GLN A 282 -0.28 -69.66 -35.97
C GLN A 282 -1.31 -70.73 -35.63
N THR A 283 -0.95 -71.99 -35.73
CA THR A 283 -1.83 -73.10 -35.46
C THR A 283 -2.33 -73.19 -34.02
N MET A 284 -1.45 -73.06 -33.06
CA MET A 284 -1.89 -73.14 -31.68
C MET A 284 -2.86 -71.99 -31.47
N VAL A 285 -2.61 -70.88 -32.11
CA VAL A 285 -3.54 -69.79 -31.91
C VAL A 285 -4.93 -70.11 -32.40
N ASN A 286 -5.06 -70.76 -33.54
CA ASN A 286 -6.37 -71.14 -34.05
C ASN A 286 -7.04 -72.11 -33.13
N ILE A 287 -6.31 -73.14 -32.75
CA ILE A 287 -6.90 -74.08 -31.85
C ILE A 287 -7.48 -73.27 -30.68
N LEU A 288 -6.60 -72.52 -30.04
CA LEU A 288 -6.86 -71.69 -28.87
C LEU A 288 -7.88 -70.58 -28.98
N ASP A 289 -8.05 -70.08 -30.19
CA ASP A 289 -9.01 -68.99 -30.41
C ASP A 289 -10.43 -69.47 -30.00
N GLY A 290 -10.80 -70.65 -30.45
CA GLY A 290 -12.07 -71.16 -30.08
C GLY A 290 -12.16 -71.26 -28.59
N PHE A 291 -11.13 -71.77 -27.95
CA PHE A 291 -11.24 -71.85 -26.52
C PHE A 291 -11.62 -70.49 -25.98
N GLU A 292 -11.03 -69.44 -26.53
CA GLU A 292 -11.30 -68.10 -26.05
C GLU A 292 -12.82 -67.84 -26.12
N ARG A 293 -13.44 -68.09 -27.27
CA ARG A 293 -14.88 -67.92 -27.45
C ARG A 293 -15.57 -68.80 -26.39
N ILE A 294 -15.33 -70.11 -26.36
CA ILE A 294 -15.91 -70.90 -25.26
C ILE A 294 -15.67 -70.26 -23.86
N PHE A 295 -14.47 -69.75 -23.62
CA PHE A 295 -14.14 -69.14 -22.32
C PHE A 295 -15.07 -68.00 -22.00
N LYS A 296 -15.46 -67.28 -23.04
CA LYS A 296 -16.31 -66.14 -22.85
C LYS A 296 -17.78 -66.49 -22.70
N GLU A 297 -18.25 -67.42 -23.54
CA GLU A 297 -19.64 -67.80 -23.41
C GLU A 297 -19.89 -68.40 -22.04
N LEU A 298 -18.92 -69.05 -21.47
CA LEU A 298 -19.20 -69.65 -20.21
C LEU A 298 -19.09 -68.68 -19.06
N GLN A 299 -18.83 -67.42 -19.33
CA GLN A 299 -18.72 -66.50 -18.20
C GLN A 299 -19.86 -65.51 -18.17
N THR A 300 -20.86 -65.73 -19.01
CA THR A 300 -22.00 -64.83 -19.14
C THR A 300 -23.08 -65.12 -18.15
N CYS A 301 -23.62 -64.06 -17.55
CA CYS A 301 -24.71 -64.23 -16.58
C CYS A 301 -25.95 -63.47 -16.98
N SER A 302 -25.86 -62.75 -18.08
CA SER A 302 -26.96 -61.99 -18.55
C SER A 302 -27.71 -62.82 -19.60
N SER A 303 -27.66 -64.13 -19.53
CA SER A 303 -28.30 -64.96 -20.53
C SER A 303 -27.98 -66.35 -20.04
N PRO A 304 -28.79 -67.33 -20.43
CA PRO A 304 -28.37 -68.63 -19.89
C PRO A 304 -27.05 -69.14 -20.47
N SER A 305 -26.37 -69.91 -19.61
CA SER A 305 -25.10 -70.46 -19.99
C SER A 305 -24.95 -71.93 -19.80
N LEU A 306 -25.51 -72.49 -18.75
CA LEU A 306 -25.36 -73.94 -18.50
C LEU A 306 -25.71 -74.78 -19.73
N CYS A 307 -26.63 -74.28 -20.54
CA CYS A 307 -27.00 -75.02 -21.70
C CYS A 307 -25.80 -75.15 -22.68
N PHE A 308 -24.91 -74.16 -22.71
CA PHE A 308 -23.74 -74.20 -23.59
C PHE A 308 -22.48 -75.05 -23.25
N VAL A 309 -22.47 -75.60 -22.07
CA VAL A 309 -21.40 -76.41 -21.62
C VAL A 309 -21.27 -77.65 -22.49
N VAL A 310 -22.27 -78.51 -22.53
CA VAL A 310 -22.08 -79.67 -23.36
C VAL A 310 -21.72 -79.32 -24.80
N PRO A 311 -22.33 -78.27 -25.38
CA PRO A 311 -21.93 -77.92 -26.74
C PRO A 311 -20.47 -77.37 -26.80
N SER A 312 -20.01 -76.72 -25.73
CA SER A 312 -18.65 -76.20 -25.68
C SER A 312 -17.74 -77.42 -25.72
N ILE A 313 -18.16 -78.45 -25.01
CA ILE A 313 -17.41 -79.67 -25.04
C ILE A 313 -17.45 -80.22 -26.44
N LEU A 314 -18.57 -80.16 -27.11
CA LEU A 314 -18.56 -80.72 -28.45
C LEU A 314 -17.60 -79.93 -29.33
N LYS A 315 -17.61 -78.60 -29.20
CA LYS A 315 -16.71 -77.71 -29.93
C LYS A 315 -15.24 -78.04 -29.69
N VAL A 316 -14.81 -78.22 -28.45
CA VAL A 316 -13.39 -78.56 -28.25
C VAL A 316 -13.14 -79.81 -29.07
N LYS A 317 -13.79 -80.92 -28.76
CA LYS A 317 -13.62 -82.13 -29.50
C LYS A 317 -13.64 -81.92 -31.02
N GLU A 318 -14.36 -80.95 -31.54
CA GLU A 318 -14.29 -80.78 -32.98
C GLU A 318 -12.99 -80.14 -33.32
N ILE A 319 -12.69 -79.06 -32.61
CA ILE A 319 -11.44 -78.40 -32.90
C ILE A 319 -10.25 -79.35 -32.90
N CYS A 320 -10.24 -80.24 -31.94
CA CYS A 320 -9.22 -81.20 -31.85
C CYS A 320 -9.34 -82.39 -32.73
N SER A 321 -10.25 -82.38 -33.73
CA SER A 321 -10.39 -83.51 -34.66
C SER A 321 -9.11 -83.52 -35.48
N PRO A 322 -8.53 -84.71 -35.70
CA PRO A 322 -7.31 -84.73 -36.51
C PRO A 322 -7.63 -84.29 -37.94
N ASP A 323 -6.92 -83.28 -38.44
CA ASP A 323 -7.08 -82.81 -39.82
C ASP A 323 -5.82 -83.35 -40.53
N VAL A 324 -5.76 -83.21 -41.85
CA VAL A 324 -4.65 -83.74 -42.63
C VAL A 324 -3.25 -83.19 -42.44
N GLY A 325 -3.04 -81.92 -42.66
CA GLY A 325 -1.67 -81.46 -42.52
C GLY A 325 -1.02 -81.48 -41.14
N ASP A 326 -1.84 -81.81 -40.18
CA ASP A 326 -1.46 -81.84 -38.80
C ASP A 326 0.00 -82.19 -38.51
N VAL A 327 0.77 -81.18 -38.15
CA VAL A 327 2.15 -81.34 -37.74
C VAL A 327 2.17 -82.25 -36.49
N ALA A 328 3.09 -83.19 -36.50
CA ALA A 328 3.31 -84.15 -35.45
C ALA A 328 3.12 -83.64 -34.07
N ASP A 329 3.64 -82.45 -33.86
CA ASP A 329 3.58 -81.76 -32.56
C ASP A 329 2.18 -81.27 -32.09
N ILE A 330 1.49 -80.63 -33.03
CA ILE A 330 0.14 -80.13 -32.87
C ILE A 330 -0.73 -81.33 -32.61
N ALA A 331 -0.66 -82.30 -33.50
CA ALA A 331 -1.44 -83.48 -33.34
C ALA A 331 -1.34 -84.17 -32.00
N LYS A 332 -0.20 -84.09 -31.33
CA LYS A 332 -0.09 -84.73 -30.03
C LYS A 332 -0.95 -83.87 -29.12
N LEU A 333 -0.74 -82.56 -29.22
CA LEU A 333 -1.50 -81.58 -28.42
C LEU A 333 -3.01 -81.86 -28.46
N LYS A 334 -3.53 -81.92 -29.70
CA LYS A 334 -4.92 -82.23 -29.95
C LYS A 334 -5.37 -83.47 -29.21
N VAL A 335 -4.68 -84.59 -29.38
CA VAL A 335 -5.06 -85.80 -28.67
C VAL A 335 -5.07 -85.66 -27.15
N ASN A 336 -4.24 -84.74 -26.68
CA ASN A 336 -4.16 -84.54 -25.25
C ASN A 336 -5.32 -83.74 -24.65
N ILE A 337 -5.67 -82.70 -25.38
CA ILE A 337 -6.77 -81.81 -25.05
C ILE A 337 -8.01 -82.67 -24.98
N ILE A 338 -8.16 -83.48 -26.01
CA ILE A 338 -9.28 -84.40 -26.08
C ILE A 338 -9.28 -85.32 -24.87
N LYS A 339 -8.19 -86.01 -24.66
CA LYS A 339 -8.11 -86.90 -23.53
C LYS A 339 -8.48 -86.17 -22.24
N ASN A 340 -8.06 -84.93 -22.09
CA ASN A 340 -8.36 -84.23 -20.86
C ASN A 340 -9.81 -83.78 -20.77
N VAL A 341 -10.36 -83.34 -21.91
CA VAL A 341 -11.75 -82.96 -21.94
C VAL A 341 -12.54 -84.09 -21.25
N ARG A 342 -12.26 -85.36 -21.57
CA ARG A 342 -12.98 -86.46 -20.93
C ARG A 342 -12.62 -86.59 -19.48
N ILE A 343 -11.41 -87.01 -19.18
CA ILE A 343 -11.02 -87.22 -17.77
C ILE A 343 -11.07 -86.03 -16.79
N ILE A 344 -11.26 -84.82 -17.29
CA ILE A 344 -11.32 -83.66 -16.41
C ILE A 344 -12.62 -82.90 -16.47
N TRP A 345 -13.10 -82.58 -17.69
CA TRP A 345 -14.35 -81.83 -17.83
C TRP A 345 -15.53 -82.77 -17.74
N GLU A 346 -15.79 -83.50 -18.82
CA GLU A 346 -16.91 -84.46 -18.86
C GLU A 346 -17.15 -85.20 -17.54
N GLU A 347 -16.08 -85.70 -16.97
CA GLU A 347 -16.10 -86.44 -15.75
C GLU A 347 -16.66 -85.58 -14.61
N ASN A 348 -16.45 -84.27 -14.68
CA ASN A 348 -16.95 -83.42 -13.62
C ASN A 348 -18.24 -82.69 -13.83
N LEU A 349 -18.93 -83.09 -14.90
CA LEU A 349 -20.22 -82.55 -15.24
C LEU A 349 -21.20 -83.27 -14.37
N SER A 350 -22.46 -82.84 -14.45
CA SER A 350 -23.55 -83.41 -13.67
C SER A 350 -24.77 -83.49 -14.50
N ILE A 351 -25.77 -84.12 -13.91
CA ILE A 351 -27.05 -84.26 -14.58
C ILE A 351 -27.60 -82.89 -15.04
N TRP A 352 -27.46 -81.89 -14.19
CA TRP A 352 -27.88 -80.53 -14.50
C TRP A 352 -27.45 -80.08 -15.88
N HIS A 353 -26.18 -80.34 -16.12
CA HIS A 353 -25.52 -79.96 -17.34
C HIS A 353 -26.21 -80.50 -18.55
N TYR A 354 -26.49 -81.79 -18.47
CA TYR A 354 -27.08 -82.48 -19.61
C TYR A 354 -28.49 -82.06 -19.94
N THR A 355 -29.25 -81.90 -18.87
CA THR A 355 -30.62 -81.49 -18.86
C THR A 355 -30.71 -80.10 -19.47
N ALA A 356 -29.85 -79.23 -18.95
CA ALA A 356 -29.80 -77.89 -19.47
C ALA A 356 -29.53 -77.84 -20.98
N PHE A 357 -28.77 -78.80 -21.50
CA PHE A 357 -28.48 -78.78 -22.93
C PHE A 357 -29.80 -79.13 -23.54
N PHE A 358 -30.40 -80.22 -23.01
CA PHE A 358 -31.72 -80.71 -23.42
C PHE A 358 -32.82 -79.61 -23.52
N PHE A 359 -32.77 -78.65 -22.57
CA PHE A 359 -33.68 -77.50 -22.53
C PHE A 359 -33.39 -76.44 -23.59
N TYR A 360 -32.64 -76.85 -24.61
CA TYR A 360 -32.27 -75.93 -25.66
C TYR A 360 -32.94 -76.49 -26.85
N PRO A 361 -34.12 -75.99 -27.20
CA PRO A 361 -34.85 -76.46 -28.35
C PRO A 361 -34.15 -77.33 -29.35
N PRO A 362 -33.05 -76.88 -30.00
CA PRO A 362 -32.55 -78.08 -30.84
C PRO A 362 -31.88 -79.41 -30.06
N ALA A 363 -32.87 -80.15 -29.50
CA ALA A 363 -33.00 -81.38 -28.64
C ALA A 363 -32.57 -82.73 -29.14
N LEU A 364 -32.61 -82.86 -30.47
CA LEU A 364 -32.30 -84.10 -31.20
C LEU A 364 -31.06 -84.79 -30.64
N HIS A 365 -30.02 -83.95 -30.46
CA HIS A 365 -28.69 -84.32 -29.98
C HIS A 365 -28.51 -85.41 -28.96
N MET A 366 -28.97 -85.27 -27.71
CA MET A 366 -28.66 -86.34 -26.73
C MET A 366 -29.49 -87.60 -26.65
N GLN A 367 -30.14 -87.95 -27.77
CA GLN A 367 -30.98 -89.16 -27.93
C GLN A 367 -30.48 -90.34 -27.12
N GLN A 368 -29.22 -90.65 -27.30
CA GLN A 368 -28.61 -91.73 -26.56
C GLN A 368 -29.07 -91.66 -25.12
N GLU A 369 -28.76 -92.75 -24.44
CA GLU A 369 -29.09 -92.98 -23.05
C GLU A 369 -29.42 -91.74 -22.21
N LYS A 370 -28.79 -90.62 -22.54
CA LYS A 370 -29.02 -89.44 -21.77
C LYS A 370 -30.47 -89.05 -21.64
N VAL A 371 -31.25 -89.15 -22.71
CA VAL A 371 -32.66 -88.72 -22.59
C VAL A 371 -33.37 -89.43 -21.43
N ALA A 372 -33.19 -90.74 -21.34
CA ALA A 372 -33.74 -91.52 -20.24
C ALA A 372 -33.54 -90.85 -18.88
N GLN A 373 -32.33 -90.88 -18.34
CA GLN A 373 -32.09 -90.28 -17.02
C GLN A 373 -32.53 -88.85 -16.92
N ILE A 374 -32.44 -88.16 -18.06
CA ILE A 374 -32.80 -86.76 -18.12
C ILE A 374 -34.23 -86.66 -17.74
N LYS A 375 -35.08 -87.48 -18.36
CA LYS A 375 -36.53 -87.45 -18.07
C LYS A 375 -36.69 -87.73 -16.59
N GLU A 376 -36.35 -88.96 -16.20
CA GLU A 376 -36.44 -89.37 -14.83
C GLU A 376 -36.06 -88.23 -13.86
N PHE A 377 -34.94 -87.53 -14.14
CA PHE A 377 -34.48 -86.36 -13.33
C PHE A 377 -35.55 -85.28 -13.37
N CYS A 378 -35.95 -84.88 -14.57
CA CYS A 378 -36.97 -83.87 -14.81
C CYS A 378 -38.28 -84.13 -14.01
N LEU A 379 -38.70 -85.39 -14.03
CA LEU A 379 -39.91 -85.87 -13.35
C LEU A 379 -39.64 -85.58 -11.90
N SER A 380 -38.76 -86.36 -11.28
CA SER A 380 -38.39 -86.14 -9.89
C SER A 380 -38.38 -84.64 -9.52
N LYS A 381 -37.85 -83.81 -10.40
CA LYS A 381 -37.77 -82.39 -10.17
C LYS A 381 -39.09 -81.65 -10.21
N MET A 382 -39.97 -82.02 -11.13
CA MET A 382 -41.29 -81.38 -11.25
C MET A 382 -42.25 -81.81 -10.14
N GLU A 383 -42.11 -83.04 -9.62
CA GLU A 383 -42.94 -83.49 -8.52
C GLU A 383 -42.66 -82.61 -7.29
N ASP A 384 -41.38 -82.29 -7.07
CA ASP A 384 -40.97 -81.46 -5.93
C ASP A 384 -41.66 -80.09 -5.97
N LEU A 385 -41.72 -79.48 -7.15
CA LEU A 385 -42.35 -78.19 -7.32
C LEU A 385 -43.86 -78.34 -7.33
N GLU A 386 -44.34 -79.56 -7.04
CA GLU A 386 -45.78 -79.83 -6.93
C GLU A 386 -46.12 -79.80 -5.45
N LEU A 387 -45.16 -79.29 -4.67
CA LEU A 387 -45.34 -79.08 -3.25
C LEU A 387 -45.45 -77.58 -3.08
N ILE A 388 -46.18 -76.94 -3.99
CA ILE A 388 -46.46 -75.50 -3.90
C ILE A 388 -47.76 -75.60 -3.09
N ASN A 389 -47.67 -76.21 -1.89
CA ASN A 389 -48.83 -76.40 -0.99
C ASN A 389 -48.48 -77.16 0.30
N SER A 417 -72.86 -55.16 -22.84
CA SER A 417 -73.16 -54.91 -24.26
C SER A 417 -73.16 -56.24 -25.10
N HIS A 418 -72.47 -57.25 -24.56
CA HIS A 418 -72.23 -58.61 -25.09
C HIS A 418 -71.79 -58.91 -26.54
N SER A 419 -70.70 -59.66 -26.63
CA SER A 419 -70.05 -60.07 -27.89
C SER A 419 -69.41 -59.04 -28.81
N LYS A 420 -68.66 -58.10 -28.23
CA LYS A 420 -67.92 -57.08 -29.00
C LYS A 420 -66.62 -56.99 -28.24
N ASP A 421 -66.78 -56.95 -26.90
CA ASP A 421 -65.73 -56.86 -25.88
C ASP A 421 -65.48 -58.26 -25.30
N ILE A 422 -65.08 -59.15 -26.21
CA ILE A 422 -64.74 -60.52 -25.88
C ILE A 422 -63.84 -60.96 -27.04
N SER A 423 -62.66 -61.41 -26.63
CA SER A 423 -61.54 -61.89 -27.43
C SER A 423 -61.97 -62.65 -28.65
N THR A 424 -61.51 -62.19 -29.81
CA THR A 424 -61.86 -62.88 -31.04
C THR A 424 -61.51 -64.38 -30.99
N THR A 425 -60.51 -64.72 -30.22
CA THR A 425 -60.13 -66.12 -30.11
C THR A 425 -61.21 -66.85 -29.35
N SER A 426 -61.48 -66.33 -28.15
CA SER A 426 -62.51 -66.81 -27.23
C SER A 426 -63.82 -66.94 -27.93
N PHE A 427 -64.15 -65.96 -28.77
CA PHE A 427 -65.39 -66.06 -29.52
C PHE A 427 -65.37 -67.30 -30.42
N PHE A 428 -64.51 -67.38 -31.43
CA PHE A 428 -64.54 -68.55 -32.31
C PHE A 428 -64.05 -69.90 -31.76
N PHE A 429 -63.13 -69.94 -30.82
CA PHE A 429 -62.66 -71.23 -30.34
C PHE A 429 -62.73 -71.14 -28.85
N PRO A 430 -63.93 -71.37 -28.29
CA PRO A 430 -64.19 -71.32 -26.85
C PRO A 430 -63.76 -72.60 -26.16
N GLN A 431 -63.93 -73.74 -26.85
CA GLN A 431 -63.56 -75.06 -26.35
C GLN A 431 -62.01 -75.10 -26.26
N LEU A 432 -61.36 -74.13 -26.92
CA LEU A 432 -59.93 -74.07 -26.93
C LEU A 432 -59.36 -73.25 -25.86
N THR A 433 -60.16 -72.42 -25.22
CA THR A 433 -59.59 -71.65 -24.12
C THR A 433 -59.89 -72.35 -22.78
N GLN A 434 -61.14 -72.85 -22.69
CA GLN A 434 -61.73 -73.61 -21.57
C GLN A 434 -61.97 -72.97 -20.19
N ASN A 435 -61.65 -73.69 -19.11
CA ASN A 435 -61.87 -73.22 -17.73
C ASN A 435 -60.71 -73.39 -16.72
N ASN A 436 -60.71 -72.52 -15.69
CA ASN A 436 -59.72 -72.50 -14.60
C ASN A 436 -58.35 -71.83 -14.83
N SER A 437 -57.65 -71.57 -13.72
CA SER A 437 -56.30 -70.99 -13.72
C SER A 437 -55.29 -72.13 -13.84
N ARG A 438 -55.56 -73.23 -13.12
CA ARG A 438 -54.70 -74.43 -13.11
C ARG A 438 -55.09 -75.35 -14.29
N GLU A 439 -54.12 -76.13 -14.79
CA GLU A 439 -54.34 -77.07 -15.92
C GLU A 439 -53.90 -78.53 -15.62
N PRO A 440 -54.33 -79.13 -14.45
CA PRO A 440 -53.94 -80.51 -14.09
C PRO A 440 -53.91 -81.68 -15.12
N PRO A 441 -54.85 -81.74 -16.11
CA PRO A 441 -54.77 -82.88 -17.06
C PRO A 441 -53.41 -83.19 -17.77
N VAL A 442 -52.76 -82.16 -18.34
CA VAL A 442 -51.48 -82.31 -19.05
C VAL A 442 -50.43 -82.58 -17.98
N CYS A 443 -50.06 -83.85 -17.85
CA CYS A 443 -49.11 -84.26 -16.80
C CYS A 443 -47.62 -84.11 -17.10
N PRO A 444 -46.75 -84.46 -16.13
CA PRO A 444 -45.32 -84.38 -16.34
C PRO A 444 -44.93 -85.14 -17.62
N SER A 445 -44.95 -86.47 -17.54
CA SER A 445 -44.62 -87.28 -18.69
C SER A 445 -45.27 -86.82 -19.97
N ASP A 446 -46.45 -86.25 -19.90
CA ASP A 446 -47.04 -85.83 -21.17
C ASP A 446 -46.36 -84.57 -21.69
N GLU A 447 -46.13 -83.61 -20.80
CA GLU A 447 -45.50 -82.35 -21.14
C GLU A 447 -44.12 -82.66 -21.74
N PHE A 448 -43.39 -83.55 -21.04
CA PHE A 448 -42.05 -83.95 -21.45
C PHE A 448 -42.16 -84.49 -22.84
N GLU A 449 -42.84 -85.61 -23.03
CA GLU A 449 -42.96 -86.22 -24.36
C GLU A 449 -43.52 -85.27 -25.40
N PHE A 450 -44.05 -84.16 -24.91
CA PHE A 450 -44.64 -83.16 -25.75
C PHE A 450 -43.60 -82.31 -26.29
N TYR A 451 -42.61 -82.05 -25.42
CA TYR A 451 -41.39 -81.26 -25.69
C TYR A 451 -40.59 -81.96 -26.81
N ARG A 452 -40.28 -83.23 -26.53
CA ARG A 452 -39.57 -84.11 -27.45
C ARG A 452 -40.10 -84.09 -28.88
N LYS A 453 -41.38 -83.79 -29.04
CA LYS A 453 -41.91 -83.78 -30.36
C LYS A 453 -41.56 -82.48 -31.03
N GLU A 454 -41.18 -81.48 -30.23
CA GLU A 454 -40.93 -80.17 -30.78
C GLU A 454 -39.84 -80.25 -31.82
N ILE A 455 -39.76 -79.22 -32.65
CA ILE A 455 -38.80 -79.15 -33.71
C ILE A 455 -38.55 -77.70 -33.88
N VAL A 456 -37.53 -77.20 -33.21
CA VAL A 456 -37.32 -75.78 -33.39
C VAL A 456 -36.19 -75.46 -34.39
N ILE A 457 -36.44 -74.70 -35.44
CA ILE A 457 -35.29 -74.44 -36.32
C ILE A 457 -34.38 -73.38 -35.70
N LEU A 458 -33.05 -73.64 -35.72
CA LEU A 458 -32.07 -72.69 -35.15
C LEU A 458 -31.95 -71.45 -35.96
N SER A 459 -32.15 -70.30 -35.34
CA SER A 459 -32.12 -69.03 -36.07
C SER A 459 -31.05 -68.25 -35.41
N GLU A 460 -30.51 -67.31 -36.17
CA GLU A 460 -29.38 -66.54 -35.69
C GLU A 460 -29.50 -65.89 -34.32
N ASP A 461 -30.62 -65.21 -34.17
CA ASP A 461 -30.95 -64.47 -32.98
C ASP A 461 -31.64 -65.31 -31.88
N PHE A 462 -32.27 -66.43 -32.24
CA PHE A 462 -32.94 -67.29 -31.24
C PHE A 462 -32.50 -67.10 -29.76
N LYS A 463 -33.44 -67.16 -28.82
CA LYS A 463 -33.06 -67.02 -27.42
C LYS A 463 -33.74 -68.07 -26.53
N VAL A 464 -33.01 -69.02 -25.94
CA VAL A 464 -33.68 -70.07 -25.16
C VAL A 464 -34.59 -69.49 -24.15
N MET A 465 -34.21 -68.37 -23.52
CA MET A 465 -35.08 -67.84 -22.49
C MET A 465 -36.48 -67.41 -22.94
N GLU A 466 -36.54 -66.68 -24.06
CA GLU A 466 -37.79 -66.23 -24.65
C GLU A 466 -38.65 -67.42 -24.96
N TRP A 467 -38.14 -68.34 -25.75
CA TRP A 467 -38.87 -69.54 -26.14
C TRP A 467 -39.56 -70.30 -25.03
N TRP A 468 -39.00 -70.33 -23.83
CA TRP A 468 -39.77 -71.00 -22.78
C TRP A 468 -40.89 -70.08 -22.25
N ASN A 469 -40.56 -68.80 -22.08
CA ASN A 469 -41.56 -67.86 -21.66
C ASN A 469 -42.70 -67.82 -22.67
N LEU A 470 -42.46 -68.24 -23.91
CA LEU A 470 -43.54 -68.29 -24.88
C LEU A 470 -44.32 -69.53 -24.64
N ASN A 471 -43.62 -70.63 -24.55
CA ASN A 471 -44.34 -71.86 -24.34
C ASN A 471 -44.75 -72.14 -22.90
N SER A 472 -44.65 -71.11 -22.03
CA SER A 472 -45.01 -71.21 -20.60
C SER A 472 -46.40 -71.88 -20.47
N LYS A 473 -47.25 -71.42 -21.39
CA LYS A 473 -48.64 -71.82 -21.58
C LYS A 473 -48.72 -73.29 -21.86
N LYS A 474 -48.14 -73.66 -22.99
CA LYS A 474 -48.14 -75.04 -23.45
C LYS A 474 -47.36 -75.96 -22.53
N TYR A 475 -46.41 -75.37 -21.82
CA TYR A 475 -45.52 -76.14 -20.93
C TYR A 475 -45.49 -75.54 -19.51
N PRO A 476 -46.60 -75.65 -18.80
CA PRO A 476 -46.87 -75.20 -17.45
C PRO A 476 -45.80 -75.56 -16.44
N LYS A 477 -45.67 -76.85 -16.16
CA LYS A 477 -44.73 -77.25 -15.13
C LYS A 477 -43.28 -77.46 -15.60
N LEU A 478 -43.15 -77.80 -16.88
CA LEU A 478 -41.84 -78.04 -17.48
C LEU A 478 -41.18 -76.74 -17.64
N SER A 479 -41.86 -75.76 -18.20
CA SER A 479 -41.20 -74.48 -18.34
C SER A 479 -40.68 -73.94 -16.99
N LYS A 480 -41.32 -74.28 -15.89
CA LYS A 480 -40.81 -73.79 -14.64
C LYS A 480 -39.44 -74.42 -14.42
N LEU A 481 -39.34 -75.73 -14.66
CA LEU A 481 -38.07 -76.47 -14.53
C LEU A 481 -36.98 -75.87 -15.41
N ALA A 482 -37.30 -75.69 -16.70
CA ALA A 482 -36.39 -75.12 -17.67
C ALA A 482 -35.85 -73.76 -17.24
N LEU A 483 -36.71 -72.77 -17.07
CA LEU A 483 -36.17 -71.49 -16.66
C LEU A 483 -35.42 -71.66 -15.36
N SER A 484 -35.74 -72.69 -14.60
CA SER A 484 -35.04 -72.92 -13.35
C SER A 484 -33.55 -73.23 -13.57
N LEU A 485 -33.27 -74.17 -14.50
CA LEU A 485 -31.91 -74.64 -14.89
C LEU A 485 -31.31 -73.57 -15.70
N LEU A 486 -31.96 -73.19 -16.77
CA LEU A 486 -31.43 -72.11 -17.55
C LEU A 486 -30.89 -70.83 -16.82
N SER A 487 -31.12 -70.70 -15.51
CA SER A 487 -30.63 -69.55 -14.77
C SER A 487 -29.35 -69.89 -13.96
N ILE A 488 -29.04 -71.18 -13.85
CA ILE A 488 -27.84 -71.62 -13.15
C ILE A 488 -26.71 -71.11 -14.03
N PRO A 489 -25.79 -70.32 -13.44
CA PRO A 489 -24.64 -69.75 -14.13
C PRO A 489 -23.86 -70.98 -14.48
N ALA A 490 -23.05 -70.89 -15.53
CA ALA A 490 -22.24 -72.00 -15.98
C ALA A 490 -20.88 -72.08 -15.28
N SER A 491 -20.58 -71.01 -14.53
CA SER A 491 -19.34 -70.87 -13.78
C SER A 491 -19.31 -69.72 -12.76
N SER A 492 -18.39 -69.86 -11.81
CA SER A 492 -18.20 -68.91 -10.71
C SER A 492 -17.68 -67.57 -11.15
N ALA A 493 -17.69 -67.36 -12.45
CA ALA A 493 -17.31 -66.08 -13.05
C ALA A 493 -17.86 -64.91 -12.25
N ALA A 494 -19.18 -65.01 -12.06
CA ALA A 494 -19.99 -64.10 -11.31
C ALA A 494 -19.25 -63.60 -10.04
N SER A 495 -18.87 -64.57 -9.19
CA SER A 495 -18.16 -64.31 -7.94
C SER A 495 -16.89 -63.58 -8.20
N GLU A 496 -16.12 -64.12 -9.13
CA GLU A 496 -14.84 -63.52 -9.43
C GLU A 496 -15.05 -62.02 -9.66
N ARG A 497 -15.94 -61.77 -10.62
CA ARG A 497 -16.27 -60.45 -11.08
C ARG A 497 -16.56 -59.44 -9.97
N THR A 498 -17.18 -59.96 -8.92
CA THR A 498 -17.54 -59.27 -7.69
C THR A 498 -16.25 -58.78 -7.06
N PHE A 499 -15.37 -59.73 -6.74
CA PHE A 499 -14.08 -59.43 -6.16
C PHE A 499 -13.46 -58.39 -7.04
N SER A 500 -13.59 -58.56 -8.35
CA SER A 500 -13.02 -57.56 -9.24
C SER A 500 -13.43 -56.15 -8.88
N LEU A 501 -14.73 -56.07 -8.64
CA LEU A 501 -15.40 -54.87 -8.31
C LEU A 501 -14.98 -54.30 -6.97
N ALA A 502 -15.08 -55.17 -5.96
CA ALA A 502 -14.72 -54.84 -4.59
C ALA A 502 -13.34 -54.17 -4.65
N GLY A 503 -12.51 -54.69 -5.55
CA GLY A 503 -11.23 -54.12 -5.76
C GLY A 503 -11.32 -52.61 -6.02
N ASN A 504 -12.11 -52.17 -7.00
CA ASN A 504 -12.10 -50.75 -7.28
C ASN A 504 -12.60 -49.84 -6.17
N ILE A 505 -13.08 -50.44 -5.08
CA ILE A 505 -13.52 -49.63 -3.95
C ILE A 505 -12.48 -49.71 -2.86
N ILE A 506 -11.93 -50.88 -2.60
CA ILE A 506 -10.86 -50.97 -1.61
C ILE A 506 -9.50 -50.62 -2.28
N THR A 507 -9.39 -49.35 -2.64
CA THR A 507 -8.26 -48.74 -3.30
C THR A 507 -7.12 -48.35 -2.36
N GLU A 508 -5.98 -48.03 -2.98
CA GLU A 508 -4.78 -47.54 -2.31
C GLU A 508 -5.20 -46.40 -1.39
N LYS A 509 -5.86 -45.37 -1.91
CA LYS A 509 -6.25 -44.27 -1.04
C LYS A 509 -7.49 -44.61 -0.25
N ARG A 510 -8.43 -45.26 -0.92
CA ARG A 510 -9.66 -45.62 -0.23
C ARG A 510 -9.44 -46.80 0.75
N ASN A 511 -8.22 -47.05 1.19
CA ASN A 511 -7.96 -48.25 2.00
C ASN A 511 -8.60 -48.48 3.37
N ARG A 512 -9.10 -47.41 3.96
CA ARG A 512 -9.64 -47.61 5.26
C ARG A 512 -11.07 -48.12 5.26
N ILE A 513 -11.71 -48.08 4.10
CA ILE A 513 -13.09 -48.52 3.94
C ILE A 513 -13.36 -49.85 4.63
N GLY A 514 -14.46 -49.89 5.36
CA GLY A 514 -14.76 -51.06 6.16
C GLY A 514 -15.64 -52.10 5.56
N GLN A 515 -15.46 -53.33 6.02
CA GLN A 515 -16.23 -54.48 5.50
C GLN A 515 -17.72 -54.22 5.29
N GLN A 516 -18.36 -53.74 6.35
CA GLN A 516 -19.78 -53.40 6.37
C GLN A 516 -20.02 -52.44 5.20
N THR A 517 -19.19 -51.40 5.14
CA THR A 517 -19.30 -50.38 4.12
C THR A 517 -19.12 -50.95 2.72
N VAL A 518 -18.18 -51.85 2.61
CA VAL A 518 -17.92 -52.41 1.33
C VAL A 518 -19.10 -53.20 0.83
N ASP A 519 -19.52 -54.18 1.64
CA ASP A 519 -20.61 -55.06 1.27
C ASP A 519 -21.80 -54.20 0.88
N SER A 520 -22.01 -53.14 1.64
CA SER A 520 -23.10 -52.21 1.39
C SER A 520 -22.99 -51.66 -0.02
N LEU A 521 -21.84 -51.02 -0.31
CA LEU A 521 -21.56 -50.45 -1.63
C LEU A 521 -21.79 -51.43 -2.77
N LEU A 522 -21.26 -52.63 -2.60
CA LEU A 522 -21.38 -53.65 -3.62
C LEU A 522 -22.79 -54.02 -3.86
N PHE A 523 -23.52 -54.28 -2.78
CA PHE A 523 -24.93 -54.68 -2.84
C PHE A 523 -25.80 -53.62 -3.44
N LEU A 524 -25.64 -52.40 -2.95
CA LEU A 524 -26.43 -51.32 -3.47
C LEU A 524 -26.26 -51.25 -4.97
N ASN A 525 -25.02 -51.23 -5.42
CA ASN A 525 -24.78 -51.16 -6.85
C ASN A 525 -25.44 -52.29 -7.69
N SER A 526 -25.48 -53.52 -7.16
CA SER A 526 -26.07 -54.73 -7.80
C SER A 526 -27.56 -54.46 -7.94
N PHE A 527 -28.15 -54.11 -6.81
CA PHE A 527 -29.57 -53.79 -6.68
C PHE A 527 -30.00 -52.76 -7.72
N TYR A 528 -29.49 -51.54 -7.62
CA TYR A 528 -29.85 -50.52 -8.57
C TYR A 528 -29.84 -51.06 -10.03
N LYS A 529 -29.02 -52.07 -10.32
CA LYS A 529 -28.94 -52.57 -11.67
C LYS A 529 -30.06 -53.54 -11.92
N ASN A 530 -30.22 -54.48 -11.02
CA ASN A 530 -31.23 -55.50 -11.18
C ASN A 530 -32.68 -55.04 -10.96
N PHE A 531 -32.82 -53.99 -10.18
CA PHE A 531 -34.12 -53.55 -9.82
C PHE A 531 -34.61 -52.17 -10.27
N CYS A 532 -33.95 -51.49 -11.20
CA CYS A 532 -34.41 -50.14 -11.59
C CYS A 532 -34.03 -49.69 -13.01
N LYS A 533 -34.99 -49.16 -13.78
CA LYS A 533 -34.75 -48.70 -15.18
C LYS A 533 -34.77 -47.16 -15.43
N HIS B 1 -26.12 -9.36 -11.32
CA HIS B 1 -25.86 -10.62 -10.62
C HIS B 1 -24.52 -10.60 -9.86
N MET B 2 -24.41 -9.65 -8.93
CA MET B 2 -23.20 -9.49 -8.11
C MET B 2 -23.51 -8.96 -6.68
N GLN B 3 -24.05 -9.84 -5.81
CA GLN B 3 -24.36 -9.47 -4.40
C GLN B 3 -25.16 -10.57 -3.62
N SER B 4 -25.98 -10.12 -2.66
CA SER B 4 -26.84 -10.93 -1.74
C SER B 4 -26.11 -11.93 -0.82
N ARG B 5 -25.40 -11.38 0.15
CA ARG B 5 -24.59 -12.13 1.10
C ARG B 5 -25.34 -13.07 2.04
N GLU B 6 -26.65 -12.88 2.22
CA GLU B 6 -27.39 -13.78 3.09
C GLU B 6 -27.79 -14.99 2.24
N LEU B 7 -27.30 -16.17 2.62
CA LEU B 7 -27.56 -17.39 1.87
C LEU B 7 -28.70 -18.20 2.46
N LYS B 8 -29.58 -18.68 1.58
CA LYS B 8 -30.75 -19.44 2.00
C LYS B 8 -30.42 -20.85 2.44
N THR B 9 -31.16 -21.34 3.42
CA THR B 9 -31.01 -22.70 3.91
C THR B 9 -32.13 -23.48 3.19
N VAL B 10 -32.04 -24.80 3.06
CA VAL B 10 -33.12 -25.53 2.39
C VAL B 10 -33.98 -26.27 3.38
N SER B 11 -35.11 -26.76 2.90
CA SER B 11 -36.03 -27.49 3.76
C SER B 11 -35.28 -28.74 4.13
N ALA B 12 -35.43 -29.23 5.36
CA ALA B 12 -34.74 -30.47 5.70
C ALA B 12 -35.40 -31.61 4.87
N ASP B 13 -36.34 -31.24 4.01
CA ASP B 13 -37.02 -32.18 3.14
C ASP B 13 -36.28 -32.29 1.82
N CYS B 14 -35.56 -31.23 1.50
CA CYS B 14 -34.72 -31.16 0.31
C CYS B 14 -33.29 -31.54 0.78
N LYS B 15 -32.92 -31.17 2.01
CA LYS B 15 -31.64 -31.60 2.55
C LYS B 15 -31.70 -33.14 2.55
N LYS B 16 -32.86 -33.68 2.89
CA LYS B 16 -33.11 -35.13 2.91
C LYS B 16 -32.98 -35.78 1.52
N GLU B 17 -33.17 -35.02 0.45
CA GLU B 17 -33.06 -35.58 -0.87
C GLU B 17 -31.65 -35.41 -1.39
N ALA B 18 -31.00 -34.28 -1.15
CA ALA B 18 -29.61 -34.13 -1.62
C ALA B 18 -28.79 -35.24 -1.00
N ILE B 19 -29.15 -35.63 0.22
CA ILE B 19 -28.46 -36.72 0.86
C ILE B 19 -28.65 -37.91 -0.04
N GLU B 20 -29.89 -38.32 -0.27
CA GLU B 20 -30.14 -39.49 -1.13
C GLU B 20 -29.47 -39.43 -2.47
N LYS B 21 -29.68 -38.35 -3.20
CA LYS B 21 -29.09 -38.23 -4.52
C LYS B 21 -27.55 -38.29 -4.61
N CYS B 22 -26.88 -37.91 -3.52
CA CYS B 22 -25.43 -37.93 -3.45
C CYS B 22 -24.84 -39.29 -3.17
N ALA B 23 -25.53 -40.05 -2.34
CA ALA B 23 -25.10 -41.39 -1.99
C ALA B 23 -25.19 -42.18 -3.26
N GLN B 24 -26.33 -42.08 -3.88
CA GLN B 24 -26.57 -42.79 -5.11
C GLN B 24 -25.44 -42.51 -6.05
N TRP B 25 -25.03 -41.26 -6.18
CA TRP B 25 -23.90 -40.92 -7.05
C TRP B 25 -22.71 -41.78 -6.72
N VAL B 26 -22.25 -41.65 -5.48
CA VAL B 26 -21.14 -42.41 -4.98
C VAL B 26 -21.32 -43.91 -5.20
N VAL B 27 -22.53 -44.41 -5.04
CA VAL B 27 -22.74 -45.84 -5.24
C VAL B 27 -22.75 -46.24 -6.72
N ARG B 28 -23.74 -45.71 -7.40
CA ARG B 28 -23.96 -45.93 -8.80
C ARG B 28 -22.71 -45.72 -9.69
N ASP B 29 -21.98 -44.64 -9.40
CA ASP B 29 -20.80 -44.25 -10.16
C ASP B 29 -19.46 -44.66 -9.62
N CYS B 30 -19.50 -45.19 -8.40
CA CYS B 30 -18.32 -45.66 -7.66
C CYS B 30 -17.28 -44.58 -7.42
N ARG B 31 -17.64 -43.62 -6.58
CA ARG B 31 -16.75 -42.56 -6.21
C ARG B 31 -16.65 -42.69 -4.71
N PRO B 32 -15.61 -42.08 -4.12
CA PRO B 32 -15.42 -42.15 -2.67
C PRO B 32 -16.29 -41.11 -1.99
N PHE B 33 -16.69 -41.38 -0.76
CA PHE B 33 -17.51 -40.43 -0.04
C PHE B 33 -16.88 -39.04 -0.09
N SER B 34 -15.59 -38.93 0.24
CA SER B 34 -14.89 -37.65 0.16
C SER B 34 -15.06 -36.88 -1.19
N ALA B 35 -15.78 -37.44 -2.15
CA ALA B 35 -15.91 -36.80 -3.45
C ALA B 35 -16.60 -35.44 -3.38
N VAL B 36 -17.61 -35.39 -2.49
CA VAL B 36 -18.49 -34.24 -2.22
C VAL B 36 -17.89 -33.18 -1.39
N SER B 37 -16.76 -33.47 -0.76
CA SER B 37 -16.16 -32.43 0.05
C SER B 37 -15.24 -31.65 -0.86
N GLY B 38 -14.90 -32.26 -1.99
CA GLY B 38 -14.01 -31.61 -2.95
C GLY B 38 -14.31 -30.14 -3.23
N SER B 39 -13.26 -29.34 -3.24
CA SER B 39 -13.44 -27.92 -3.48
C SER B 39 -13.97 -27.66 -4.87
N GLY B 40 -13.34 -28.31 -5.84
CA GLY B 40 -13.77 -28.14 -7.21
C GLY B 40 -15.19 -28.58 -7.45
N PHE B 41 -15.60 -29.66 -6.78
CA PHE B 41 -16.95 -30.24 -6.88
C PHE B 41 -17.94 -29.20 -6.43
N ILE B 42 -17.65 -28.61 -5.28
CA ILE B 42 -18.48 -27.58 -4.70
C ILE B 42 -18.64 -26.41 -5.65
N ASP B 43 -17.55 -25.82 -6.10
CA ASP B 43 -17.65 -24.70 -7.05
C ASP B 43 -18.47 -25.04 -8.27
N MET B 44 -18.46 -26.31 -8.62
CA MET B 44 -19.21 -26.80 -9.77
C MET B 44 -20.68 -26.95 -9.39
N ILE B 45 -20.97 -27.48 -8.21
CA ILE B 45 -22.36 -27.64 -7.79
C ILE B 45 -23.01 -26.26 -7.75
N LYS B 46 -22.27 -25.29 -7.25
CA LYS B 46 -22.74 -23.93 -7.19
C LYS B 46 -23.20 -23.56 -8.61
N PHE B 47 -22.30 -23.62 -9.59
CA PHE B 47 -22.66 -23.30 -10.97
C PHE B 47 -23.88 -24.04 -11.49
N PHE B 48 -24.22 -25.19 -10.94
CA PHE B 48 -25.39 -25.88 -11.46
C PHE B 48 -26.67 -25.41 -10.78
N ILE B 49 -26.52 -24.78 -9.61
CA ILE B 49 -27.65 -24.20 -8.92
C ILE B 49 -27.92 -22.91 -9.73
N LYS B 50 -26.87 -22.11 -9.97
CA LYS B 50 -26.96 -20.86 -10.76
C LYS B 50 -27.54 -21.10 -12.15
N VAL B 51 -27.50 -22.33 -12.63
CA VAL B 51 -28.07 -22.62 -13.91
C VAL B 51 -29.57 -22.90 -13.76
N GLY B 52 -29.95 -23.70 -12.77
CA GLY B 52 -31.36 -24.01 -12.55
C GLY B 52 -32.27 -22.82 -12.21
N ALA B 53 -31.70 -21.83 -11.52
CA ALA B 53 -32.45 -20.64 -11.15
C ALA B 53 -32.65 -19.78 -12.41
N GLU B 54 -31.57 -19.63 -13.17
CA GLU B 54 -31.63 -18.81 -14.37
C GLU B 54 -32.26 -19.51 -15.57
N TYR B 55 -32.65 -20.79 -15.44
CA TYR B 55 -33.27 -21.53 -16.57
C TYR B 55 -34.48 -22.41 -16.22
N GLY B 56 -34.77 -22.63 -14.93
CA GLY B 56 -35.91 -23.47 -14.57
C GLY B 56 -35.56 -24.95 -14.54
N GLU B 57 -36.22 -25.73 -13.69
CA GLU B 57 -35.89 -27.15 -13.58
C GLU B 57 -35.89 -28.06 -14.79
N HIS B 58 -36.67 -27.75 -15.81
CA HIS B 58 -36.74 -28.60 -17.00
C HIS B 58 -35.65 -28.40 -18.08
N VAL B 59 -34.39 -28.50 -17.66
CA VAL B 59 -33.24 -28.34 -18.57
C VAL B 59 -32.80 -29.68 -19.17
N ASN B 60 -32.19 -29.60 -20.36
CA ASN B 60 -31.69 -30.78 -21.06
C ASN B 60 -30.28 -30.98 -20.58
N VAL B 61 -30.19 -31.69 -19.47
CA VAL B 61 -28.94 -31.97 -18.79
C VAL B 61 -27.91 -32.63 -19.68
N GLU B 62 -28.37 -33.63 -20.44
CA GLU B 62 -27.49 -34.39 -21.35
C GLU B 62 -26.79 -33.46 -22.31
N GLU B 63 -27.57 -32.63 -23.00
CA GLU B 63 -27.05 -31.67 -23.97
C GLU B 63 -26.02 -30.79 -23.24
N LEU B 64 -26.45 -30.28 -22.10
CA LEU B 64 -25.67 -29.41 -21.23
C LEU B 64 -24.29 -29.95 -20.79
N LEU B 65 -24.33 -31.09 -20.10
CA LEU B 65 -23.16 -31.77 -19.59
C LEU B 65 -22.26 -32.16 -20.72
N PRO B 66 -21.03 -31.63 -20.73
CA PRO B 66 -20.05 -31.92 -21.78
C PRO B 66 -19.58 -33.36 -21.75
N SER B 67 -19.07 -33.81 -22.88
CA SER B 67 -18.58 -35.17 -22.97
C SER B 67 -17.21 -35.21 -22.30
N PRO B 68 -16.79 -36.41 -21.87
CA PRO B 68 -15.51 -36.60 -21.20
C PRO B 68 -14.39 -36.08 -22.07
N ILE B 69 -14.43 -36.44 -23.33
CA ILE B 69 -13.40 -36.02 -24.22
C ILE B 69 -13.37 -34.53 -24.39
N THR B 70 -14.52 -33.92 -24.24
CA THR B 70 -14.50 -32.48 -24.36
C THR B 70 -13.66 -31.86 -23.19
N LEU B 71 -13.83 -32.47 -22.02
CA LEU B 71 -13.11 -32.08 -20.81
C LEU B 71 -11.63 -32.33 -20.99
N SER B 72 -11.23 -33.54 -21.34
CA SER B 72 -9.81 -33.79 -21.54
C SER B 72 -9.26 -32.70 -22.45
N ARG B 73 -9.97 -32.47 -23.56
CA ARG B 73 -9.53 -31.50 -24.53
C ARG B 73 -9.32 -30.11 -23.98
N LYS B 74 -10.23 -29.71 -23.10
CA LYS B 74 -10.15 -28.41 -22.45
C LYS B 74 -8.89 -28.36 -21.60
N VAL B 75 -8.76 -29.34 -20.71
CA VAL B 75 -7.60 -29.41 -19.85
C VAL B 75 -6.27 -29.23 -20.60
N THR B 76 -6.09 -29.95 -21.70
CA THR B 76 -4.85 -29.81 -22.46
C THR B 76 -4.77 -28.36 -22.95
N SER B 77 -5.92 -27.81 -23.33
CA SER B 77 -5.98 -26.43 -23.82
C SER B 77 -5.65 -25.44 -22.71
N ASP B 78 -6.48 -25.42 -21.66
CA ASP B 78 -6.32 -24.57 -20.49
C ASP B 78 -4.89 -24.59 -19.99
N ALA B 79 -4.26 -25.74 -20.07
CA ALA B 79 -2.87 -25.91 -19.67
C ALA B 79 -2.11 -24.91 -20.49
N LYS B 80 -1.97 -25.24 -21.77
CA LYS B 80 -1.26 -24.44 -22.77
C LYS B 80 -1.46 -22.91 -22.62
N GLU B 81 -2.69 -22.55 -22.25
CA GLU B 81 -3.10 -21.17 -22.05
C GLU B 81 -2.41 -20.56 -20.83
N LYS B 82 -2.69 -21.10 -19.64
CA LYS B 82 -2.12 -20.58 -18.40
C LYS B 82 -0.61 -20.74 -18.35
N LYS B 83 -0.08 -21.85 -18.85
CA LYS B 83 1.37 -22.03 -18.86
C LYS B 83 1.96 -20.81 -19.56
N ALA B 84 1.33 -20.38 -20.65
CA ALA B 84 1.79 -19.20 -21.39
C ALA B 84 1.55 -17.92 -20.57
N LEU B 85 0.34 -17.79 -20.03
CA LEU B 85 -0.02 -16.65 -19.20
C LEU B 85 1.04 -16.28 -18.16
N ILE B 86 1.24 -17.12 -17.14
CA ILE B 86 2.24 -16.83 -16.07
C ILE B 86 3.68 -16.72 -16.60
N GLY B 87 3.89 -17.09 -17.87
CA GLY B 87 5.18 -17.03 -18.56
C GLY B 87 5.97 -15.80 -18.17
N ARG B 88 5.28 -14.70 -17.86
CA ARG B 88 5.95 -13.45 -17.45
C ARG B 88 6.45 -13.56 -16.02
N GLU B 89 5.52 -13.76 -15.08
CA GLU B 89 5.90 -13.82 -13.68
C GLU B 89 7.14 -14.71 -13.44
N ILE B 90 7.21 -15.80 -14.17
CA ILE B 90 8.29 -16.76 -14.07
C ILE B 90 9.57 -16.29 -14.71
N LYS B 91 9.46 -15.78 -15.95
CA LYS B 91 10.60 -15.27 -16.74
C LYS B 91 11.32 -14.27 -15.85
N SER B 92 10.50 -13.45 -15.19
CA SER B 92 10.92 -12.41 -14.26
C SER B 92 11.78 -13.03 -13.14
N ALA B 93 11.08 -13.66 -12.19
CA ALA B 93 11.68 -14.32 -11.03
C ALA B 93 13.02 -14.98 -11.36
N VAL B 94 13.10 -15.63 -12.52
CA VAL B 94 14.33 -16.30 -12.89
C VAL B 94 15.45 -15.33 -13.13
N GLU B 95 15.09 -14.24 -13.80
CA GLU B 95 16.06 -13.19 -14.15
C GLU B 95 16.42 -12.35 -12.97
N LYS B 96 15.44 -12.15 -12.07
CA LYS B 96 15.62 -11.40 -10.80
C LYS B 96 16.45 -12.20 -9.78
N ASP B 97 17.25 -13.16 -10.31
CA ASP B 97 18.13 -14.09 -9.59
C ASP B 97 17.57 -14.77 -8.37
N GLY B 98 16.24 -14.96 -8.35
CA GLY B 98 15.58 -15.54 -7.20
C GLY B 98 14.62 -16.69 -7.43
N ALA B 99 15.03 -17.62 -8.27
CA ALA B 99 14.22 -18.77 -8.54
C ALA B 99 15.07 -20.00 -8.55
N SER B 100 14.50 -21.03 -7.92
CA SER B 100 15.14 -22.32 -7.80
C SER B 100 14.18 -23.44 -8.23
N ALA B 101 14.77 -24.56 -8.64
CA ALA B 101 14.02 -25.73 -9.10
C ALA B 101 14.51 -27.12 -8.64
N THR B 102 13.63 -28.11 -8.80
CA THR B 102 13.90 -29.52 -8.50
C THR B 102 13.74 -30.34 -9.81
N ILE B 103 14.31 -31.54 -9.83
CA ILE B 103 14.35 -32.35 -11.03
C ILE B 103 14.61 -33.78 -10.58
N ASP B 104 13.92 -34.73 -11.20
CA ASP B 104 14.16 -36.13 -10.88
C ASP B 104 13.48 -36.98 -11.96
N LEU B 105 13.98 -38.19 -12.19
CA LEU B 105 13.35 -39.04 -13.18
C LEU B 105 12.34 -39.98 -12.50
N TRP B 106 11.22 -40.21 -13.15
CA TRP B 106 10.20 -41.10 -12.58
C TRP B 106 9.61 -41.90 -13.67
N THR B 107 9.24 -43.13 -13.35
CA THR B 107 8.67 -43.95 -14.39
C THR B 107 7.34 -44.66 -14.01
N ASP B 108 6.30 -44.38 -14.79
CA ASP B 108 4.97 -44.95 -14.53
C ASP B 108 4.93 -46.45 -14.66
N ASN B 109 3.88 -47.06 -14.09
CA ASN B 109 3.81 -48.51 -14.10
C ASN B 109 2.86 -49.23 -15.03
N TYR B 110 2.31 -48.54 -16.01
CA TYR B 110 1.47 -49.22 -17.00
C TYR B 110 2.25 -49.26 -18.31
N ILE B 111 2.30 -48.13 -19.00
CA ILE B 111 3.07 -48.05 -20.24
C ILE B 111 4.58 -48.04 -19.95
N LYS B 112 4.96 -47.87 -18.68
CA LYS B 112 6.36 -47.80 -18.25
C LYS B 112 7.04 -46.71 -19.06
N ARG B 113 6.47 -45.51 -19.08
CA ARG B 113 7.05 -44.37 -19.83
C ARG B 113 8.05 -43.78 -18.88
N ASN B 114 9.09 -43.12 -19.39
CA ASN B 114 10.06 -42.54 -18.48
C ASN B 114 10.06 -40.99 -18.46
N PHE B 115 9.56 -40.41 -17.36
CA PHE B 115 9.40 -38.95 -17.16
C PHE B 115 10.43 -38.08 -16.40
N LEU B 116 10.36 -36.78 -16.68
CA LEU B 116 11.21 -35.80 -16.05
C LEU B 116 10.35 -34.75 -15.39
N GLY B 117 10.37 -34.72 -14.06
CA GLY B 117 9.58 -33.77 -13.31
C GLY B 117 10.39 -32.52 -13.00
N VAL B 118 9.74 -31.36 -13.15
CA VAL B 118 10.40 -30.11 -12.87
C VAL B 118 9.52 -29.20 -12.03
N THR B 119 10.05 -28.83 -10.86
CA THR B 119 9.38 -27.95 -9.90
C THR B 119 10.13 -26.62 -9.81
N LEU B 120 9.37 -25.53 -9.63
CA LEU B 120 9.95 -24.20 -9.53
C LEU B 120 9.49 -23.58 -8.25
N HIS B 121 10.42 -22.89 -7.60
CA HIS B 121 10.16 -22.23 -6.35
C HIS B 121 10.85 -20.91 -6.37
N TYR B 122 10.13 -19.92 -5.87
CA TYR B 122 10.63 -18.56 -5.79
C TYR B 122 9.70 -17.88 -4.77
N HIS B 123 10.03 -16.62 -4.47
CA HIS B 123 9.27 -15.84 -3.53
C HIS B 123 8.60 -14.60 -4.15
N GLU B 124 7.31 -14.42 -3.87
CA GLU B 124 6.51 -13.29 -4.40
C GLU B 124 5.55 -12.86 -3.29
N ASN B 125 5.66 -11.62 -2.85
CA ASN B 125 4.82 -11.14 -1.75
C ASN B 125 5.18 -11.96 -0.52
N ASN B 126 4.34 -12.01 0.49
CA ASN B 126 4.77 -12.76 1.66
C ASN B 126 4.61 -14.29 1.61
N GLU B 127 4.87 -14.87 0.43
CA GLU B 127 4.76 -16.31 0.24
C GLU B 127 5.74 -16.92 -0.76
N LEU B 128 5.96 -18.21 -0.54
CA LEU B 128 6.84 -19.06 -1.30
C LEU B 128 6.00 -19.84 -2.32
N ARG B 129 6.47 -19.88 -3.55
CA ARG B 129 5.75 -20.62 -4.55
C ARG B 129 6.37 -22.02 -4.72
N ASP B 130 5.50 -23.03 -4.66
CA ASP B 130 5.87 -24.43 -4.79
C ASP B 130 5.14 -24.79 -6.07
N LEU B 131 5.85 -24.84 -7.17
CA LEU B 131 5.18 -25.07 -8.41
C LEU B 131 5.68 -26.15 -9.37
N ILE B 132 4.76 -26.92 -9.92
CA ILE B 132 5.13 -27.95 -10.87
C ILE B 132 5.14 -27.34 -12.26
N LEU B 133 6.28 -27.31 -12.93
CA LEU B 133 6.33 -26.79 -14.30
C LEU B 133 5.96 -27.88 -15.30
N GLY B 134 6.29 -29.11 -14.98
CA GLY B 134 5.94 -30.16 -15.92
C GLY B 134 6.45 -31.54 -15.60
N LEU B 135 5.92 -32.50 -16.35
CA LEU B 135 6.25 -33.91 -16.26
C LEU B 135 6.26 -34.33 -17.73
N LYS B 136 7.39 -34.19 -18.39
CA LYS B 136 7.49 -34.52 -19.80
C LYS B 136 8.22 -35.82 -19.88
N SER B 137 7.88 -36.60 -20.89
CA SER B 137 8.50 -37.89 -21.12
C SER B 137 9.80 -37.69 -21.84
N LEU B 138 10.76 -38.58 -21.66
CA LEU B 138 12.00 -38.48 -22.43
C LEU B 138 11.69 -39.21 -23.72
N ASP B 139 10.40 -39.52 -23.89
CA ASP B 139 9.88 -40.33 -24.99
C ASP B 139 10.55 -41.65 -24.65
N PHE B 140 11.16 -42.32 -25.62
CA PHE B 140 11.79 -43.56 -25.25
C PHE B 140 13.28 -43.48 -25.48
N GLU B 141 13.75 -42.24 -25.51
CA GLU B 141 15.14 -41.88 -25.71
C GLU B 141 15.99 -42.30 -24.51
N ARG B 142 17.04 -43.09 -24.78
CA ARG B 142 17.99 -43.62 -23.77
C ARG B 142 17.96 -43.20 -22.29
N SER B 143 17.83 -41.90 -21.99
CA SER B 143 17.79 -41.35 -20.61
C SER B 143 19.19 -40.94 -20.16
N THR B 144 19.85 -40.20 -21.03
CA THR B 144 21.18 -39.70 -20.81
C THR B 144 21.13 -38.26 -20.33
N ALA B 145 22.29 -37.73 -19.95
CA ALA B 145 22.36 -36.35 -19.47
C ALA B 145 21.91 -35.45 -20.60
N GLU B 146 22.46 -35.67 -21.78
CA GLU B 146 22.11 -34.84 -22.95
C GLU B 146 20.61 -34.74 -23.09
N ASN B 147 19.93 -35.87 -22.99
CA ASN B 147 18.47 -35.85 -23.14
C ASN B 147 17.77 -35.18 -21.97
N ILE B 148 18.22 -35.50 -20.76
CA ILE B 148 17.59 -34.91 -19.60
C ILE B 148 17.67 -33.40 -19.69
N TYR B 149 18.85 -32.94 -20.04
CA TYR B 149 19.12 -31.52 -20.16
C TYR B 149 18.17 -30.97 -21.19
N LYS B 150 18.22 -31.58 -22.37
CA LYS B 150 17.40 -31.17 -23.49
C LYS B 150 15.91 -31.02 -23.10
N LYS B 151 15.38 -32.06 -22.44
CA LYS B 151 13.98 -32.05 -22.01
C LYS B 151 13.74 -30.99 -20.94
N LEU B 152 14.76 -30.78 -20.10
CA LEU B 152 14.70 -29.79 -19.04
C LEU B 152 14.66 -28.40 -19.69
N LYS B 153 15.52 -28.23 -20.68
CA LYS B 153 15.69 -26.98 -21.42
C LYS B 153 14.36 -26.65 -22.07
N ALA B 154 13.78 -27.71 -22.60
CA ALA B 154 12.50 -27.73 -23.28
C ALA B 154 11.26 -27.45 -22.39
N ILE B 155 11.25 -28.00 -21.19
CA ILE B 155 10.12 -27.74 -20.32
C ILE B 155 10.14 -26.25 -20.00
N PHE B 156 11.34 -25.70 -19.87
CA PHE B 156 11.46 -24.28 -19.56
C PHE B 156 11.00 -23.34 -20.69
N SER B 157 11.26 -23.69 -21.96
CA SER B 157 10.83 -22.85 -23.10
C SER B 157 9.35 -22.56 -23.05
N GLN B 158 8.58 -23.53 -22.54
CA GLN B 158 7.14 -23.37 -22.45
C GLN B 158 6.76 -22.05 -21.74
N PHE B 159 7.65 -21.52 -20.90
CA PHE B 159 7.37 -20.28 -20.16
C PHE B 159 8.16 -19.13 -20.71
N ASN B 160 8.94 -19.48 -21.71
CA ASN B 160 9.82 -18.58 -22.44
C ASN B 160 11.04 -18.16 -21.65
N VAL B 161 11.57 -19.17 -20.96
CA VAL B 161 12.77 -19.04 -20.19
C VAL B 161 13.85 -19.74 -21.02
N GLU B 162 14.76 -18.97 -21.59
CA GLU B 162 15.78 -19.59 -22.41
C GLU B 162 17.13 -19.68 -21.74
N ASP B 163 17.29 -18.97 -20.64
CA ASP B 163 18.58 -18.99 -19.93
C ASP B 163 18.45 -19.59 -18.54
N LEU B 164 19.01 -20.79 -18.39
CA LEU B 164 18.89 -21.49 -17.14
C LEU B 164 19.95 -21.29 -16.08
N SER B 165 21.08 -20.67 -16.46
CA SER B 165 22.18 -20.46 -15.54
C SER B 165 21.82 -19.86 -14.16
N SER B 166 21.02 -18.81 -14.15
CA SER B 166 20.61 -18.16 -12.93
C SER B 166 19.74 -19.04 -12.01
N ILE B 167 19.48 -20.28 -12.40
CA ILE B 167 18.62 -21.11 -11.56
C ILE B 167 19.37 -22.03 -10.63
N LYS B 168 18.85 -22.09 -9.42
CA LYS B 168 19.42 -22.91 -8.38
C LYS B 168 18.69 -24.24 -8.38
N PHE B 169 19.40 -25.27 -8.79
CA PHE B 169 18.81 -26.58 -8.85
C PHE B 169 19.22 -27.44 -7.69
N VAL B 170 18.23 -28.00 -7.01
CA VAL B 170 18.50 -28.97 -5.97
C VAL B 170 18.04 -30.27 -6.63
N THR B 171 18.93 -31.26 -6.56
CA THR B 171 18.73 -32.54 -7.16
C THR B 171 19.41 -33.59 -6.28
N ASP B 172 19.02 -34.85 -6.45
CA ASP B 172 19.63 -35.90 -5.65
C ASP B 172 20.98 -36.16 -6.32
N ARG B 173 21.61 -37.29 -6.00
CA ARG B 173 22.89 -37.52 -6.60
C ARG B 173 22.98 -38.48 -7.75
N GLY B 174 21.86 -38.57 -8.44
CA GLY B 174 21.76 -39.44 -9.59
C GLY B 174 22.84 -39.18 -10.61
N ALA B 175 23.65 -40.20 -10.86
CA ALA B 175 24.73 -40.12 -11.82
C ALA B 175 24.34 -39.29 -13.04
N ASN B 176 23.18 -39.65 -13.59
CA ASN B 176 22.64 -39.01 -14.76
C ASN B 176 22.43 -37.53 -14.59
N VAL B 177 21.40 -37.22 -13.80
CA VAL B 177 21.00 -35.86 -13.50
C VAL B 177 22.17 -34.92 -13.12
N VAL B 178 23.06 -35.34 -12.21
CA VAL B 178 24.16 -34.44 -11.82
C VAL B 178 24.94 -33.99 -13.04
N LYS B 179 25.13 -34.89 -14.01
CA LYS B 179 25.85 -34.55 -15.22
C LYS B 179 25.04 -33.59 -16.11
N SER B 180 23.73 -33.70 -16.09
CA SER B 180 22.95 -32.80 -16.93
C SER B 180 23.01 -31.36 -16.39
N LEU B 181 23.21 -31.27 -15.09
CA LEU B 181 23.28 -29.96 -14.52
C LEU B 181 24.74 -29.53 -14.27
N ALA B 182 25.68 -30.31 -14.78
CA ALA B 182 27.11 -30.04 -14.64
C ALA B 182 27.54 -28.58 -14.90
N ASN B 183 26.78 -27.87 -15.72
CA ASN B 183 27.14 -26.50 -16.03
C ASN B 183 26.22 -25.52 -15.40
N ASN B 184 25.50 -25.92 -14.36
CA ASN B 184 24.61 -24.99 -13.66
C ASN B 184 24.83 -25.13 -12.16
N ILE B 185 23.90 -24.50 -11.44
CA ILE B 185 23.85 -24.46 -9.99
C ILE B 185 23.15 -25.70 -9.45
N ARG B 186 23.91 -26.57 -8.82
CA ARG B 186 23.33 -27.78 -8.29
C ARG B 186 23.62 -28.00 -6.82
N ILE B 187 22.57 -28.00 -6.02
CA ILE B 187 22.70 -28.20 -4.61
C ILE B 187 22.25 -29.64 -4.35
N ASN B 188 22.95 -30.39 -3.50
CA ASN B 188 22.54 -31.78 -3.20
C ASN B 188 21.35 -31.95 -2.25
N CYS B 189 20.52 -32.96 -2.50
CA CYS B 189 19.34 -33.12 -1.64
C CYS B 189 19.67 -33.49 -0.23
N SER B 190 19.33 -32.63 0.71
CA SER B 190 19.66 -32.98 2.08
C SER B 190 18.93 -34.25 2.57
N SER B 191 17.70 -34.47 2.11
CA SER B 191 16.96 -35.66 2.52
C SER B 191 17.62 -36.96 2.06
N HIS B 192 18.03 -36.99 0.79
CA HIS B 192 18.74 -38.13 0.21
C HIS B 192 20.07 -38.32 0.95
N LEU B 193 20.76 -37.21 1.21
CA LEU B 193 22.02 -37.27 1.95
C LEU B 193 21.82 -37.91 3.33
N LEU B 194 20.78 -37.45 4.02
CA LEU B 194 20.47 -37.99 5.32
C LEU B 194 20.19 -39.49 5.19
N SER B 195 19.41 -39.91 4.19
CA SER B 195 19.18 -41.34 4.08
C SER B 195 20.47 -42.11 3.80
N ASN B 196 21.41 -41.44 3.16
CA ASN B 196 22.68 -42.06 2.82
C ASN B 196 23.46 -42.33 4.05
N VAL B 197 23.43 -41.31 4.90
CA VAL B 197 24.14 -41.31 6.16
C VAL B 197 23.55 -42.40 7.01
N LEU B 198 22.22 -42.41 7.07
CA LEU B 198 21.51 -43.40 7.86
C LEU B 198 21.84 -44.81 7.42
N GLU B 199 21.89 -45.04 6.11
CA GLU B 199 22.16 -46.38 5.61
C GLU B 199 23.59 -46.79 5.87
N ASN B 200 24.56 -46.01 5.45
CA ASN B 200 25.93 -46.39 5.74
C ASN B 200 26.14 -46.62 7.22
N SER B 201 25.59 -45.73 8.04
CA SER B 201 25.73 -45.85 9.48
C SER B 201 25.30 -47.26 9.95
N PHE B 202 24.04 -47.59 9.87
CA PHE B 202 23.60 -48.90 10.28
C PHE B 202 24.43 -50.06 9.76
N GLU B 203 24.81 -49.95 8.50
CA GLU B 203 25.60 -50.98 7.87
C GLU B 203 26.95 -51.16 8.58
N GLU B 204 27.58 -50.07 8.96
CA GLU B 204 28.87 -50.12 9.64
C GLU B 204 28.71 -50.34 11.16
N THR B 205 27.60 -50.95 11.58
CA THR B 205 27.31 -51.23 13.01
C THR B 205 26.51 -52.53 13.02
N PRO B 206 27.13 -53.64 12.59
CA PRO B 206 26.55 -54.98 12.52
C PRO B 206 25.98 -55.43 13.81
N GLU B 207 26.56 -54.91 14.87
CA GLU B 207 26.09 -55.21 16.18
C GLU B 207 24.56 -55.13 16.27
N LEU B 208 23.97 -54.17 15.57
CA LEU B 208 22.51 -54.00 15.64
C LEU B 208 21.75 -54.88 14.70
N ASN B 209 22.49 -55.48 13.77
CA ASN B 209 21.89 -56.33 12.74
C ASN B 209 20.95 -57.33 13.33
N MET B 210 21.43 -57.99 14.38
CA MET B 210 20.62 -59.04 14.97
C MET B 210 19.23 -58.65 15.46
N PRO B 211 19.15 -57.67 16.38
CA PRO B 211 17.88 -57.23 16.93
C PRO B 211 16.96 -56.60 15.92
N ILE B 212 17.55 -55.99 14.90
CA ILE B 212 16.71 -55.39 13.87
C ILE B 212 16.01 -56.52 13.11
N LEU B 213 16.83 -57.41 12.51
CA LEU B 213 16.32 -58.54 11.76
C LEU B 213 15.25 -59.20 12.59
N ALA B 214 15.61 -59.48 13.84
CA ALA B 214 14.71 -60.08 14.82
C ALA B 214 13.33 -59.47 14.80
N CYS B 215 13.32 -58.15 14.77
CA CYS B 215 12.11 -57.37 14.76
C CYS B 215 11.39 -57.53 13.43
N LYS B 216 12.14 -57.34 12.37
CA LYS B 216 11.66 -57.46 11.01
C LYS B 216 10.84 -58.79 10.94
N ASN B 217 11.38 -59.86 11.52
CA ASN B 217 10.70 -61.14 11.46
C ASN B 217 9.50 -61.26 12.38
N ILE B 218 9.34 -60.33 13.32
CA ILE B 218 8.17 -60.42 14.20
C ILE B 218 6.99 -59.93 13.38
N VAL B 219 7.27 -58.98 12.48
CA VAL B 219 6.23 -58.44 11.61
C VAL B 219 5.95 -59.51 10.59
N LYS B 220 7.01 -59.95 9.91
CA LYS B 220 6.92 -60.99 8.88
C LYS B 220 5.97 -62.07 9.38
N TYR B 221 6.11 -62.41 10.67
CA TYR B 221 5.29 -63.42 11.30
C TYR B 221 3.88 -62.92 11.45
N PHE B 222 3.67 -61.85 12.19
CA PHE B 222 2.32 -61.34 12.37
C PHE B 222 1.51 -61.23 11.08
N LYS B 223 2.20 -61.04 9.97
CA LYS B 223 1.53 -60.93 8.67
C LYS B 223 1.13 -62.32 8.16
N LYS B 224 2.12 -63.20 8.02
CA LYS B 224 1.88 -64.55 7.56
C LYS B 224 0.90 -65.26 8.51
N ALA B 225 0.98 -65.00 9.80
CA ALA B 225 0.08 -65.65 10.76
C ALA B 225 -1.25 -64.94 10.99
N ASN B 226 -1.56 -63.96 10.14
CA ASN B 226 -2.79 -63.17 10.23
C ASN B 226 -3.17 -62.72 11.66
N LEU B 227 -2.23 -62.06 12.33
CA LEU B 227 -2.40 -61.55 13.69
C LEU B 227 -2.43 -60.05 13.76
N GLN B 228 -2.05 -59.46 12.64
CA GLN B 228 -1.99 -58.02 12.49
C GLN B 228 -3.26 -57.33 13.00
N HIS B 229 -4.40 -57.92 12.63
CA HIS B 229 -5.71 -57.40 13.00
C HIS B 229 -6.01 -57.21 14.50
N ARG B 230 -5.10 -57.58 15.38
CA ARG B 230 -5.44 -57.39 16.78
C ARG B 230 -4.72 -56.35 17.56
N LEU B 231 -3.77 -55.66 16.96
CA LEU B 231 -3.07 -54.60 17.67
C LEU B 231 -3.86 -53.34 17.38
N ARG B 232 -3.63 -52.30 18.16
CA ARG B 232 -4.29 -51.03 17.92
C ARG B 232 -3.83 -50.51 16.53
N SER B 233 -2.52 -50.58 16.29
CA SER B 233 -1.90 -50.17 15.02
C SER B 233 -1.07 -51.37 14.50
N SER B 234 -1.09 -51.55 13.19
CA SER B 234 -0.40 -52.66 12.52
C SER B 234 1.09 -52.60 12.66
N LEU B 235 1.74 -53.75 12.72
CA LEU B 235 3.20 -53.69 12.75
C LEU B 235 3.61 -53.26 11.34
N LYS B 236 4.68 -52.47 11.22
CA LYS B 236 5.07 -52.01 9.89
C LYS B 236 6.34 -52.66 9.38
N SER B 237 6.45 -52.88 8.08
CA SER B 237 7.65 -53.51 7.58
C SER B 237 8.60 -52.49 7.00
N GLU B 238 9.73 -53.00 6.57
CA GLU B 238 10.75 -52.15 6.00
C GLU B 238 10.45 -51.25 4.77
N CYS B 239 10.50 -51.80 3.54
CA CYS B 239 10.33 -51.04 2.28
C CYS B 239 11.55 -50.14 2.22
N PRO B 240 12.74 -50.74 2.16
CA PRO B 240 14.07 -50.11 2.12
C PRO B 240 14.25 -48.83 1.34
N THR B 241 13.45 -48.66 0.27
CA THR B 241 13.45 -47.46 -0.58
C THR B 241 13.12 -46.19 0.20
N ARG B 242 12.20 -46.34 1.15
CA ARG B 242 11.75 -45.25 1.99
C ARG B 242 12.77 -44.67 2.97
N TRP B 243 12.56 -43.39 3.33
CA TRP B 243 13.45 -42.69 4.25
C TRP B 243 13.13 -43.02 5.69
N ASN B 244 14.18 -43.27 6.46
CA ASN B 244 14.01 -43.60 7.87
C ASN B 244 13.17 -44.90 8.06
N SER B 245 13.37 -45.80 7.12
CA SER B 245 12.74 -47.12 7.03
C SER B 245 12.69 -47.89 8.39
N THR B 246 13.87 -48.16 8.94
CA THR B 246 14.09 -48.90 10.18
C THR B 246 13.28 -48.33 11.31
N TYR B 247 13.32 -47.00 11.42
CA TYR B 247 12.59 -46.31 12.49
C TYR B 247 11.11 -46.64 12.48
N THR B 248 10.45 -46.31 11.38
CA THR B 248 9.03 -46.54 11.25
C THR B 248 8.63 -47.95 11.64
N MET B 249 9.54 -48.89 11.42
CA MET B 249 9.33 -50.29 11.73
C MET B 249 9.55 -50.62 13.19
N LEU B 250 10.67 -50.17 13.72
CA LEU B 250 10.96 -50.43 15.10
C LEU B 250 9.90 -49.81 15.97
N ARG B 251 9.61 -48.56 15.66
CA ARG B 251 8.62 -47.79 16.38
C ARG B 251 7.30 -48.58 16.47
N SER B 252 6.84 -49.15 15.37
CA SER B 252 5.60 -49.90 15.42
C SER B 252 5.62 -51.05 16.45
N ILE B 253 6.75 -51.75 16.55
CA ILE B 253 6.87 -52.84 17.50
C ILE B 253 6.83 -52.29 18.93
N LEU B 254 7.60 -51.22 19.12
CA LEU B 254 7.72 -50.56 20.41
C LEU B 254 6.41 -50.07 20.95
N ASP B 255 5.63 -49.40 20.11
CA ASP B 255 4.35 -48.89 20.53
C ASP B 255 3.38 -50.00 20.85
N ASN B 256 3.61 -51.18 20.30
CA ASN B 256 2.68 -52.26 20.56
C ASN B 256 3.26 -53.37 21.41
N TRP B 257 4.47 -53.15 21.90
CA TRP B 257 5.20 -54.14 22.72
C TRP B 257 4.37 -55.10 23.57
N GLU B 258 3.63 -54.56 24.53
CA GLU B 258 2.80 -55.36 25.41
C GLU B 258 1.90 -56.24 24.59
N SER B 259 1.05 -55.56 23.84
CA SER B 259 0.10 -56.20 22.97
C SER B 259 0.78 -57.38 22.29
N VAL B 260 2.04 -57.24 21.85
CA VAL B 260 2.69 -58.35 21.18
C VAL B 260 3.40 -59.40 22.01
N ILE B 261 3.91 -59.01 23.18
CA ILE B 261 4.59 -60.02 24.03
C ILE B 261 3.50 -60.99 24.47
N GLN B 262 2.36 -60.40 24.82
CA GLN B 262 1.14 -61.07 25.25
C GLN B 262 0.77 -62.14 24.19
N ILE B 263 0.51 -61.66 22.96
CA ILE B 263 0.14 -62.51 21.84
C ILE B 263 1.11 -63.65 21.59
N LEU B 264 2.37 -63.29 21.36
CA LEU B 264 3.42 -64.25 21.09
C LEU B 264 3.52 -65.33 22.15
N SER B 265 3.34 -64.93 23.41
CA SER B 265 3.37 -65.87 24.54
C SER B 265 2.23 -66.86 24.35
N GLU B 266 0.98 -66.37 24.43
CA GLU B 266 -0.19 -67.23 24.29
C GLU B 266 -0.28 -68.04 22.97
N ALA B 267 0.81 -68.08 22.22
CA ALA B 267 0.89 -68.82 20.99
C ALA B 267 2.25 -69.52 20.94
N GLY B 268 2.81 -69.73 22.13
CA GLY B 268 4.10 -70.42 22.32
C GLY B 268 5.28 -70.09 21.42
N GLU B 269 5.26 -68.87 20.92
CA GLU B 269 6.29 -68.38 20.03
C GLU B 269 7.07 -67.29 20.71
N THR B 270 7.13 -67.33 22.04
CA THR B 270 7.87 -66.31 22.78
C THR B 270 9.35 -66.39 22.42
N GLN B 271 9.71 -67.39 21.64
CA GLN B 271 11.07 -67.55 21.17
C GLN B 271 11.42 -66.38 20.24
N ARG B 272 10.39 -65.82 19.64
CA ARG B 272 10.52 -64.72 18.69
C ARG B 272 11.07 -63.42 19.22
N ILE B 273 10.58 -63.00 20.38
CA ILE B 273 10.94 -61.72 20.96
C ILE B 273 11.98 -61.70 22.08
N VAL B 274 12.07 -62.83 22.75
CA VAL B 274 12.97 -62.96 23.88
C VAL B 274 14.40 -62.57 23.66
N HIS B 275 14.80 -62.44 22.40
CA HIS B 275 16.17 -62.12 22.14
C HIS B 275 16.38 -60.66 21.67
N ILE B 276 15.26 -59.97 21.63
CA ILE B 276 15.24 -58.58 21.22
C ILE B 276 15.46 -57.80 22.49
N ASN B 277 16.58 -57.07 22.52
CA ASN B 277 16.91 -56.23 23.68
C ASN B 277 16.01 -54.97 23.71
N LYS B 278 14.88 -55.03 24.41
CA LYS B 278 13.99 -53.87 24.47
C LYS B 278 14.73 -52.54 24.67
N SER B 279 15.70 -52.48 25.59
CA SER B 279 16.45 -51.23 25.80
C SER B 279 17.08 -50.69 24.53
N ILE B 280 17.66 -51.56 23.71
CA ILE B 280 18.29 -51.08 22.50
C ILE B 280 17.21 -50.59 21.57
N ILE B 281 16.10 -51.32 21.51
CA ILE B 281 15.01 -50.91 20.66
C ILE B 281 14.65 -49.48 21.07
N GLN B 282 14.21 -49.30 22.31
CA GLN B 282 13.86 -47.99 22.88
C GLN B 282 14.83 -46.91 22.42
N THR B 283 16.08 -47.06 22.82
CA THR B 283 17.16 -46.16 22.50
C THR B 283 17.25 -45.79 21.05
N MET B 284 17.25 -46.81 20.19
CA MET B 284 17.32 -46.57 18.74
C MET B 284 16.20 -45.67 18.27
N VAL B 285 14.96 -45.91 18.72
CA VAL B 285 13.89 -45.07 18.22
C VAL B 285 13.97 -43.69 18.76
N ASN B 286 14.69 -43.53 19.86
CA ASN B 286 14.84 -42.20 20.40
C ASN B 286 15.86 -41.49 19.54
N ILE B 287 16.92 -42.17 19.20
CA ILE B 287 17.90 -41.52 18.35
C ILE B 287 17.21 -41.16 17.05
N LEU B 288 16.54 -42.18 16.51
CA LEU B 288 15.82 -42.07 15.28
C LEU B 288 14.65 -41.09 15.25
N ASP B 289 13.98 -40.91 16.37
CA ASP B 289 12.84 -40.00 16.41
C ASP B 289 13.22 -38.61 15.94
N GLY B 290 14.48 -38.28 16.21
CA GLY B 290 14.99 -37.00 15.85
C GLY B 290 15.14 -36.91 14.36
N PHE B 291 15.67 -37.98 13.79
CA PHE B 291 15.83 -37.98 12.35
C PHE B 291 14.49 -37.73 11.63
N GLU B 292 13.41 -38.29 12.18
CA GLU B 292 12.09 -38.14 11.62
C GLU B 292 11.75 -36.68 11.48
N ARG B 293 11.89 -35.97 12.59
CA ARG B 293 11.63 -34.56 12.59
C ARG B 293 12.53 -33.85 11.60
N ILE B 294 13.82 -34.17 11.60
CA ILE B 294 14.71 -33.50 10.67
C ILE B 294 14.30 -33.80 9.24
N PHE B 295 13.87 -35.04 9.03
CA PHE B 295 13.47 -35.51 7.71
C PHE B 295 12.32 -34.72 7.19
N LYS B 296 11.34 -34.51 8.07
CA LYS B 296 10.13 -33.79 7.75
C LYS B 296 10.35 -32.30 7.67
N GLU B 297 11.32 -31.80 8.40
CA GLU B 297 11.60 -30.39 8.27
C GLU B 297 12.26 -30.19 6.94
N LEU B 298 13.07 -31.13 6.52
CA LEU B 298 13.76 -31.00 5.25
C LEU B 298 12.90 -31.15 4.00
N GLN B 299 11.68 -31.61 4.17
CA GLN B 299 10.81 -31.77 3.01
C GLN B 299 9.75 -30.67 2.92
N THR B 300 9.89 -29.57 3.65
CA THR B 300 8.87 -28.53 3.59
C THR B 300 9.18 -27.61 2.44
N CYS B 301 8.13 -27.12 1.79
CA CYS B 301 8.24 -26.21 0.65
C CYS B 301 7.43 -24.95 0.80
N SER B 302 6.69 -24.90 1.89
CA SER B 302 5.86 -23.75 2.20
C SER B 302 6.57 -22.72 3.10
N SER B 303 7.67 -23.12 3.73
CA SER B 303 8.41 -22.25 4.63
C SER B 303 9.77 -22.48 4.15
N PRO B 304 10.67 -21.56 4.42
CA PRO B 304 12.03 -21.81 3.93
C PRO B 304 12.62 -23.02 4.65
N SER B 305 13.56 -23.66 3.97
CA SER B 305 14.16 -24.84 4.54
C SER B 305 15.66 -24.94 4.42
N LEU B 306 16.23 -24.39 3.35
CA LEU B 306 17.68 -24.48 3.20
C LEU B 306 18.41 -23.95 4.44
N CYS B 307 17.82 -22.97 5.11
CA CYS B 307 18.47 -22.46 6.30
C CYS B 307 18.55 -23.54 7.39
N PHE B 308 17.53 -24.40 7.51
CA PHE B 308 17.55 -25.42 8.55
C PHE B 308 18.48 -26.61 8.35
N VAL B 309 19.28 -26.58 7.29
CA VAL B 309 20.17 -27.69 7.05
C VAL B 309 21.24 -27.69 8.07
N VAL B 310 22.02 -26.61 8.14
CA VAL B 310 23.10 -26.60 9.11
C VAL B 310 22.62 -26.88 10.50
N PRO B 311 21.53 -26.28 10.90
CA PRO B 311 21.02 -26.55 12.25
C PRO B 311 20.69 -28.07 12.44
N SER B 312 20.23 -28.73 11.38
CA SER B 312 19.91 -30.16 11.45
C SER B 312 21.17 -30.95 11.73
N ILE B 313 22.21 -30.66 10.97
CA ILE B 313 23.48 -31.30 11.15
C ILE B 313 23.91 -31.14 12.62
N LEU B 314 23.77 -29.93 13.13
CA LEU B 314 24.13 -29.64 14.52
C LEU B 314 23.29 -30.54 15.42
N LYS B 315 22.00 -30.65 15.11
CA LYS B 315 21.10 -31.50 15.87
C LYS B 315 21.50 -32.94 15.85
N VAL B 316 21.94 -33.47 14.73
CA VAL B 316 22.30 -34.90 14.72
C VAL B 316 23.49 -35.07 15.62
N LYS B 317 24.52 -34.28 15.39
CA LYS B 317 25.71 -34.37 16.23
C LYS B 317 25.37 -34.27 17.74
N GLU B 318 24.32 -33.50 18.06
CA GLU B 318 23.89 -33.29 19.43
C GLU B 318 23.21 -34.53 19.92
N ILE B 319 22.55 -35.25 19.04
CA ILE B 319 21.87 -36.46 19.51
C ILE B 319 22.86 -37.59 19.72
N CYS B 320 23.95 -37.56 18.96
CA CYS B 320 24.96 -38.62 19.07
C CYS B 320 26.08 -38.27 20.05
N SER B 321 25.76 -37.33 20.94
CA SER B 321 26.64 -36.88 22.00
C SER B 321 26.86 -38.12 22.86
N PRO B 322 28.11 -38.56 23.07
CA PRO B 322 28.16 -39.74 23.93
C PRO B 322 27.53 -39.37 25.26
N ASP B 323 26.61 -40.17 25.77
CA ASP B 323 25.96 -39.90 27.07
C ASP B 323 26.57 -40.93 28.04
N VAL B 324 26.11 -40.96 29.29
CA VAL B 324 26.70 -41.87 30.27
C VAL B 324 26.45 -43.36 30.22
N GLY B 325 25.21 -43.82 30.42
CA GLY B 325 24.99 -45.27 30.41
C GLY B 325 24.96 -46.01 29.08
N ASP B 326 25.43 -45.32 28.06
CA ASP B 326 25.46 -45.82 26.71
C ASP B 326 26.01 -47.24 26.58
N VAL B 327 25.17 -48.15 26.11
CA VAL B 327 25.53 -49.55 25.85
C VAL B 327 26.51 -49.55 24.67
N ALA B 328 27.59 -50.31 24.79
CA ALA B 328 28.65 -50.37 23.78
C ALA B 328 28.21 -50.39 22.33
N ASP B 329 27.11 -51.09 22.11
CA ASP B 329 26.52 -51.23 20.79
C ASP B 329 26.07 -49.84 20.29
N ILE B 330 25.08 -49.28 21.00
CA ILE B 330 24.51 -47.97 20.74
C ILE B 330 25.61 -46.95 20.57
N ALA B 331 26.51 -46.98 21.52
CA ALA B 331 27.63 -46.09 21.52
C ALA B 331 28.37 -46.13 20.19
N LYS B 332 28.61 -47.36 19.72
CA LYS B 332 29.31 -47.59 18.47
C LYS B 332 28.48 -46.97 17.36
N LEU B 333 27.16 -47.19 17.42
CA LEU B 333 26.23 -46.63 16.43
C LEU B 333 26.42 -45.10 16.28
N LYS B 334 26.30 -44.41 17.43
CA LYS B 334 26.43 -42.96 17.50
C LYS B 334 27.70 -42.47 16.79
N VAL B 335 28.81 -43.08 17.16
CA VAL B 335 30.09 -42.73 16.59
C VAL B 335 30.07 -42.83 15.08
N ASN B 336 29.31 -43.79 14.60
CA ASN B 336 29.29 -44.00 13.18
C ASN B 336 28.42 -42.99 12.48
N ILE B 337 27.27 -42.70 13.08
CA ILE B 337 26.35 -41.71 12.53
C ILE B 337 27.12 -40.42 12.38
N ILE B 338 27.83 -40.02 13.44
CA ILE B 338 28.66 -38.80 13.41
C ILE B 338 29.67 -38.83 12.28
N LYS B 339 30.43 -39.92 12.20
CA LYS B 339 31.43 -40.07 11.16
C LYS B 339 30.82 -39.82 9.78
N ASN B 340 29.69 -40.47 9.52
CA ASN B 340 29.07 -40.35 8.21
C ASN B 340 28.48 -38.95 7.99
N VAL B 341 27.84 -38.40 9.03
CA VAL B 341 27.32 -37.05 8.90
C VAL B 341 28.47 -36.13 8.38
N ARG B 342 29.67 -36.26 8.94
CA ARG B 342 30.82 -35.47 8.46
C ARG B 342 31.21 -35.85 7.03
N ILE B 343 31.43 -37.13 6.72
CA ILE B 343 31.86 -37.44 5.34
C ILE B 343 30.84 -37.65 4.27
N ILE B 344 29.58 -37.52 4.60
CA ILE B 344 28.57 -37.72 3.58
C ILE B 344 27.71 -36.48 3.40
N TRP B 345 27.19 -35.97 4.51
CA TRP B 345 26.34 -34.82 4.47
C TRP B 345 27.12 -33.48 4.41
N GLU B 346 27.84 -33.14 5.49
CA GLU B 346 28.60 -31.89 5.54
C GLU B 346 29.49 -31.75 4.30
N GLU B 347 30.12 -32.87 3.94
CA GLU B 347 31.03 -32.98 2.81
C GLU B 347 30.39 -32.63 1.49
N ASN B 348 29.06 -32.64 1.47
CA ASN B 348 28.34 -32.35 0.26
C ASN B 348 27.44 -31.15 0.29
N LEU B 349 27.60 -30.30 1.31
CA LEU B 349 26.80 -29.07 1.35
C LEU B 349 27.65 -28.10 0.56
N SER B 350 27.11 -26.92 0.28
CA SER B 350 27.88 -25.93 -0.44
C SER B 350 27.57 -24.60 0.16
N ILE B 351 28.35 -23.61 -0.24
CA ILE B 351 28.17 -22.27 0.27
C ILE B 351 26.71 -21.84 0.46
N TRP B 352 25.88 -22.04 -0.55
CA TRP B 352 24.46 -21.72 -0.49
C TRP B 352 23.86 -22.08 0.85
N HIS B 353 24.25 -23.26 1.32
CA HIS B 353 23.78 -23.82 2.58
C HIS B 353 24.10 -22.94 3.79
N TYR B 354 25.39 -22.62 3.88
CA TYR B 354 25.97 -21.84 4.96
C TYR B 354 25.32 -20.50 5.04
N THR B 355 25.31 -19.84 3.88
CA THR B 355 24.74 -18.52 3.72
C THR B 355 23.30 -18.51 4.18
N ALA B 356 22.53 -19.47 3.69
CA ALA B 356 21.14 -19.56 4.03
C ALA B 356 20.89 -19.73 5.51
N PHE B 357 21.84 -20.33 6.24
CA PHE B 357 21.70 -20.50 7.71
C PHE B 357 21.88 -19.07 8.25
N PHE B 358 22.99 -18.47 7.84
CA PHE B 358 23.38 -17.11 8.18
C PHE B 358 22.22 -16.11 8.06
N PHE B 359 21.36 -16.29 7.06
CA PHE B 359 20.23 -15.41 6.86
C PHE B 359 19.08 -15.72 7.79
N TYR B 360 19.37 -16.45 8.85
CA TYR B 360 18.35 -16.74 9.80
C TYR B 360 18.73 -15.90 10.98
N PRO B 361 18.04 -14.75 11.20
CA PRO B 361 18.20 -13.77 12.27
C PRO B 361 19.18 -14.27 13.30
N PRO B 362 18.82 -15.28 14.13
CA PRO B 362 19.98 -15.66 15.04
C PRO B 362 21.36 -16.29 14.36
N ALA B 363 22.09 -15.29 13.78
CA ALA B 363 23.35 -15.16 12.99
C ALA B 363 24.69 -15.37 13.67
N LEU B 364 24.66 -15.44 15.01
CA LEU B 364 25.85 -15.61 15.85
C LEU B 364 26.75 -16.74 15.36
N HIS B 365 26.14 -17.94 15.32
CA HIS B 365 26.69 -19.27 14.94
C HIS B 365 27.89 -19.61 14.04
N MET B 366 27.85 -19.24 12.79
CA MET B 366 28.94 -19.65 11.97
C MET B 366 29.94 -18.56 11.88
N GLN B 367 30.05 -17.80 12.98
CA GLN B 367 31.02 -16.69 13.10
C GLN B 367 32.37 -17.20 12.62
N GLN B 368 32.44 -18.52 12.60
CA GLN B 368 33.56 -19.28 12.14
C GLN B 368 34.04 -18.71 10.83
N GLU B 369 35.09 -19.35 10.35
CA GLU B 369 35.75 -19.00 9.10
C GLU B 369 34.63 -18.86 8.04
N LYS B 370 33.46 -19.41 8.38
CA LYS B 370 32.30 -19.36 7.53
C LYS B 370 31.92 -17.92 7.16
N VAL B 371 31.83 -17.02 8.15
CA VAL B 371 31.42 -15.66 7.83
C VAL B 371 32.30 -14.91 6.82
N ALA B 372 33.60 -15.10 6.91
CA ALA B 372 34.50 -14.45 6.00
C ALA B 372 34.10 -14.86 4.58
N GLN B 373 33.92 -16.16 4.36
CA GLN B 373 33.52 -16.70 3.04
C GLN B 373 32.14 -16.20 2.61
N ILE B 374 31.17 -16.29 3.54
CA ILE B 374 29.78 -15.88 3.31
C ILE B 374 29.69 -14.45 2.77
N LYS B 375 30.33 -13.48 3.44
CA LYS B 375 30.30 -12.09 2.98
C LYS B 375 30.78 -12.15 1.55
N GLU B 376 32.01 -12.64 1.37
CA GLU B 376 32.61 -12.72 0.04
C GLU B 376 31.65 -13.12 -1.05
N PHE B 377 30.83 -14.12 -0.74
CA PHE B 377 29.79 -14.66 -1.61
C PHE B 377 28.65 -13.64 -1.79
N CYS B 378 28.02 -13.22 -0.70
CA CYS B 378 26.93 -12.25 -0.74
C CYS B 378 27.30 -10.98 -1.53
N LEU B 379 28.55 -10.57 -1.47
CA LEU B 379 28.98 -9.38 -2.22
C LEU B 379 28.79 -9.73 -3.69
N SER B 380 29.51 -10.75 -4.16
CA SER B 380 29.41 -11.19 -5.54
C SER B 380 27.98 -11.41 -6.01
N LYS B 381 27.11 -11.90 -5.14
CA LYS B 381 25.73 -12.12 -5.53
C LYS B 381 24.91 -10.81 -5.60
N MET B 382 25.26 -9.81 -4.79
CA MET B 382 24.54 -8.53 -4.81
C MET B 382 24.96 -7.69 -6.04
N GLU B 383 26.17 -7.95 -6.57
CA GLU B 383 26.69 -7.26 -7.78
C GLU B 383 25.92 -7.72 -9.01
N ASP B 384 25.83 -9.05 -9.20
CA ASP B 384 25.09 -9.67 -10.32
C ASP B 384 23.74 -8.97 -10.53
N LEU B 385 23.02 -8.71 -9.42
CA LEU B 385 21.70 -8.08 -9.39
C LEU B 385 21.69 -6.55 -9.66
N GLU B 386 22.86 -5.91 -9.63
CA GLU B 386 22.99 -4.49 -9.96
C GLU B 386 23.30 -4.43 -11.46
N LEU B 387 22.64 -5.33 -12.19
CA LEU B 387 22.69 -5.48 -13.65
C LEU B 387 21.20 -5.37 -14.04
N ILE B 388 20.51 -4.45 -13.36
CA ILE B 388 19.11 -4.17 -13.63
C ILE B 388 19.13 -2.88 -14.47
N SER B 417 33.63 33.27 5.91
CA SER B 417 32.50 32.40 5.58
C SER B 417 32.69 30.95 6.08
N HIS B 418 33.61 30.75 7.03
CA HIS B 418 33.92 29.42 7.60
C HIS B 418 32.73 28.68 8.32
N SER B 419 32.04 29.40 9.20
CA SER B 419 30.90 28.86 9.98
C SER B 419 29.69 28.59 9.06
N LYS B 420 29.81 27.58 8.21
CA LYS B 420 28.77 27.18 7.26
C LYS B 420 29.35 26.13 6.28
N ASP B 421 30.53 26.43 5.73
CA ASP B 421 31.25 25.58 4.76
C ASP B 421 32.18 24.51 5.38
N ILE B 422 31.62 23.65 6.23
CA ILE B 422 32.35 22.56 6.93
C ILE B 422 31.27 21.76 7.69
N SER B 423 31.25 20.44 7.49
CA SER B 423 30.23 19.59 8.09
C SER B 423 29.94 19.73 9.59
N THR B 424 28.65 19.64 9.93
CA THR B 424 28.18 19.75 11.30
C THR B 424 28.94 18.78 12.19
N THR B 425 29.40 17.68 11.58
CA THR B 425 30.13 16.62 12.27
C THR B 425 31.63 16.90 12.44
N SER B 426 32.33 17.18 11.32
CA SER B 426 33.78 17.48 11.29
C SER B 426 34.20 18.67 12.17
N PHE B 427 33.20 19.39 12.64
CA PHE B 427 33.38 20.53 13.51
C PHE B 427 33.16 20.03 14.95
N PHE B 428 31.97 19.49 15.21
CA PHE B 428 31.63 19.00 16.55
C PHE B 428 32.51 17.91 17.13
N PHE B 429 33.00 16.98 16.29
CA PHE B 429 33.88 15.83 16.65
C PHE B 429 34.94 15.63 15.55
N PRO B 430 36.07 16.34 15.61
CA PRO B 430 37.07 16.13 14.54
C PRO B 430 37.93 14.88 14.77
N GLN B 431 38.22 14.62 16.05
CA GLN B 431 39.03 13.49 16.51
C GLN B 431 38.29 12.13 16.40
N LEU B 432 37.43 12.01 15.39
CA LEU B 432 36.72 10.77 15.10
C LEU B 432 36.99 10.54 13.60
N THR B 433 38.30 10.37 13.33
CA THR B 433 38.93 10.12 12.00
C THR B 433 38.09 9.22 11.08
N GLN B 434 37.35 8.32 11.70
CA GLN B 434 36.50 7.37 11.02
C GLN B 434 35.55 8.03 10.03
N ASN B 435 35.49 7.45 8.83
CA ASN B 435 34.64 7.96 7.75
C ASN B 435 34.19 6.87 6.76
N ASN B 436 35.12 5.97 6.39
CA ASN B 436 34.78 4.92 5.44
C ASN B 436 34.16 3.72 6.12
N SER B 437 32.87 3.53 5.85
CA SER B 437 32.09 2.45 6.43
C SER B 437 30.66 2.78 6.03
N ARG B 438 30.12 3.86 6.61
CA ARG B 438 28.74 4.34 6.38
C ARG B 438 27.75 3.49 7.13
N GLU B 439 27.50 3.84 8.39
CA GLU B 439 26.58 3.04 9.18
C GLU B 439 25.18 2.86 8.62
N PRO B 440 24.26 3.87 8.72
CA PRO B 440 22.97 3.52 8.13
C PRO B 440 23.09 3.16 6.61
N PRO B 441 22.95 1.86 6.24
CA PRO B 441 23.02 1.21 4.93
C PRO B 441 23.93 1.67 3.77
N VAL B 442 23.36 2.18 2.67
CA VAL B 442 24.14 2.60 1.47
C VAL B 442 24.51 1.42 0.56
N CYS B 443 25.75 0.92 0.68
CA CYS B 443 26.24 -0.17 -0.18
C CYS B 443 26.12 -1.60 0.40
N PRO B 444 26.51 -2.63 -0.38
CA PRO B 444 26.44 -4.01 0.11
C PRO B 444 27.20 -4.26 1.44
N SER B 445 28.52 -4.03 1.45
CA SER B 445 29.31 -4.25 2.67
C SER B 445 28.63 -3.70 3.91
N ASP B 446 28.15 -2.47 3.78
CA ASP B 446 27.51 -1.78 4.89
C ASP B 446 26.23 -2.47 5.31
N GLU B 447 25.47 -2.95 4.34
CA GLU B 447 24.22 -3.62 4.62
C GLU B 447 24.48 -4.98 5.32
N PHE B 448 25.57 -5.64 4.89
CA PHE B 448 25.97 -6.94 5.42
C PHE B 448 26.34 -6.73 6.87
N GLU B 449 27.26 -5.79 7.05
CA GLU B 449 27.80 -5.48 8.36
C GLU B 449 26.74 -4.97 9.33
N PHE B 450 25.79 -4.20 8.82
CA PHE B 450 24.71 -3.71 9.64
C PHE B 450 23.76 -4.87 9.97
N TYR B 451 23.82 -5.95 9.18
CA TYR B 451 23.00 -7.18 9.45
C TYR B 451 23.60 -7.82 10.73
N ARG B 452 24.92 -8.03 10.68
CA ARG B 452 25.70 -8.61 11.76
C ARG B 452 25.41 -7.99 13.11
N LYS B 453 25.40 -6.66 13.13
CA LYS B 453 25.14 -5.91 14.35
C LYS B 453 23.78 -6.24 14.94
N GLU B 454 22.95 -6.96 14.18
CA GLU B 454 21.61 -7.29 14.63
C GLU B 454 21.57 -8.22 15.81
N ILE B 455 20.38 -8.39 16.35
CA ILE B 455 20.17 -9.25 17.50
C ILE B 455 18.70 -9.48 17.47
N VAL B 456 18.31 -10.65 16.95
CA VAL B 456 16.87 -10.94 16.93
C VAL B 456 16.55 -11.99 17.98
N ILE B 457 15.53 -11.75 18.76
CA ILE B 457 15.25 -12.75 19.75
C ILE B 457 14.37 -13.83 19.15
N LEU B 458 14.88 -15.06 19.19
CA LEU B 458 14.14 -16.20 18.65
C LEU B 458 12.93 -16.63 19.47
N SER B 459 11.77 -16.10 19.11
CA SER B 459 10.52 -16.43 19.78
C SER B 459 9.96 -17.64 19.08
N GLU B 460 9.01 -18.29 19.74
CA GLU B 460 8.40 -19.51 19.24
C GLU B 460 7.76 -19.54 17.83
N ASP B 461 7.18 -18.43 17.43
CA ASP B 461 6.47 -18.30 16.16
C ASP B 461 7.31 -17.67 15.02
N PHE B 462 8.50 -17.22 15.33
CA PHE B 462 9.35 -16.54 14.38
C PHE B 462 9.42 -17.05 12.93
N LYS B 463 8.94 -16.24 11.99
CA LYS B 463 8.98 -16.64 10.59
C LYS B 463 10.05 -15.86 9.80
N VAL B 464 11.23 -16.47 9.59
CA VAL B 464 12.37 -15.83 8.90
C VAL B 464 11.95 -15.09 7.66
N MET B 465 10.88 -15.57 7.03
CA MET B 465 10.39 -14.94 5.81
C MET B 465 9.79 -13.58 6.11
N GLU B 466 8.80 -13.58 7.00
CA GLU B 466 8.10 -12.36 7.41
C GLU B 466 9.08 -11.29 7.81
N TRP B 467 10.04 -11.66 8.65
CA TRP B 467 11.06 -10.74 9.15
C TRP B 467 11.82 -10.07 8.01
N TRP B 468 12.31 -10.82 7.04
CA TRP B 468 13.04 -10.18 5.95
C TRP B 468 12.14 -9.31 5.10
N ASN B 469 10.86 -9.65 5.00
CA ASN B 469 9.95 -8.85 4.20
C ASN B 469 9.77 -7.50 4.85
N LEU B 470 9.76 -7.48 6.18
CA LEU B 470 9.62 -6.26 6.94
C LEU B 470 10.90 -5.43 6.82
N ASN B 471 12.04 -6.08 6.96
CA ASN B 471 13.28 -5.33 6.84
C ASN B 471 13.81 -5.13 5.41
N SER B 472 12.91 -5.22 4.42
CA SER B 472 13.22 -5.04 2.99
C SER B 472 13.64 -3.60 2.79
N LYS B 473 13.05 -2.74 3.63
CA LYS B 473 13.30 -1.30 3.70
C LYS B 473 14.71 -1.06 4.22
N LYS B 474 14.94 -1.56 5.44
CA LYS B 474 16.21 -1.46 6.17
C LYS B 474 17.35 -1.99 5.30
N TYR B 475 17.11 -3.15 4.68
CA TYR B 475 18.10 -3.79 3.83
C TYR B 475 17.57 -3.92 2.41
N PRO B 476 17.85 -2.93 1.57
CA PRO B 476 17.40 -2.93 0.19
C PRO B 476 18.08 -4.02 -0.62
N LYS B 477 19.39 -3.92 -0.79
CA LYS B 477 20.13 -4.92 -1.58
C LYS B 477 20.33 -6.32 -0.93
N LEU B 478 20.19 -6.42 0.39
CA LEU B 478 20.39 -7.68 1.06
C LEU B 478 19.11 -8.47 1.18
N SER B 479 18.01 -7.86 1.58
CA SER B 479 16.78 -8.63 1.69
C SER B 479 16.50 -9.39 0.39
N LYS B 480 16.86 -8.80 -0.74
CA LYS B 480 16.64 -9.48 -2.00
C LYS B 480 17.43 -10.79 -1.98
N LEU B 481 18.77 -10.72 -1.89
CA LEU B 481 19.63 -11.91 -1.84
C LEU B 481 19.15 -12.96 -0.87
N ALA B 482 18.70 -12.50 0.30
CA ALA B 482 18.20 -13.38 1.33
C ALA B 482 16.96 -14.14 0.89
N LEU B 483 15.87 -13.42 0.62
CA LEU B 483 14.63 -14.07 0.19
C LEU B 483 14.89 -15.00 -1.00
N SER B 484 15.91 -14.69 -1.79
CA SER B 484 16.30 -15.48 -2.93
C SER B 484 16.83 -16.86 -2.45
N LEU B 485 17.65 -16.87 -1.38
CA LEU B 485 18.20 -18.11 -0.83
C LEU B 485 17.10 -18.78 -0.09
N LEU B 486 16.50 -18.06 0.85
CA LEU B 486 15.40 -18.64 1.60
C LEU B 486 14.29 -19.37 0.79
N SER B 487 14.19 -19.12 -0.51
CA SER B 487 13.18 -19.80 -1.32
C SER B 487 13.74 -21.11 -1.92
N ILE B 488 15.07 -21.30 -1.95
CA ILE B 488 15.66 -22.56 -2.45
C ILE B 488 15.27 -23.65 -1.45
N PRO B 489 14.67 -24.75 -1.97
CA PRO B 489 14.23 -25.90 -1.16
C PRO B 489 15.43 -26.67 -0.69
N ALA B 490 15.27 -27.31 0.47
CA ALA B 490 16.31 -28.05 1.11
C ALA B 490 16.56 -29.39 0.45
N SER B 491 15.52 -29.90 -0.24
CA SER B 491 15.58 -31.19 -0.94
C SER B 491 14.68 -31.42 -2.17
N SER B 492 14.88 -32.58 -2.80
CA SER B 492 14.16 -33.04 -3.98
C SER B 492 12.72 -33.39 -3.69
N ALA B 493 12.33 -33.26 -2.43
CA ALA B 493 10.98 -33.61 -2.03
C ALA B 493 9.85 -33.23 -2.97
N ALA B 494 9.84 -31.96 -3.42
CA ALA B 494 8.79 -31.48 -4.34
C ALA B 494 8.67 -32.40 -5.55
N SER B 495 9.78 -32.65 -6.24
CA SER B 495 9.77 -33.53 -7.39
C SER B 495 9.17 -34.88 -7.00
N GLU B 496 9.64 -35.46 -5.90
CA GLU B 496 9.12 -36.79 -5.46
C GLU B 496 7.59 -36.68 -5.34
N ARG B 497 7.18 -35.66 -4.62
CA ARG B 497 5.77 -35.41 -4.41
C ARG B 497 4.98 -35.38 -5.71
N THR B 498 5.57 -34.76 -6.73
CA THR B 498 4.98 -34.62 -8.08
C THR B 498 4.63 -35.99 -8.57
N PHE B 499 5.62 -36.86 -8.57
CA PHE B 499 5.43 -38.20 -9.00
C PHE B 499 4.31 -38.87 -8.23
N SER B 500 4.25 -38.62 -6.92
CA SER B 500 3.20 -39.23 -6.11
C SER B 500 1.83 -38.86 -6.64
N LEU B 501 1.74 -37.61 -7.08
CA LEU B 501 0.53 -37.04 -7.64
C LEU B 501 0.22 -37.69 -8.98
N ALA B 502 1.23 -37.69 -9.84
CA ALA B 502 1.16 -38.28 -11.16
C ALA B 502 0.59 -39.70 -10.98
N GLY B 503 1.01 -40.30 -9.87
CA GLY B 503 0.57 -41.62 -9.54
C GLY B 503 -0.94 -41.71 -9.47
N ASN B 504 -1.63 -40.72 -8.91
CA ASN B 504 -3.08 -40.82 -8.76
C ASN B 504 -3.85 -40.50 -10.03
N ILE B 505 -3.15 -40.04 -11.04
CA ILE B 505 -3.78 -39.78 -12.33
C ILE B 505 -3.60 -41.05 -13.17
N ILE B 506 -2.38 -41.51 -13.29
CA ILE B 506 -2.13 -42.75 -14.00
C ILE B 506 -2.53 -44.02 -13.17
N THR B 507 -3.81 -44.12 -12.85
CA THR B 507 -4.43 -45.23 -12.10
C THR B 507 -4.51 -46.47 -12.98
N GLU B 508 -4.70 -47.61 -12.34
CA GLU B 508 -4.93 -48.92 -13.03
C GLU B 508 -6.03 -48.70 -14.12
N LYS B 509 -7.15 -48.12 -13.66
CA LYS B 509 -8.28 -47.83 -14.54
C LYS B 509 -8.03 -46.66 -15.49
N ARG B 510 -7.51 -45.58 -14.92
CA ARG B 510 -7.26 -44.42 -15.74
C ARG B 510 -6.00 -44.59 -16.57
N ASN B 511 -5.49 -45.82 -16.66
CA ASN B 511 -4.28 -46.04 -17.45
C ASN B 511 -4.65 -45.53 -18.83
N ARG B 512 -3.68 -45.33 -19.71
CA ARG B 512 -4.00 -44.81 -21.10
C ARG B 512 -3.99 -43.28 -21.22
N ILE B 513 -4.10 -42.56 -20.13
CA ILE B 513 -4.06 -41.11 -20.20
C ILE B 513 -2.65 -40.70 -20.71
N GLY B 514 -2.56 -39.92 -21.78
CA GLY B 514 -1.27 -39.57 -22.36
C GLY B 514 -0.44 -38.48 -21.73
N GLN B 515 0.87 -38.45 -21.99
CA GLN B 515 1.79 -37.43 -21.37
C GLN B 515 1.10 -36.09 -21.23
N GLN B 516 0.73 -35.55 -22.39
CA GLN B 516 0.06 -34.26 -22.54
C GLN B 516 -0.92 -34.02 -21.41
N THR B 517 -1.92 -34.88 -21.39
CA THR B 517 -2.99 -34.85 -20.43
C THR B 517 -2.43 -34.86 -19.03
N VAL B 518 -1.48 -35.73 -18.78
CA VAL B 518 -0.90 -35.80 -17.46
C VAL B 518 -0.20 -34.49 -17.08
N ASP B 519 0.72 -34.00 -17.91
CA ASP B 519 1.45 -32.75 -17.67
C ASP B 519 0.41 -31.67 -17.38
N SER B 520 -0.62 -31.60 -18.18
CA SER B 520 -1.69 -30.63 -18.00
C SER B 520 -2.39 -30.81 -16.66
N LEU B 521 -3.08 -31.93 -16.49
CA LEU B 521 -3.73 -32.25 -15.23
C LEU B 521 -2.89 -31.86 -13.98
N LEU B 522 -1.58 -32.06 -14.10
CA LEU B 522 -0.64 -31.79 -13.03
C LEU B 522 -0.38 -30.31 -12.89
N PHE B 523 -0.06 -29.68 -14.00
CA PHE B 523 0.22 -28.26 -14.02
C PHE B 523 -0.91 -27.40 -13.56
N LEU B 524 -2.07 -27.63 -14.18
CA LEU B 524 -3.24 -26.88 -13.86
C LEU B 524 -3.43 -26.97 -12.38
N ASN B 525 -3.50 -28.18 -11.85
CA ASN B 525 -3.72 -28.34 -10.40
C ASN B 525 -2.75 -27.49 -9.55
N SER B 526 -1.49 -27.40 -9.96
CA SER B 526 -0.45 -26.64 -9.24
C SER B 526 -0.76 -25.15 -9.36
N PHE B 527 -1.07 -24.77 -10.60
CA PHE B 527 -1.40 -23.40 -10.96
C PHE B 527 -2.53 -22.96 -10.04
N TYR B 528 -3.64 -23.65 -10.11
CA TYR B 528 -4.79 -23.35 -9.29
C TYR B 528 -4.48 -23.22 -7.78
N LYS B 529 -3.49 -23.96 -7.28
CA LYS B 529 -3.16 -23.88 -5.85
C LYS B 529 -2.37 -22.61 -5.60
N ASN B 530 -1.40 -22.34 -6.46
CA ASN B 530 -0.51 -21.20 -6.32
C ASN B 530 -1.01 -19.85 -6.81
N PHE B 531 -1.99 -19.85 -7.71
CA PHE B 531 -2.48 -18.59 -8.25
C PHE B 531 -3.93 -18.21 -8.00
N CYS B 532 -4.55 -18.82 -6.99
CA CYS B 532 -5.94 -18.52 -6.67
C CYS B 532 -6.29 -18.55 -5.16
N LYS B 533 -7.50 -18.07 -4.83
CA LYS B 533 -8.02 -17.98 -3.46
C LYS B 533 -9.30 -18.78 -3.26
N LEU G 7 1.38 18.56 -19.55
CA LEU G 7 1.18 19.94 -19.08
C LEU G 7 1.40 20.96 -20.22
N LYS G 8 0.43 21.85 -20.40
CA LYS G 8 0.44 22.88 -21.47
C LYS G 8 1.22 24.18 -21.29
N THR G 9 2.23 24.39 -22.15
CA THR G 9 3.00 25.64 -22.13
C THR G 9 2.08 26.63 -22.85
N VAL G 10 2.03 27.87 -22.37
CA VAL G 10 1.20 28.89 -23.00
C VAL G 10 2.06 29.60 -24.05
N SER G 11 1.44 30.45 -24.85
CA SER G 11 2.15 31.17 -25.91
C SER G 11 3.02 32.31 -25.38
N ALA G 12 3.98 32.79 -26.17
CA ALA G 12 4.81 33.92 -25.73
C ALA G 12 3.93 35.19 -25.79
N ASP G 13 2.75 35.02 -26.40
CA ASP G 13 1.72 36.06 -26.58
C ASP G 13 0.81 36.15 -25.34
N CYS G 14 0.57 35.02 -24.69
CA CYS G 14 -0.23 34.98 -23.47
C CYS G 14 0.73 35.09 -22.28
N LYS G 15 2.00 34.73 -22.50
CA LYS G 15 3.03 34.82 -21.47
C LYS G 15 3.28 36.32 -21.28
N LYS G 16 3.36 37.04 -22.39
CA LYS G 16 3.58 38.48 -22.36
C LYS G 16 2.49 39.22 -21.58
N GLU G 17 1.23 38.92 -21.87
CA GLU G 17 0.14 39.59 -21.17
C GLU G 17 0.05 39.19 -19.71
N ALA G 18 0.67 38.07 -19.33
CA ALA G 18 0.67 37.65 -17.92
C ALA G 18 1.72 38.47 -17.17
N ILE G 19 2.87 38.66 -17.78
CA ILE G 19 3.91 39.46 -17.18
C ILE G 19 3.30 40.80 -16.82
N GLU G 20 2.58 41.41 -17.76
CA GLU G 20 1.95 42.70 -17.49
C GLU G 20 1.03 42.63 -16.28
N LYS G 21 -0.12 41.98 -16.43
CA LYS G 21 -1.10 41.88 -15.35
C LYS G 21 -0.62 41.63 -13.90
N CYS G 22 0.51 40.94 -13.76
CA CYS G 22 1.10 40.66 -12.46
C CYS G 22 1.94 41.84 -12.00
N ALA G 23 2.67 42.47 -12.94
CA ALA G 23 3.51 43.65 -12.64
C ALA G 23 2.61 44.79 -12.16
N GLN G 24 1.41 44.86 -12.75
CA GLN G 24 0.41 45.84 -12.37
C GLN G 24 -0.12 45.53 -11.00
N TRP G 25 -0.68 44.33 -10.79
CA TRP G 25 -1.13 43.99 -9.46
C TRP G 25 -0.03 44.31 -8.45
N VAL G 26 1.22 44.11 -8.81
CA VAL G 26 2.29 44.45 -7.91
C VAL G 26 2.33 45.94 -7.53
N VAL G 27 2.11 46.85 -8.48
CA VAL G 27 2.12 48.28 -8.13
C VAL G 27 0.76 48.80 -7.73
N ARG G 28 -0.24 48.45 -8.50
CA ARG G 28 -1.61 48.87 -8.22
C ARG G 28 -2.11 48.58 -6.79
N ASP G 29 -1.70 47.44 -6.22
CA ASP G 29 -2.09 47.03 -4.86
C ASP G 29 -0.92 47.09 -3.89
N CYS G 30 0.24 47.50 -4.40
CA CYS G 30 1.48 47.62 -3.63
C CYS G 30 1.86 46.36 -2.87
N ARG G 31 2.34 45.35 -3.60
CA ARG G 31 2.77 44.09 -3.03
C ARG G 31 4.21 43.94 -3.42
N PRO G 32 4.89 42.95 -2.81
CA PRO G 32 6.31 42.71 -3.12
C PRO G 32 6.41 41.85 -4.37
N PHE G 33 7.54 41.89 -5.03
CA PHE G 33 7.69 41.11 -6.22
C PHE G 33 7.59 39.61 -5.85
N SER G 34 8.18 39.25 -4.71
CA SER G 34 8.15 37.86 -4.21
C SER G 34 6.71 37.32 -3.95
N ALA G 35 5.72 38.12 -4.29
CA ALA G 35 4.35 37.77 -4.06
C ALA G 35 3.91 36.67 -4.96
N VAL G 36 4.51 36.64 -6.16
CA VAL G 36 4.18 35.61 -7.15
C VAL G 36 4.79 34.25 -6.86
N SER G 37 6.08 34.22 -6.50
CA SER G 37 6.73 32.94 -6.21
C SER G 37 6.15 32.22 -4.97
N GLY G 38 5.38 32.97 -4.17
CA GLY G 38 4.75 32.39 -3.00
C GLY G 38 3.94 31.16 -3.33
N SER G 39 4.18 30.11 -2.56
CA SER G 39 3.54 28.78 -2.71
C SER G 39 2.02 28.69 -2.74
N GLY G 40 1.38 29.12 -1.65
CA GLY G 40 -0.07 29.08 -1.55
C GLY G 40 -0.76 29.97 -2.55
N PHE G 41 0.04 30.86 -3.13
CA PHE G 41 -0.40 31.80 -4.16
C PHE G 41 -0.53 30.99 -5.45
N ILE G 42 0.55 30.28 -5.78
CA ILE G 42 0.61 29.45 -6.98
C ILE G 42 -0.58 28.51 -7.03
N ASP G 43 -0.87 27.87 -5.90
CA ASP G 43 -1.99 26.93 -5.77
C ASP G 43 -3.35 27.57 -6.00
N MET G 44 -3.43 28.84 -5.62
CA MET G 44 -4.65 29.61 -5.78
C MET G 44 -4.80 29.96 -7.27
N ILE G 45 -3.70 30.44 -7.87
CA ILE G 45 -3.66 30.80 -9.29
C ILE G 45 -4.21 29.65 -10.14
N LYS G 46 -3.75 28.44 -9.80
CA LYS G 46 -4.17 27.22 -10.46
C LYS G 46 -5.68 27.12 -10.29
N PHE G 47 -6.19 27.22 -9.06
CA PHE G 47 -7.64 27.13 -8.86
C PHE G 47 -8.42 28.08 -9.75
N PHE G 48 -7.84 29.23 -10.05
CA PHE G 48 -8.52 30.18 -10.91
C PHE G 48 -8.50 29.77 -12.38
N ILE G 49 -7.38 29.21 -12.84
CA ILE G 49 -7.32 28.72 -14.20
C ILE G 49 -8.37 27.60 -14.32
N LYS G 50 -8.45 26.77 -13.29
CA LYS G 50 -9.41 25.67 -13.23
C LYS G 50 -10.86 26.16 -13.23
N VAL G 51 -11.06 27.39 -12.79
CA VAL G 51 -12.41 27.96 -12.78
C VAL G 51 -12.74 28.44 -14.21
N GLY G 52 -11.72 28.88 -14.94
CA GLY G 52 -11.90 29.36 -16.31
C GLY G 52 -12.38 28.25 -17.22
N ALA G 53 -11.63 27.16 -17.22
CA ALA G 53 -11.96 26.00 -18.04
C ALA G 53 -13.38 25.47 -17.77
N GLU G 54 -13.76 25.38 -16.50
CA GLU G 54 -15.09 24.87 -16.21
C GLU G 54 -16.21 25.91 -16.28
N TYR G 55 -15.88 27.18 -16.53
CA TYR G 55 -16.94 28.20 -16.57
C TYR G 55 -16.89 29.27 -17.66
N GLY G 56 -16.03 29.12 -18.65
CA GLY G 56 -15.97 30.13 -19.70
C GLY G 56 -15.15 31.28 -19.18
N GLU G 57 -15.32 32.50 -19.70
CA GLU G 57 -14.55 33.64 -19.18
C GLU G 57 -15.37 34.84 -18.72
N HIS G 58 -16.67 34.83 -18.96
CA HIS G 58 -17.54 35.93 -18.53
C HIS G 58 -18.08 35.62 -17.13
N VAL G 59 -17.19 35.57 -16.15
CA VAL G 59 -17.56 35.26 -14.76
C VAL G 59 -17.68 36.52 -13.90
N ASN G 60 -18.65 36.52 -12.98
CA ASN G 60 -18.84 37.66 -12.08
C ASN G 60 -17.70 37.58 -11.06
N VAL G 61 -16.52 38.05 -11.48
CA VAL G 61 -15.33 38.00 -10.65
C VAL G 61 -15.54 38.65 -9.27
N GLU G 62 -16.53 39.54 -9.14
CA GLU G 62 -16.86 40.19 -7.86
C GLU G 62 -17.70 39.22 -7.03
N GLU G 63 -18.64 38.58 -7.71
CA GLU G 63 -19.57 37.61 -7.11
C GLU G 63 -18.83 36.33 -6.75
N LEU G 64 -17.60 36.23 -7.24
CA LEU G 64 -16.79 35.07 -6.97
C LEU G 64 -15.92 35.35 -5.76
N LEU G 65 -14.91 36.19 -5.98
CA LEU G 65 -13.95 36.58 -4.94
C LEU G 65 -14.66 36.96 -3.68
N PRO G 66 -14.20 36.41 -2.55
CA PRO G 66 -14.79 36.69 -1.25
C PRO G 66 -14.27 37.97 -0.65
N SER G 67 -14.92 38.38 0.42
CA SER G 67 -14.52 39.60 1.08
C SER G 67 -13.42 39.27 2.08
N PRO G 68 -12.51 40.24 2.30
CA PRO G 68 -11.42 40.04 3.25
C PRO G 68 -11.94 39.63 4.62
N ILE G 69 -13.16 40.03 4.99
CA ILE G 69 -13.64 39.61 6.30
C ILE G 69 -14.19 38.18 6.26
N THR G 70 -14.48 37.70 5.06
CA THR G 70 -14.94 36.33 4.95
C THR G 70 -13.69 35.47 5.19
N LEU G 71 -12.60 35.80 4.48
CA LEU G 71 -11.32 35.10 4.65
C LEU G 71 -10.92 35.11 6.11
N SER G 72 -10.95 36.27 6.74
CA SER G 72 -10.58 36.32 8.14
C SER G 72 -11.50 35.47 8.98
N ARG G 73 -12.75 35.33 8.54
CA ARG G 73 -13.67 34.51 9.29
C ARG G 73 -13.42 33.02 9.10
N LYS G 74 -12.96 32.64 7.91
CA LYS G 74 -12.63 31.24 7.63
C LYS G 74 -11.32 30.91 8.36
N VAL G 75 -10.34 31.79 8.35
CA VAL G 75 -9.09 31.54 9.04
C VAL G 75 -9.23 31.26 10.56
N THR G 76 -10.29 31.76 11.17
CA THR G 76 -10.51 31.52 12.59
C THR G 76 -11.31 30.23 12.76
N SER G 77 -12.26 30.00 11.85
CA SER G 77 -13.08 28.78 11.88
C SER G 77 -12.27 27.53 11.44
N ASP G 78 -11.19 27.74 10.67
CA ASP G 78 -10.31 26.67 10.22
C ASP G 78 -9.40 26.31 11.36
N ALA G 79 -8.96 27.30 12.10
CA ALA G 79 -8.11 27.03 13.22
C ALA G 79 -8.86 26.03 14.13
N LYS G 80 -10.09 26.37 14.53
CA LYS G 80 -10.89 25.48 15.39
C LYS G 80 -10.98 24.06 14.79
N GLU G 81 -11.23 23.94 13.48
CA GLU G 81 -11.32 22.60 12.85
C GLU G 81 -9.99 21.86 12.85
N LYS G 82 -8.88 22.51 12.46
CA LYS G 82 -7.56 21.83 12.45
C LYS G 82 -6.95 21.59 13.85
N LYS G 83 -7.08 22.55 14.78
CA LYS G 83 -6.54 22.36 16.14
C LYS G 83 -7.21 21.14 16.78
N ALA G 84 -8.49 20.92 16.45
CA ALA G 84 -9.26 19.77 16.96
C ALA G 84 -8.87 18.51 16.19
N LEU G 85 -8.72 18.62 14.86
CA LEU G 85 -8.33 17.49 14.02
C LEU G 85 -7.04 16.85 14.50
N ILE G 86 -6.05 17.62 14.93
CA ILE G 86 -4.87 16.93 15.42
C ILE G 86 -4.85 16.71 16.94
N GLY G 87 -6.02 16.93 17.58
CA GLY G 87 -6.16 16.69 19.01
C GLY G 87 -5.55 15.31 19.29
N ARG G 88 -5.98 14.31 18.53
CA ARG G 88 -5.49 12.92 18.63
C ARG G 88 -3.95 12.80 18.63
N GLU G 89 -3.34 13.04 17.48
CA GLU G 89 -1.91 12.91 17.34
C GLU G 89 -1.10 13.57 18.45
N ILE G 90 -1.57 14.70 18.96
CA ILE G 90 -0.82 15.38 20.01
C ILE G 90 -1.08 14.81 21.39
N LYS G 91 -2.35 14.56 21.69
CA LYS G 91 -2.80 13.99 22.97
C LYS G 91 -1.90 12.78 23.15
N SER G 92 -1.86 11.97 22.10
CA SER G 92 -1.04 10.76 22.01
C SER G 92 0.43 11.08 22.34
N ALA G 93 1.18 11.58 21.37
CA ALA G 93 2.60 11.90 21.53
C ALA G 93 3.03 12.50 22.88
N VAL G 94 2.08 13.11 23.56
CA VAL G 94 2.35 13.73 24.85
C VAL G 94 2.47 12.75 26.03
N GLU G 95 1.55 11.79 26.11
CA GLU G 95 1.52 10.75 27.18
C GLU G 95 2.63 9.71 26.99
N LYS G 96 2.93 9.39 25.73
CA LYS G 96 4.00 8.46 25.37
C LYS G 96 5.35 9.15 25.62
N ASP G 97 5.44 9.95 26.70
CA ASP G 97 6.65 10.71 27.08
C ASP G 97 7.54 11.19 25.95
N GLY G 98 6.94 11.62 24.83
CA GLY G 98 7.75 12.05 23.70
C GLY G 98 7.55 13.45 23.17
N ALA G 99 6.97 14.31 24.01
CA ALA G 99 6.67 15.69 23.66
C ALA G 99 7.49 16.80 24.36
N SER G 100 8.22 17.59 23.56
CA SER G 100 9.02 18.72 24.06
C SER G 100 8.32 20.02 23.66
N ALA G 101 8.26 20.98 24.59
CA ALA G 101 7.65 22.28 24.34
C ALA G 101 8.56 23.49 24.70
N THR G 102 8.53 24.54 23.88
CA THR G 102 9.30 25.76 24.16
C THR G 102 8.26 26.80 24.61
N ILE G 103 8.67 27.68 25.52
CA ILE G 103 7.80 28.72 26.07
C ILE G 103 8.55 30.07 26.31
N ASP G 104 7.89 31.17 25.93
CA ASP G 104 8.43 32.53 26.10
C ASP G 104 7.29 33.59 26.04
N LEU G 105 7.58 34.75 26.63
CA LEU G 105 6.63 35.84 26.64
C LEU G 105 7.17 36.92 25.71
N TRP G 106 6.24 37.56 24.98
CA TRP G 106 6.53 38.64 24.04
C TRP G 106 5.31 39.55 23.88
N THR G 107 5.60 40.83 23.59
CA THR G 107 4.59 41.86 23.46
C THR G 107 4.77 42.79 22.23
N ASP G 108 3.70 42.88 21.42
CA ASP G 108 3.68 43.68 20.19
C ASP G 108 3.83 45.14 20.48
N ASN G 109 4.44 45.84 19.53
CA ASN G 109 4.69 47.27 19.64
C ASN G 109 3.57 48.15 19.06
N TYR G 110 2.33 47.67 19.14
CA TYR G 110 1.15 48.40 18.67
C TYR G 110 0.16 48.49 19.79
N ILE G 111 -0.87 47.66 19.79
CA ILE G 111 -1.87 47.68 20.87
C ILE G 111 -1.33 47.10 22.21
N LYS G 112 0.00 47.06 22.33
CA LYS G 112 0.75 46.56 23.50
C LYS G 112 0.17 45.36 24.26
N ARG G 113 -0.25 44.31 23.55
CA ARG G 113 -0.80 43.10 24.16
C ARG G 113 0.30 42.18 24.67
N ASN G 114 0.09 41.52 25.81
CA ASN G 114 1.10 40.60 26.33
C ASN G 114 0.85 39.15 25.94
N PHE G 115 1.84 38.59 25.25
CA PHE G 115 1.75 37.25 24.70
C PHE G 115 2.57 36.10 25.28
N LEU G 116 1.98 34.91 25.20
CA LEU G 116 2.58 33.64 25.64
C LEU G 116 2.64 32.77 24.40
N GLY G 117 3.87 32.42 24.02
CA GLY G 117 4.11 31.60 22.85
C GLY G 117 4.41 30.17 23.27
N VAL G 118 3.80 29.21 22.55
CA VAL G 118 3.99 27.80 22.85
C VAL G 118 4.27 26.92 21.64
N THR G 119 5.53 26.52 21.50
CA THR G 119 5.92 25.63 20.41
C THR G 119 5.84 24.19 20.96
N LEU G 120 5.57 23.22 20.08
CA LEU G 120 5.53 21.77 20.42
C LEU G 120 6.46 20.93 19.53
N HIS G 121 7.08 19.95 20.14
CA HIS G 121 7.99 19.13 19.40
C HIS G 121 7.82 17.66 19.72
N TYR G 122 7.91 16.83 18.69
CA TYR G 122 7.82 15.41 18.89
C TYR G 122 8.31 14.70 17.65
N HIS G 123 8.30 13.38 17.72
CA HIS G 123 8.75 12.52 16.64
C HIS G 123 7.66 11.63 15.97
N GLU G 124 7.69 11.58 14.63
CA GLU G 124 6.76 10.78 13.83
C GLU G 124 7.36 10.37 12.47
N ASN G 125 7.41 9.05 12.23
CA ASN G 125 8.02 8.50 11.02
C ASN G 125 9.43 9.01 11.02
N ASN G 126 10.14 9.06 9.91
CA ASN G 126 11.52 9.54 10.06
C ASN G 126 11.71 11.02 10.38
N GLU G 127 10.60 11.74 10.48
CA GLU G 127 10.58 13.19 10.71
C GLU G 127 10.33 13.79 12.11
N LEU G 128 10.91 14.98 12.25
CA LEU G 128 10.88 15.79 13.45
C LEU G 128 9.84 16.93 13.36
N ARG G 129 9.04 17.03 14.41
CA ARG G 129 8.01 18.05 14.50
C ARG G 129 8.47 19.42 15.08
N ASP G 130 7.95 20.48 14.48
CA ASP G 130 8.26 21.87 14.84
C ASP G 130 6.99 22.69 14.78
N LEU G 131 6.08 22.40 15.71
CA LEU G 131 4.81 23.08 15.73
C LEU G 131 4.73 24.39 16.54
N ILE G 132 3.61 25.09 16.36
CA ILE G 132 3.30 26.35 17.03
C ILE G 132 1.91 26.13 17.57
N LEU G 133 1.81 25.79 18.85
CA LEU G 133 0.50 25.54 19.43
C LEU G 133 -0.39 26.79 19.62
N GLY G 134 0.24 27.94 19.81
CA GLY G 134 -0.54 29.15 19.98
C GLY G 134 0.27 30.33 20.47
N LEU G 135 -0.31 31.51 20.31
CA LEU G 135 0.27 32.76 20.76
C LEU G 135 -0.95 33.41 21.36
N LYS G 136 -1.10 33.27 22.67
CA LYS G 136 -2.27 33.84 23.32
C LYS G 136 -1.93 34.91 24.36
N SER G 137 -2.78 35.94 24.39
CA SER G 137 -2.65 37.10 25.29
C SER G 137 -3.04 36.78 26.73
N LEU G 138 -2.34 37.39 27.67
CA LEU G 138 -2.59 37.21 29.10
C LEU G 138 -3.81 38.01 29.59
N ASP G 139 -4.61 38.53 28.64
CA ASP G 139 -5.79 39.35 28.90
C ASP G 139 -5.50 40.59 29.77
N PHE G 140 -4.20 40.93 29.83
CA PHE G 140 -3.62 42.06 30.55
C PHE G 140 -3.42 41.91 32.07
N GLU G 141 -3.87 40.79 32.65
CA GLU G 141 -3.77 40.52 34.10
C GLU G 141 -2.39 40.17 34.60
N ARG G 142 -1.66 41.20 35.04
CA ARG G 142 -0.29 41.04 35.54
C ARG G 142 0.50 40.14 34.58
N SER G 143 1.56 39.52 35.06
CA SER G 143 2.39 38.67 34.23
C SER G 143 2.90 37.57 35.14
N THR G 144 2.23 37.37 36.28
CA THR G 144 2.67 36.36 37.26
C THR G 144 2.58 34.93 36.79
N ALA G 145 3.55 34.15 37.25
CA ALA G 145 3.64 32.75 36.92
C ALA G 145 2.27 32.06 37.00
N GLU G 146 1.46 32.40 38.00
CA GLU G 146 0.14 31.81 38.17
C GLU G 146 -0.70 31.95 36.91
N ASN G 147 -0.46 33.05 36.18
CA ASN G 147 -1.18 33.33 34.95
C ASN G 147 -0.54 32.67 33.74
N ILE G 148 0.79 32.81 33.62
CA ILE G 148 1.52 32.18 32.52
C ILE G 148 1.09 30.73 32.49
N TYR G 149 1.16 30.09 33.64
CA TYR G 149 0.78 28.71 33.77
C TYR G 149 -0.67 28.58 33.32
N LYS G 150 -1.60 29.24 34.01
CA LYS G 150 -3.01 29.15 33.65
C LYS G 150 -3.30 29.23 32.14
N LYS G 151 -2.52 30.07 31.44
CA LYS G 151 -2.69 30.24 30.00
C LYS G 151 -2.09 29.04 29.25
N LEU G 152 -0.98 28.53 29.77
CA LEU G 152 -0.32 27.35 29.20
C LEU G 152 -1.33 26.20 29.15
N LYS G 153 -1.97 25.95 30.30
CA LYS G 153 -3.00 24.91 30.43
C LYS G 153 -4.09 25.20 29.41
N ALA G 154 -4.52 26.46 29.38
CA ALA G 154 -5.55 26.93 28.47
C ALA G 154 -5.24 26.68 26.96
N ILE G 155 -3.99 26.89 26.55
CA ILE G 155 -3.59 26.67 25.15
C ILE G 155 -3.76 25.20 24.86
N PHE G 156 -3.17 24.37 25.72
CA PHE G 156 -3.23 22.93 25.59
C PHE G 156 -4.67 22.38 25.62
N SER G 157 -5.52 22.84 26.54
CA SER G 157 -6.93 22.38 26.61
C SER G 157 -7.65 22.42 25.26
N GLN G 158 -7.15 23.22 24.32
CA GLN G 158 -7.73 23.34 22.98
C GLN G 158 -7.54 21.98 22.28
N PHE G 159 -6.35 21.40 22.45
CA PHE G 159 -5.99 20.11 21.86
C PHE G 159 -6.45 18.90 22.71
N ASN G 160 -7.00 19.19 23.88
CA ASN G 160 -7.50 18.20 24.84
C ASN G 160 -6.47 17.54 25.78
N VAL G 161 -5.28 18.15 25.84
CA VAL G 161 -4.18 17.70 26.69
C VAL G 161 -4.39 18.26 28.10
N GLU G 162 -4.50 17.40 29.10
CA GLU G 162 -4.74 17.87 30.48
C GLU G 162 -3.55 17.76 31.45
N ASP G 163 -2.86 16.61 31.40
CA ASP G 163 -1.73 16.37 32.28
C ASP G 163 -0.43 16.94 31.70
N LEU G 164 0.05 17.99 32.32
CA LEU G 164 1.22 18.65 31.80
C LEU G 164 2.57 18.17 32.33
N SER G 165 2.56 17.22 33.25
CA SER G 165 3.82 16.75 33.85
C SER G 165 4.82 16.10 32.90
N SER G 166 4.26 15.20 32.10
CA SER G 166 4.96 14.39 31.10
C SER G 166 5.70 15.18 30.01
N ILE G 167 5.51 16.50 30.00
CA ILE G 167 6.15 17.35 29.00
C ILE G 167 7.45 17.97 29.46
N LYS G 168 8.41 17.88 28.56
CA LYS G 168 9.74 18.40 28.77
C LYS G 168 9.71 19.78 28.16
N PHE G 169 9.81 20.82 29.01
CA PHE G 169 9.82 22.22 28.58
C PHE G 169 11.19 22.82 28.54
N VAL G 170 11.54 23.43 27.41
CA VAL G 170 12.81 24.13 27.30
C VAL G 170 12.48 25.65 27.22
N THR G 171 12.92 26.32 28.29
CA THR G 171 12.70 27.72 28.58
C THR G 171 14.01 28.48 28.67
N ASP G 172 13.89 29.79 28.76
CA ASP G 172 15.01 30.73 28.95
C ASP G 172 15.19 30.76 30.48
N ARG G 173 16.03 31.66 31.02
CA ARG G 173 16.16 31.67 32.48
C ARG G 173 15.23 32.63 33.24
N GLY G 174 14.34 33.27 32.47
CA GLY G 174 13.37 34.24 32.94
C GLY G 174 12.48 33.97 34.14
N ALA G 175 12.90 34.53 35.27
CA ALA G 175 12.25 34.45 36.57
C ALA G 175 10.73 34.15 36.63
N ASN G 176 9.94 34.82 35.79
CA ASN G 176 8.49 34.67 35.79
C ASN G 176 8.01 33.28 35.39
N VAL G 177 8.64 32.77 34.32
CA VAL G 177 8.36 31.46 33.71
C VAL G 177 8.84 30.34 34.62
N VAL G 178 10.14 30.37 34.93
CA VAL G 178 10.73 29.34 35.78
C VAL G 178 9.85 29.00 37.00
N LYS G 179 9.13 29.98 37.55
CA LYS G 179 8.27 29.73 38.70
C LYS G 179 6.93 29.00 38.35
N SER G 180 6.47 29.11 37.11
CA SER G 180 5.22 28.44 36.70
C SER G 180 5.50 26.98 36.35
N LEU G 181 6.77 26.72 36.05
CA LEU G 181 7.27 25.39 35.68
C LEU G 181 8.11 24.69 36.79
N ALA G 182 7.85 25.04 38.05
CA ALA G 182 8.56 24.43 39.16
C ALA G 182 7.97 23.04 39.33
N ASN G 183 6.74 22.91 38.84
CA ASN G 183 6.02 21.65 38.92
C ASN G 183 6.09 20.72 37.72
N ASN G 184 6.86 21.09 36.69
CA ASN G 184 7.01 20.27 35.49
C ASN G 184 8.46 20.32 35.06
N ILE G 185 8.80 19.49 34.10
CA ILE G 185 10.18 19.38 33.64
C ILE G 185 10.62 20.66 32.91
N ARG G 186 11.85 21.11 33.10
CA ARG G 186 12.27 22.29 32.42
C ARG G 186 13.76 22.32 32.23
N ILE G 187 14.19 22.59 31.00
CA ILE G 187 15.62 22.66 30.66
C ILE G 187 15.96 24.13 30.41
N ASN G 188 17.24 24.49 30.44
CA ASN G 188 17.60 25.89 30.21
C ASN G 188 18.10 26.08 28.80
N CYS G 189 17.59 27.12 28.16
CA CYS G 189 17.97 27.39 26.78
C CYS G 189 19.48 27.52 26.71
N SER G 190 20.14 26.53 26.14
CA SER G 190 21.59 26.59 26.00
C SER G 190 22.03 27.77 25.10
N SER G 191 21.06 28.45 24.48
CA SER G 191 21.38 29.59 23.64
C SER G 191 21.58 30.82 24.52
N HIS G 192 20.64 31.03 25.47
CA HIS G 192 20.72 32.13 26.44
C HIS G 192 21.91 31.86 27.34
N LEU G 193 22.07 30.62 27.80
CA LEU G 193 23.20 30.25 28.64
C LEU G 193 24.49 30.61 27.91
N LEU G 194 24.59 30.40 26.59
CA LEU G 194 25.82 30.79 25.91
C LEU G 194 25.93 32.33 25.88
N SER G 195 24.81 33.06 25.77
CA SER G 195 24.90 34.53 25.80
C SER G 195 25.37 34.94 27.22
N ASN G 196 24.61 34.56 28.26
CA ASN G 196 24.95 34.86 29.66
C ASN G 196 26.43 34.58 29.81
N VAL G 197 26.88 33.41 29.36
CA VAL G 197 28.29 33.07 29.44
C VAL G 197 29.16 34.04 28.61
N LEU G 198 28.70 34.47 27.45
CA LEU G 198 29.52 35.37 26.66
C LEU G 198 29.67 36.79 27.22
N GLU G 199 28.61 37.29 27.86
CA GLU G 199 28.67 38.64 28.44
C GLU G 199 29.54 38.66 29.71
N ASN G 200 29.28 37.77 30.66
CA ASN G 200 30.07 37.74 31.88
C ASN G 200 31.51 37.43 31.59
N SER G 201 31.79 36.80 30.45
CA SER G 201 33.18 36.47 30.09
C SER G 201 33.91 37.63 29.37
N PHE G 202 33.18 38.72 29.17
CA PHE G 202 33.74 39.91 28.55
C PHE G 202 33.85 41.03 29.59
N GLU G 203 32.91 41.04 30.51
CA GLU G 203 32.85 41.99 31.62
C GLU G 203 34.11 41.79 32.48
N GLU G 204 34.47 40.52 32.67
CA GLU G 204 35.63 40.12 33.45
C GLU G 204 36.91 40.20 32.64
N THR G 205 36.82 40.80 31.46
CA THR G 205 37.98 41.00 30.57
C THR G 205 37.96 42.46 30.06
N PRO G 206 38.09 43.44 31.00
CA PRO G 206 38.09 44.86 30.67
C PRO G 206 39.26 45.29 29.77
N GLU G 207 40.32 44.49 29.79
CA GLU G 207 41.54 44.73 29.00
C GLU G 207 41.20 44.97 27.54
N LEU G 208 40.01 44.51 27.16
CA LEU G 208 39.55 44.65 25.79
C LEU G 208 38.48 45.72 25.64
N ASN G 209 37.87 46.14 26.75
CA ASN G 209 36.85 47.18 26.74
C ASN G 209 37.26 48.29 25.79
N MET G 210 38.57 48.56 25.76
CA MET G 210 39.13 49.59 24.89
C MET G 210 39.09 49.24 23.40
N PRO G 211 39.83 48.19 22.94
CA PRO G 211 39.74 47.92 21.50
C PRO G 211 38.31 47.65 20.98
N ILE G 212 37.37 47.42 21.90
CA ILE G 212 35.95 47.20 21.56
C ILE G 212 35.27 48.56 21.40
N LEU G 213 35.37 49.42 22.42
CA LEU G 213 34.76 50.76 22.39
C LEU G 213 35.41 51.64 21.31
N ALA G 214 36.62 51.28 20.88
CA ALA G 214 37.33 52.01 19.84
C ALA G 214 36.72 51.59 18.51
N CYS G 215 36.50 50.29 18.38
CA CYS G 215 35.92 49.70 17.18
C CYS G 215 34.45 50.07 17.09
N LYS G 216 33.76 50.00 18.22
CA LYS G 216 32.34 50.32 18.31
C LYS G 216 32.05 51.72 17.78
N ASN G 217 33.11 52.54 17.73
CA ASN G 217 33.02 53.92 17.25
C ASN G 217 33.25 54.12 15.75
N ILE G 218 34.03 53.26 15.10
CA ILE G 218 34.27 53.39 13.64
C ILE G 218 32.92 53.29 12.94
N VAL G 219 32.03 52.52 13.56
CA VAL G 219 30.67 52.31 13.08
C VAL G 219 29.86 53.60 13.32
N LYS G 220 29.60 53.91 14.59
CA LYS G 220 28.85 55.12 14.96
C LYS G 220 29.23 56.32 14.10
N TYR G 221 30.51 56.46 13.79
CA TYR G 221 31.00 57.56 12.96
C TYR G 221 30.58 57.39 11.51
N PHE G 222 30.71 56.17 10.99
CA PHE G 222 30.36 55.87 9.61
C PHE G 222 28.86 56.06 9.26
N LYS G 223 27.99 55.89 10.27
CA LYS G 223 26.54 56.04 10.12
C LYS G 223 26.18 57.52 10.10
N LYS G 224 26.72 58.24 11.09
CA LYS G 224 26.55 59.68 11.27
C LYS G 224 27.03 60.43 10.01
N ALA G 225 28.32 60.27 9.66
CA ALA G 225 28.91 60.90 8.47
C ALA G 225 28.66 60.07 7.20
N ASN G 226 27.39 59.72 6.97
CA ASN G 226 26.90 58.93 5.83
C ASN G 226 27.83 58.38 4.72
N LEU G 227 28.82 57.56 5.10
CA LEU G 227 29.71 56.94 4.09
C LEU G 227 29.53 55.41 4.08
N GLN G 228 28.66 54.94 4.99
CA GLN G 228 28.32 53.54 5.10
C GLN G 228 27.91 53.11 3.70
N HIS G 229 27.38 54.08 2.98
CA HIS G 229 26.93 53.86 1.63
C HIS G 229 27.90 53.08 0.74
N ARG G 230 29.19 53.42 0.74
CA ARG G 230 30.10 52.65 -0.12
C ARG G 230 31.18 51.74 0.43
N LEU G 231 30.72 50.72 1.15
CA LEU G 231 31.57 49.70 1.72
C LEU G 231 31.42 48.42 0.89
N ARG G 232 30.16 48.06 0.61
CA ARG G 232 29.69 46.87 -0.14
C ARG G 232 28.92 45.99 0.85
N SER G 233 29.32 46.07 2.12
CA SER G 233 28.67 45.38 3.24
C SER G 233 28.88 46.32 4.44
N SER G 234 27.79 46.89 4.93
CA SER G 234 27.80 47.83 6.02
C SER G 234 28.57 47.38 7.25
N LEU G 235 28.87 48.33 8.12
CA LEU G 235 29.54 48.04 9.40
C LEU G 235 28.37 47.99 10.37
N LYS G 236 28.27 46.94 11.17
CA LYS G 236 27.14 46.81 12.06
C LYS G 236 27.36 47.24 13.51
N SER G 237 26.29 47.67 14.14
CA SER G 237 26.31 48.07 15.54
C SER G 237 25.96 46.83 16.35
N GLU G 238 26.04 46.96 17.67
CA GLU G 238 25.77 45.86 18.60
C GLU G 238 24.34 45.40 18.91
N CYS G 239 23.48 46.36 19.24
CA CYS G 239 22.09 46.07 19.64
C CYS G 239 22.01 44.96 20.72
N PRO G 240 23.01 44.89 21.62
CA PRO G 240 23.22 43.95 22.75
C PRO G 240 22.30 42.77 23.07
N THR G 241 20.99 42.92 22.84
CA THR G 241 20.03 41.83 23.09
C THR G 241 20.43 40.65 22.21
N ARG G 242 21.15 40.96 21.13
CA ARG G 242 21.58 39.94 20.18
C ARG G 242 22.68 38.97 20.63
N TRP G 243 22.48 37.71 20.25
CA TRP G 243 23.39 36.67 20.59
C TRP G 243 24.60 36.85 19.75
N ASN G 244 25.75 36.94 20.42
CA ASN G 244 27.05 37.09 19.78
C ASN G 244 27.18 38.46 19.06
N SER G 245 26.43 39.42 19.58
CA SER G 245 26.40 40.79 19.07
C SER G 245 27.80 41.28 18.64
N THR G 246 28.72 41.22 19.60
CA THR G 246 30.10 41.64 19.43
C THR G 246 30.74 41.11 18.16
N TYR G 247 30.71 39.78 18.00
CA TYR G 247 31.29 39.10 16.84
C TYR G 247 30.95 39.78 15.51
N THR G 248 29.65 39.85 15.22
CA THR G 248 29.15 40.45 13.97
C THR G 248 29.77 41.83 13.77
N MET G 249 29.76 42.61 14.86
CA MET G 249 30.28 43.97 14.87
C MET G 249 31.76 44.12 14.54
N LEU G 250 32.58 43.27 15.13
CA LEU G 250 34.01 43.34 14.88
C LEU G 250 34.32 42.64 13.57
N ARG G 251 33.43 41.73 13.17
CA ARG G 251 33.65 41.01 11.93
C ARG G 251 33.52 41.96 10.76
N SER G 252 32.43 42.73 10.78
CA SER G 252 32.12 43.73 9.75
C SER G 252 33.32 44.64 9.45
N ILE G 253 34.04 44.99 10.52
CA ILE G 253 35.20 45.85 10.41
C ILE G 253 36.30 45.12 9.63
N LEU G 254 36.50 43.86 9.98
CA LEU G 254 37.52 43.02 9.35
C LEU G 254 37.29 42.68 7.89
N ASP G 255 36.07 42.25 7.60
CA ASP G 255 35.70 41.87 6.23
C ASP G 255 35.84 43.10 5.32
N ASN G 256 35.89 44.28 5.97
CA ASN G 256 36.01 45.58 5.29
C ASN G 256 37.22 46.41 5.73
N TRP G 257 38.25 45.79 6.32
CA TRP G 257 39.44 46.51 6.78
C TRP G 257 40.19 47.30 5.69
N GLU G 258 40.28 46.75 4.48
CA GLU G 258 40.97 47.43 3.38
C GLU G 258 40.19 48.63 2.87
N SER G 259 38.88 48.52 2.90
CA SER G 259 38.02 49.61 2.45
C SER G 259 37.86 50.70 3.53
N VAL G 260 38.08 50.36 4.80
CA VAL G 260 37.96 51.34 5.91
C VAL G 260 39.22 52.18 6.15
N ILE G 261 40.41 51.58 6.08
CA ILE G 261 41.65 52.35 6.26
C ILE G 261 41.80 53.31 5.07
N GLN G 262 41.40 52.81 3.89
CA GLN G 262 41.41 53.58 2.65
C GLN G 262 40.61 54.87 2.85
N ILE G 263 39.31 54.71 3.03
CA ILE G 263 38.37 55.81 3.23
C ILE G 263 38.71 56.70 4.44
N LEU G 264 39.39 56.16 5.45
CA LEU G 264 39.77 56.96 6.61
C LEU G 264 41.04 57.82 6.39
N SER G 265 41.92 57.39 5.49
CA SER G 265 43.15 58.13 5.16
C SER G 265 42.90 59.34 4.24
N GLU G 266 41.80 59.28 3.48
CA GLU G 266 41.41 60.36 2.57
C GLU G 266 40.24 61.21 3.16
N ALA G 267 40.04 61.11 4.47
CA ALA G 267 39.01 61.88 5.17
C ALA G 267 39.55 62.35 6.52
N GLY G 268 40.89 62.34 6.61
CA GLY G 268 41.63 62.81 7.77
C GLY G 268 41.29 62.39 9.19
N GLU G 269 40.65 61.23 9.34
CA GLU G 269 40.29 60.74 10.65
C GLU G 269 41.02 59.44 11.00
N THR G 270 42.23 59.27 10.47
CA THR G 270 43.04 58.07 10.73
C THR G 270 43.46 58.02 12.21
N GLN G 271 42.85 58.85 13.06
CA GLN G 271 43.13 58.88 14.50
C GLN G 271 42.31 57.82 15.25
N ARG G 272 41.21 57.39 14.64
CA ARG G 272 40.31 56.39 15.21
C ARG G 272 40.83 54.94 15.10
N ILE G 273 41.30 54.59 13.90
CA ILE G 273 41.80 53.25 13.56
C ILE G 273 43.20 52.83 14.08
N VAL G 274 44.12 53.79 14.18
CA VAL G 274 45.48 53.53 14.64
C VAL G 274 45.59 52.99 16.07
N HIS G 275 44.71 53.43 16.96
CA HIS G 275 44.74 53.00 18.37
C HIS G 275 44.23 51.58 18.68
N ILE G 276 43.79 50.85 17.65
CA ILE G 276 43.29 49.48 17.84
C ILE G 276 44.21 48.52 17.09
N ASN G 277 44.74 47.55 17.83
CA ASN G 277 45.63 46.56 17.27
C ASN G 277 44.82 45.53 16.47
N LYS G 278 45.07 45.42 15.16
CA LYS G 278 44.36 44.48 14.28
C LYS G 278 44.44 43.01 14.71
N SER G 279 45.60 42.59 15.19
CA SER G 279 45.77 41.21 15.64
C SER G 279 44.93 40.84 16.88
N ILE G 280 44.70 41.77 17.81
CA ILE G 280 43.87 41.48 19.00
C ILE G 280 42.41 41.40 18.55
N ILE G 281 42.16 41.63 17.26
CA ILE G 281 40.81 41.58 16.71
C ILE G 281 40.64 40.30 15.88
N GLN G 282 41.51 40.09 14.90
CA GLN G 282 41.49 38.89 14.04
C GLN G 282 41.33 37.66 14.91
N THR G 283 41.97 37.70 16.07
CA THR G 283 41.92 36.62 17.05
C THR G 283 40.51 36.53 17.65
N MET G 284 39.96 37.68 18.04
CA MET G 284 38.63 37.72 18.64
C MET G 284 37.53 37.10 17.78
N VAL G 285 37.60 37.32 16.46
CA VAL G 285 36.60 36.74 15.59
C VAL G 285 36.81 35.22 15.56
N ASN G 286 38.06 34.76 15.39
CA ASN G 286 38.34 33.34 15.34
C ASN G 286 37.80 32.55 16.52
N ILE G 287 37.72 33.20 17.67
CA ILE G 287 37.21 32.57 18.87
C ILE G 287 35.68 32.64 18.89
N LEU G 288 35.14 33.73 18.35
CA LEU G 288 33.69 33.92 18.29
C LEU G 288 33.10 33.30 17.00
N ASP G 289 33.98 33.01 16.05
CA ASP G 289 33.61 32.42 14.75
C ASP G 289 33.07 31.05 15.09
N GLY G 290 33.78 30.39 16.00
CA GLY G 290 33.37 29.09 16.47
C GLY G 290 32.09 29.26 17.27
N PHE G 291 32.03 30.34 18.04
CA PHE G 291 30.86 30.60 18.83
C PHE G 291 29.59 30.76 18.00
N GLU G 292 29.74 31.22 16.75
CA GLU G 292 28.60 31.40 15.86
C GLU G 292 28.02 30.05 15.53
N ARG G 293 28.81 29.25 14.84
CA ARG G 293 28.41 27.91 14.44
C ARG G 293 27.71 27.23 15.61
N ILE G 294 28.31 27.30 16.79
CA ILE G 294 27.71 26.68 17.98
C ILE G 294 26.34 27.28 18.26
N PHE G 295 26.24 28.58 18.00
CA PHE G 295 25.00 29.32 18.20
C PHE G 295 23.92 28.87 17.25
N LYS G 296 24.28 28.76 15.97
CA LYS G 296 23.35 28.35 14.95
C LYS G 296 22.88 26.93 15.21
N GLU G 297 23.82 26.02 15.42
CA GLU G 297 23.49 24.62 15.69
C GLU G 297 22.50 24.46 16.83
N LEU G 298 22.68 25.27 17.86
CA LEU G 298 21.81 25.19 19.01
C LEU G 298 20.40 25.69 18.83
N GLN G 299 20.13 26.28 17.68
CA GLN G 299 18.81 26.83 17.41
C GLN G 299 17.98 25.96 16.49
N THR G 300 18.63 24.94 15.92
CA THR G 300 17.97 24.04 14.98
C THR G 300 16.76 23.32 15.54
N CYS G 301 15.80 23.08 14.67
CA CYS G 301 14.61 22.36 15.05
C CYS G 301 14.11 21.41 13.98
N SER G 302 14.84 21.37 12.87
CA SER G 302 14.57 20.46 11.78
C SER G 302 15.18 19.11 12.21
N SER G 303 16.48 19.10 12.50
CA SER G 303 17.15 17.89 12.95
C SER G 303 17.31 17.97 14.47
N PRO G 304 17.74 16.87 15.13
CA PRO G 304 17.86 17.04 16.57
C PRO G 304 19.05 17.93 16.91
N SER G 305 18.85 18.59 18.04
CA SER G 305 19.82 19.53 18.53
C SER G 305 20.22 19.22 19.95
N LEU G 306 19.25 18.83 20.80
CA LEU G 306 19.58 18.60 22.22
C LEU G 306 20.85 17.81 22.49
N CYS G 307 21.04 16.75 21.72
CA CYS G 307 22.24 15.95 21.90
C CYS G 307 23.51 16.80 21.76
N PHE G 308 23.51 17.69 20.78
CA PHE G 308 24.65 18.57 20.48
C PHE G 308 25.09 19.59 21.51
N VAL G 309 24.44 19.65 22.67
CA VAL G 309 24.80 20.61 23.72
C VAL G 309 26.24 20.38 24.23
N VAL G 310 26.38 19.21 24.84
CA VAL G 310 27.62 18.74 25.45
C VAL G 310 28.88 18.81 24.59
N PRO G 311 28.81 18.38 23.32
CA PRO G 311 30.00 18.43 22.45
C PRO G 311 30.42 19.86 22.13
N SER G 312 29.45 20.80 22.20
CA SER G 312 29.65 22.24 21.95
C SER G 312 30.49 22.78 23.09
N ILE G 313 30.07 22.43 24.30
CA ILE G 313 30.78 22.80 25.52
C ILE G 313 32.23 22.32 25.34
N LEU G 314 32.37 21.17 24.71
CA LEU G 314 33.68 20.62 24.46
C LEU G 314 34.34 21.39 23.31
N LYS G 315 33.54 21.92 22.39
CA LYS G 315 34.07 22.68 21.26
C LYS G 315 34.62 24.00 21.77
N VAL G 316 34.01 24.47 22.85
CA VAL G 316 34.37 25.72 23.52
C VAL G 316 35.72 25.51 24.18
N LYS G 317 35.74 24.65 25.18
CA LYS G 317 36.93 24.32 25.93
C LYS G 317 38.14 24.06 25.01
N GLU G 318 37.88 23.67 23.76
CA GLU G 318 38.95 23.41 22.80
C GLU G 318 39.48 24.64 22.11
N ILE G 319 38.66 25.69 22.00
CA ILE G 319 39.12 26.92 21.36
C ILE G 319 39.80 27.84 22.40
N CYS G 320 39.34 27.72 23.63
CA CYS G 320 39.87 28.50 24.77
C CYS G 320 40.97 27.70 25.51
N SER G 321 41.56 26.76 24.78
CA SER G 321 42.63 25.87 25.24
C SER G 321 43.87 26.72 25.60
N PRO G 322 44.22 26.84 26.91
CA PRO G 322 45.38 27.63 27.31
C PRO G 322 46.48 27.36 26.27
N ASP G 323 47.02 28.43 25.68
CA ASP G 323 48.00 28.29 24.58
C ASP G 323 49.40 28.93 24.64
N VAL G 324 49.53 30.09 25.28
CA VAL G 324 50.81 30.83 25.41
C VAL G 324 51.35 31.58 24.16
N GLY G 325 51.04 31.11 22.96
CA GLY G 325 51.47 31.83 21.75
C GLY G 325 50.61 33.09 21.62
N ASP G 326 49.63 33.18 22.52
CA ASP G 326 48.65 34.26 22.65
C ASP G 326 49.25 35.57 23.21
N VAL G 327 48.44 36.62 23.14
CA VAL G 327 48.79 37.94 23.70
C VAL G 327 48.25 37.81 25.15
N ALA G 328 48.87 38.52 26.08
CA ALA G 328 48.46 38.47 27.48
C ALA G 328 46.95 38.61 27.74
N ASP G 329 46.30 39.48 26.98
CA ASP G 329 44.85 39.75 27.13
C ASP G 329 43.95 38.58 26.65
N ILE G 330 44.28 38.01 25.48
CA ILE G 330 43.54 36.89 24.87
C ILE G 330 43.47 35.76 25.91
N ALA G 331 44.65 35.34 26.36
CA ALA G 331 44.81 34.28 27.34
C ALA G 331 43.96 34.49 28.60
N LYS G 332 43.73 35.74 28.98
CA LYS G 332 42.92 36.04 30.16
C LYS G 332 41.46 35.76 29.83
N LEU G 333 41.06 36.16 28.63
CA LEU G 333 39.71 35.98 28.14
C LEU G 333 39.31 34.49 28.22
N LYS G 334 40.12 33.65 27.58
CA LYS G 334 39.91 32.21 27.52
C LYS G 334 39.63 31.66 28.92
N VAL G 335 40.57 31.91 29.83
CA VAL G 335 40.48 31.49 31.24
C VAL G 335 39.11 31.81 31.87
N ASN G 336 38.51 32.91 31.43
CA ASN G 336 37.22 33.32 31.95
C ASN G 336 36.08 32.54 31.30
N ILE G 337 36.09 32.46 29.97
CA ILE G 337 35.03 31.73 29.25
C ILE G 337 34.91 30.37 29.90
N ILE G 338 36.07 29.72 30.00
CA ILE G 338 36.23 28.39 30.57
C ILE G 338 35.65 28.23 31.97
N LYS G 339 35.80 29.25 32.80
CA LYS G 339 35.30 29.24 34.18
C LYS G 339 33.76 29.37 34.17
N ASN G 340 33.27 30.28 33.34
CA ASN G 340 31.84 30.56 33.24
C ASN G 340 31.06 29.41 32.58
N VAL G 341 31.73 28.70 31.67
CA VAL G 341 31.13 27.55 30.97
C VAL G 341 30.70 26.57 32.05
N ARG G 342 31.47 26.57 33.13
CA ARG G 342 31.22 25.70 34.27
C ARG G 342 30.10 26.18 35.20
N ILE G 343 30.26 27.40 35.73
CA ILE G 343 29.30 27.98 36.70
C ILE G 343 27.95 28.45 36.16
N ILE G 344 27.92 28.68 34.85
CA ILE G 344 26.72 29.14 34.15
C ILE G 344 26.06 28.02 33.30
N TRP G 345 26.81 27.51 32.31
CA TRP G 345 26.31 26.45 31.43
C TRP G 345 26.20 25.13 32.19
N GLU G 346 27.34 24.44 32.37
CA GLU G 346 27.40 23.16 33.08
C GLU G 346 26.56 23.10 34.34
N GLU G 347 26.69 24.10 35.20
CA GLU G 347 25.94 24.15 36.45
C GLU G 347 24.42 24.13 36.16
N ASN G 348 24.08 24.58 34.96
CA ASN G 348 22.69 24.64 34.57
C ASN G 348 22.17 23.62 33.55
N LEU G 349 22.97 22.61 33.26
CA LEU G 349 22.56 21.54 32.36
C LEU G 349 21.78 20.56 33.24
N SER G 350 21.26 19.50 32.65
CA SER G 350 20.53 18.50 33.44
C SER G 350 20.86 17.08 32.97
N ILE G 351 20.22 16.08 33.61
CA ILE G 351 20.43 14.69 33.23
C ILE G 351 20.21 14.56 31.70
N TRP G 352 19.07 15.09 31.24
CA TRP G 352 18.64 15.11 29.84
C TRP G 352 19.74 15.50 28.86
N HIS G 353 20.46 16.57 29.15
CA HIS G 353 21.55 17.04 28.26
C HIS G 353 22.65 16.01 28.05
N TYR G 354 22.95 15.32 29.15
CA TYR G 354 23.98 14.29 29.27
C TYR G 354 23.52 12.99 28.62
N THR G 355 22.31 12.56 28.99
CA THR G 355 21.67 11.37 28.44
C THR G 355 21.60 11.46 26.90
N ALA G 356 21.17 12.61 26.40
CA ALA G 356 21.09 12.82 24.95
C ALA G 356 22.46 12.89 24.23
N PHE G 357 23.56 13.24 24.90
CA PHE G 357 24.81 13.22 24.15
C PHE G 357 25.11 11.75 24.00
N PHE G 358 24.69 10.98 24.99
CA PHE G 358 24.88 9.54 25.00
C PHE G 358 24.14 8.96 23.79
N PHE G 359 22.84 9.25 23.66
CA PHE G 359 22.04 8.75 22.55
C PHE G 359 22.44 9.08 21.12
N TYR G 360 23.60 9.69 20.94
CA TYR G 360 24.09 9.96 19.61
C TYR G 360 25.23 8.95 19.50
N PRO G 361 24.93 7.77 18.91
CA PRO G 361 25.80 6.63 18.67
C PRO G 361 27.26 6.68 18.99
N PRO G 362 28.02 7.63 18.43
CA PRO G 362 29.37 7.41 19.05
C PRO G 362 29.43 7.81 20.65
N ALA G 363 28.88 6.85 21.43
CA ALA G 363 28.63 6.75 22.91
C ALA G 363 29.79 6.74 23.88
N LEU G 364 30.98 6.38 23.38
CA LEU G 364 32.21 6.35 24.20
C LEU G 364 32.29 7.59 25.10
N HIS G 365 32.62 8.74 24.51
CA HIS G 365 32.77 10.04 25.20
C HIS G 365 32.39 10.21 26.69
N MET G 366 31.10 10.22 26.99
CA MET G 366 30.67 10.39 28.38
C MET G 366 30.86 9.16 29.26
N GLN G 367 31.92 8.39 29.01
CA GLN G 367 32.21 7.17 29.79
C GLN G 367 32.32 7.52 31.26
N GLN G 368 32.57 8.79 31.52
CA GLN G 368 32.69 9.32 32.87
C GLN G 368 31.42 9.01 33.62
N GLU G 369 31.53 9.15 34.95
CA GLU G 369 30.48 8.90 35.93
C GLU G 369 29.08 8.92 35.32
N LYS G 370 28.90 9.85 34.40
CA LYS G 370 27.68 10.06 33.63
C LYS G 370 26.95 8.74 33.39
N VAL G 371 27.67 7.90 32.66
CA VAL G 371 27.24 6.59 32.23
C VAL G 371 26.38 5.79 33.23
N ALA G 372 26.62 5.99 34.53
CA ALA G 372 25.88 5.30 35.60
C ALA G 372 24.59 6.02 36.03
N GLN G 373 24.66 7.36 36.01
CA GLN G 373 23.52 8.20 36.36
C GLN G 373 22.59 8.07 35.19
N ILE G 374 23.18 8.12 33.99
CA ILE G 374 22.45 7.98 32.75
C ILE G 374 21.62 6.70 32.79
N LYS G 375 22.28 5.57 33.03
CA LYS G 375 21.60 4.29 33.07
C LYS G 375 20.46 4.38 34.10
N GLU G 376 20.82 4.72 35.34
CA GLU G 376 19.85 4.86 36.45
C GLU G 376 18.55 5.56 36.00
N PHE G 377 18.77 6.64 35.24
CA PHE G 377 17.76 7.52 34.65
C PHE G 377 16.90 6.81 33.62
N CYS G 378 17.56 6.26 32.60
CA CYS G 378 16.89 5.57 31.50
C CYS G 378 16.00 4.45 32.00
N LEU G 379 16.48 3.73 33.00
CA LEU G 379 15.72 2.64 33.56
C LEU G 379 14.47 3.17 34.25
N SER G 380 14.60 4.29 34.94
CA SER G 380 13.45 4.90 35.60
C SER G 380 12.41 5.39 34.56
N LYS G 381 12.92 5.89 33.43
CA LYS G 381 12.06 6.37 32.35
C LYS G 381 11.39 5.24 31.54
N MET G 382 12.14 4.19 31.18
CA MET G 382 11.60 3.06 30.40
C MET G 382 10.48 2.30 31.09
N GLU G 383 10.45 2.35 32.42
CA GLU G 383 9.41 1.68 33.23
C GLU G 383 8.06 2.36 33.02
N ASP G 384 8.10 3.70 33.00
CA ASP G 384 6.93 4.58 32.81
C ASP G 384 6.23 4.28 31.49
N LEU G 385 7.02 3.86 30.50
CA LEU G 385 6.53 3.53 29.17
C LEU G 385 5.84 2.13 29.10
N GLU G 386 5.90 1.35 30.19
CA GLU G 386 5.26 0.01 30.29
C GLU G 386 3.86 0.09 30.91
N LEU G 387 3.50 1.30 31.31
CA LEU G 387 2.22 1.64 31.88
C LEU G 387 1.41 2.18 30.66
N ILE G 388 1.88 1.77 29.47
CA ILE G 388 1.30 2.13 28.17
C ILE G 388 0.17 1.13 27.86
N SER G 417 9.46 -41.17 21.60
CA SER G 417 8.47 -41.29 20.54
C SER G 417 7.47 -40.10 20.40
N HIS G 418 8.00 -38.89 20.27
CA HIS G 418 7.17 -37.70 20.14
C HIS G 418 7.87 -36.37 19.81
N SER G 419 8.85 -36.38 18.90
CA SER G 419 9.54 -35.15 18.51
C SER G 419 8.69 -34.50 17.41
N LYS G 420 7.38 -34.40 17.67
CA LYS G 420 6.42 -33.80 16.74
C LYS G 420 5.54 -32.78 17.50
N ASP G 421 5.34 -33.04 18.79
CA ASP G 421 4.55 -32.15 19.66
C ASP G 421 5.57 -31.24 20.31
N ILE G 422 6.29 -30.50 19.48
CA ILE G 422 7.32 -29.58 19.96
C ILE G 422 7.70 -28.73 18.74
N SER G 423 7.83 -27.43 18.99
CA SER G 423 8.13 -26.40 18.00
C SER G 423 9.41 -26.50 17.23
N THR G 424 9.28 -26.27 15.94
CA THR G 424 10.41 -26.33 15.06
C THR G 424 11.59 -25.58 15.58
N THR G 425 11.32 -24.44 16.22
CA THR G 425 12.36 -23.55 16.76
C THR G 425 13.09 -24.15 17.93
N SER G 426 12.29 -24.68 18.87
CA SER G 426 12.78 -25.35 20.08
C SER G 426 13.60 -26.56 19.70
N PHE G 427 13.16 -27.21 18.63
CA PHE G 427 13.82 -28.38 18.13
C PHE G 427 15.24 -28.07 17.63
N PHE G 428 15.39 -27.13 16.69
CA PHE G 428 16.74 -26.85 16.15
C PHE G 428 17.67 -26.05 17.00
N PHE G 429 17.04 -25.22 17.81
CA PHE G 429 17.77 -24.34 18.69
C PHE G 429 17.10 -24.36 20.03
N PRO G 430 17.51 -25.31 20.88
CA PRO G 430 16.87 -25.34 22.20
C PRO G 430 17.58 -24.29 23.12
N GLN G 431 18.85 -24.05 22.81
CA GLN G 431 19.73 -23.12 23.50
C GLN G 431 19.41 -21.62 23.26
N LEU G 432 18.53 -21.33 22.31
CA LEU G 432 18.19 -19.95 22.08
C LEU G 432 16.75 -19.77 22.47
N THR G 433 16.10 -20.84 22.87
CA THR G 433 14.71 -20.79 23.32
C THR G 433 14.65 -20.67 24.84
N GLN G 434 15.54 -21.40 25.52
CA GLN G 434 15.61 -21.42 26.99
C GLN G 434 16.16 -20.13 27.59
N ASN G 435 17.09 -19.49 26.87
CA ASN G 435 17.69 -18.23 27.31
C ASN G 435 16.64 -17.08 27.37
N ASN G 436 15.88 -16.88 26.28
CA ASN G 436 14.88 -15.80 26.21
C ASN G 436 13.37 -16.11 26.20
N SER G 437 12.89 -16.95 25.27
CA SER G 437 11.46 -17.29 25.17
C SER G 437 10.78 -17.72 26.48
N ARG G 438 11.56 -18.16 27.46
CA ARG G 438 11.04 -18.60 28.76
C ARG G 438 10.87 -17.42 29.73
N GLU G 439 11.09 -16.18 29.23
CA GLU G 439 11.01 -14.91 29.99
C GLU G 439 10.42 -13.78 29.09
N PRO G 440 9.98 -12.63 29.69
CA PRO G 440 9.46 -11.56 28.81
C PRO G 440 10.66 -11.06 27.94
N PRO G 441 10.49 -10.96 26.60
CA PRO G 441 11.47 -10.55 25.55
C PRO G 441 12.95 -10.24 25.94
N VAL G 442 13.39 -9.03 25.59
CA VAL G 442 14.72 -8.48 25.91
C VAL G 442 14.22 -7.47 26.91
N CYS G 443 15.10 -6.89 27.71
CA CYS G 443 14.56 -5.91 28.65
C CYS G 443 15.46 -4.71 28.97
N PRO G 444 14.87 -3.66 29.57
CA PRO G 444 15.57 -2.45 29.95
C PRO G 444 17.08 -2.60 30.05
N SER G 445 17.56 -3.02 31.23
CA SER G 445 18.98 -3.18 31.53
C SER G 445 19.81 -3.93 30.48
N ASP G 446 19.13 -4.78 29.72
CA ASP G 446 19.73 -5.58 28.67
C ASP G 446 19.91 -4.73 27.42
N GLU G 447 18.86 -4.00 27.05
CA GLU G 447 18.86 -3.13 25.87
C GLU G 447 19.97 -2.14 26.05
N PHE G 448 20.03 -1.59 27.25
CA PHE G 448 21.05 -0.63 27.61
C PHE G 448 22.42 -1.26 27.39
N GLU G 449 22.62 -2.47 27.92
CA GLU G 449 23.90 -3.13 27.79
C GLU G 449 24.23 -3.52 26.35
N PHE G 450 23.18 -3.74 25.55
CA PHE G 450 23.37 -4.07 24.14
C PHE G 450 23.83 -2.81 23.43
N TYR G 451 23.24 -1.69 23.86
CA TYR G 451 23.55 -0.38 23.30
C TYR G 451 25.02 -0.07 23.54
N ARG G 452 25.43 -0.11 24.81
CA ARG G 452 26.80 0.24 25.13
C ARG G 452 27.85 -0.55 24.37
N LYS G 453 27.40 -1.64 23.76
CA LYS G 453 28.29 -2.49 23.00
C LYS G 453 28.53 -1.94 21.59
N GLU G 454 27.54 -1.19 21.13
CA GLU G 454 27.51 -0.62 19.79
C GLU G 454 28.73 0.17 19.33
N ILE G 455 29.09 0.04 18.07
CA ILE G 455 30.23 0.80 17.60
C ILE G 455 29.80 1.25 16.26
N VAL G 456 29.62 2.57 16.16
CA VAL G 456 29.20 3.19 14.92
C VAL G 456 30.29 4.09 14.32
N ILE G 457 30.86 3.66 13.22
CA ILE G 457 31.87 4.48 12.55
C ILE G 457 31.07 5.65 11.97
N LEU G 458 31.26 6.85 12.52
CA LEU G 458 30.53 8.04 12.05
C LEU G 458 30.97 8.60 10.68
N SER G 459 30.02 9.21 9.97
CA SER G 459 30.30 9.80 8.66
C SER G 459 29.55 11.11 8.46
N GLU G 460 30.03 11.89 7.50
CA GLU G 460 29.50 13.20 7.13
C GLU G 460 28.01 13.48 7.42
N ASP G 461 27.18 12.66 6.83
CA ASP G 461 25.73 12.80 6.92
C ASP G 461 25.05 11.84 7.90
N PHE G 462 25.76 11.39 8.93
CA PHE G 462 25.14 10.48 9.88
C PHE G 462 23.83 11.11 10.39
N LYS G 463 22.74 10.37 10.36
CA LYS G 463 21.51 10.95 10.83
C LYS G 463 20.99 10.23 12.04
N VAL G 464 21.35 10.69 13.23
CA VAL G 464 20.89 10.01 14.44
C VAL G 464 19.37 9.72 14.48
N MET G 465 18.58 10.52 13.80
CA MET G 465 17.16 10.28 13.81
C MET G 465 16.71 8.99 13.09
N GLU G 466 17.40 8.64 11.99
CA GLU G 466 17.14 7.44 11.16
C GLU G 466 17.68 6.16 11.83
N TRP G 467 18.94 6.22 12.29
CA TRP G 467 19.60 5.09 12.96
C TRP G 467 18.71 4.55 14.07
N TRP G 468 18.25 5.40 14.98
CA TRP G 468 17.37 4.93 16.02
C TRP G 468 16.04 4.36 15.50
N ASN G 469 15.66 4.68 14.27
CA ASN G 469 14.40 4.19 13.71
C ASN G 469 14.60 2.82 13.07
N LEU G 470 15.84 2.58 12.64
CA LEU G 470 16.21 1.31 12.06
C LEU G 470 16.27 0.33 13.21
N ASN G 471 17.09 0.67 14.20
CA ASN G 471 17.22 -0.19 15.36
C ASN G 471 16.00 -0.08 16.30
N SER G 472 14.85 0.28 15.73
CA SER G 472 13.60 0.42 16.51
C SER G 472 13.15 -0.94 16.95
N LYS G 473 13.52 -1.93 16.16
CA LYS G 473 13.22 -3.34 16.41
C LYS G 473 14.20 -3.87 17.45
N LYS G 474 15.51 -3.67 17.17
CA LYS G 474 16.58 -4.12 18.06
C LYS G 474 16.36 -3.69 19.49
N TYR G 475 16.12 -2.39 19.69
CA TYR G 475 15.88 -1.86 21.03
C TYR G 475 14.45 -1.36 21.10
N PRO G 476 13.50 -2.25 21.36
CA PRO G 476 12.10 -1.83 21.43
C PRO G 476 11.80 -0.69 22.37
N LYS G 477 12.24 -0.80 23.61
CA LYS G 477 11.96 0.26 24.59
C LYS G 477 13.02 1.38 24.65
N LEU G 478 14.24 1.08 24.19
CA LEU G 478 15.30 2.08 24.22
C LEU G 478 15.14 3.07 23.08
N SER G 479 14.69 2.62 21.92
CA SER G 479 14.52 3.55 20.82
C SER G 479 13.40 4.53 21.17
N LYS G 480 12.28 4.01 21.68
CA LYS G 480 11.15 4.85 22.06
C LYS G 480 11.52 6.02 23.03
N LEU G 481 12.65 5.90 23.71
CA LEU G 481 13.08 6.93 24.62
C LEU G 481 14.13 7.78 23.95
N ALA G 482 15.03 7.15 23.21
CA ALA G 482 16.08 7.89 22.50
C ALA G 482 15.52 8.93 21.55
N LEU G 483 14.38 8.59 20.95
CA LEU G 483 13.72 9.46 20.02
C LEU G 483 12.98 10.53 20.80
N SER G 484 12.28 10.16 21.87
CA SER G 484 11.56 11.13 22.71
C SER G 484 12.53 12.22 23.25
N LEU G 485 13.81 11.85 23.32
CA LEU G 485 14.84 12.72 23.82
C LEU G 485 15.65 13.40 22.74
N LEU G 486 15.53 12.95 21.50
CA LEU G 486 16.28 13.60 20.42
C LEU G 486 15.45 14.70 19.77
N SER G 487 14.14 14.64 20.09
CA SER G 487 13.14 15.58 19.63
C SER G 487 12.96 16.73 20.66
N ILE G 488 13.84 16.81 21.67
CA ILE G 488 13.77 17.92 22.63
C ILE G 488 14.69 18.97 22.02
N PRO G 489 14.16 20.21 21.89
CA PRO G 489 14.89 21.36 21.30
C PRO G 489 15.99 21.80 22.23
N ALA G 490 17.18 22.06 21.70
CA ALA G 490 18.28 22.49 22.55
C ALA G 490 18.12 23.91 23.14
N SER G 491 17.13 24.65 22.61
CA SER G 491 16.87 26.01 23.04
C SER G 491 15.47 26.53 22.71
N SER G 492 15.08 27.59 23.42
CA SER G 492 13.78 28.25 23.24
C SER G 492 13.64 29.04 21.92
N ALA G 493 14.67 28.94 21.06
CA ALA G 493 14.70 29.60 19.76
C ALA G 493 13.40 29.37 18.98
N ALA G 494 12.76 28.23 19.15
CA ALA G 494 11.50 27.93 18.48
C ALA G 494 10.51 29.04 18.75
N SER G 495 10.37 29.40 20.03
CA SER G 495 9.48 30.48 20.47
C SER G 495 9.94 31.82 19.94
N GLU G 496 11.24 32.11 20.08
CA GLU G 496 11.83 33.36 19.58
C GLU G 496 11.30 33.61 18.14
N ARG G 497 11.36 32.57 17.29
CA ARG G 497 10.85 32.69 15.92
C ARG G 497 9.32 32.82 15.86
N THR G 498 8.58 32.19 16.76
CA THR G 498 7.10 32.29 16.74
C THR G 498 6.77 33.77 16.82
N PHE G 499 7.61 34.50 17.54
CA PHE G 499 7.48 35.92 17.74
C PHE G 499 7.74 36.67 16.47
N SER G 500 8.96 36.52 15.97
CA SER G 500 9.35 37.13 14.70
C SER G 500 8.25 36.98 13.66
N LEU G 501 7.62 35.80 13.65
CA LEU G 501 6.54 35.49 12.71
C LEU G 501 5.28 36.31 12.94
N ALA G 502 4.93 36.45 14.22
CA ALA G 502 3.75 37.24 14.62
C ALA G 502 4.04 38.69 14.19
N GLY G 503 5.31 39.06 14.34
CA GLY G 503 5.76 40.38 13.97
C GLY G 503 5.45 40.69 12.53
N ASN G 504 5.41 39.68 11.67
CA ASN G 504 5.16 39.93 10.25
C ASN G 504 3.64 40.04 9.94
N ILE G 505 2.81 39.70 10.93
CA ILE G 505 1.35 39.73 10.83
C ILE G 505 0.84 40.98 11.54
N ILE G 506 1.59 41.44 12.53
CA ILE G 506 1.25 42.65 13.29
C ILE G 506 2.15 43.82 12.80
N THR G 507 1.85 44.25 11.57
CA THR G 507 2.58 45.32 10.92
C THR G 507 1.84 46.65 11.16
N GLU G 508 2.46 47.72 10.68
CA GLU G 508 1.88 49.06 10.76
C GLU G 508 0.45 49.07 10.22
N LYS G 509 0.29 48.88 8.92
CA LYS G 509 -1.05 48.92 8.37
C LYS G 509 -1.99 47.86 8.95
N ARG G 510 -1.46 46.72 9.35
CA ARG G 510 -2.35 45.68 9.83
C ARG G 510 -2.88 45.91 11.22
N ASN G 511 -1.97 46.25 12.11
CA ASN G 511 -2.28 46.52 13.51
C ASN G 511 -3.64 46.20 14.20
N ARG G 512 -4.79 46.53 13.64
CA ARG G 512 -6.07 46.25 14.34
C ARG G 512 -6.52 44.79 14.36
N ILE G 513 -5.58 43.89 14.09
CA ILE G 513 -5.81 42.45 14.01
C ILE G 513 -5.98 41.74 15.35
N GLY G 514 -7.12 41.06 15.52
CA GLY G 514 -7.45 40.35 16.76
C GLY G 514 -6.60 39.16 17.20
N GLN G 515 -6.16 39.14 18.47
CA GLN G 515 -5.33 38.06 19.03
C GLN G 515 -5.84 36.73 18.51
N GLN G 516 -7.16 36.57 18.46
CA GLN G 516 -7.79 35.36 17.95
C GLN G 516 -7.21 35.04 16.58
N THR G 517 -7.28 36.03 15.70
CA THR G 517 -6.84 35.92 14.33
C THR G 517 -5.34 35.73 14.17
N VAL G 518 -4.57 36.22 15.12
CA VAL G 518 -3.13 36.04 15.01
C VAL G 518 -2.75 34.60 15.40
N ASP G 519 -3.59 33.97 16.24
CA ASP G 519 -3.39 32.59 16.72
C ASP G 519 -3.60 31.82 15.45
N SER G 520 -4.83 31.84 14.97
CA SER G 520 -5.17 31.15 13.75
C SER G 520 -4.11 31.40 12.70
N LEU G 521 -4.00 32.63 12.23
CA LEU G 521 -2.99 32.96 11.22
C LEU G 521 -1.63 32.22 11.43
N LEU G 522 -1.11 32.22 12.67
CA LEU G 522 0.17 31.60 12.96
C LEU G 522 0.12 30.10 13.02
N PHE G 523 -0.96 29.57 13.57
CA PHE G 523 -1.16 28.13 13.71
C PHE G 523 -1.44 27.44 12.38
N LEU G 524 -2.45 27.91 11.65
CA LEU G 524 -2.77 27.34 10.35
C LEU G 524 -1.48 27.33 9.57
N ASN G 525 -0.66 28.39 9.62
CA ASN G 525 0.60 28.40 8.87
C ASN G 525 1.52 27.26 9.29
N SER G 526 1.64 27.02 10.60
CA SER G 526 2.51 25.93 11.11
C SER G 526 1.94 24.58 10.67
N PHE G 527 0.68 24.34 11.00
CA PHE G 527 0.00 23.12 10.64
C PHE G 527 0.29 22.74 9.18
N TYR G 528 0.11 23.65 8.24
CA TYR G 528 0.39 23.35 6.84
C TYR G 528 1.85 22.95 6.58
N LYS G 529 2.80 23.53 7.30
CA LYS G 529 4.22 23.17 7.08
C LYS G 529 4.53 21.77 7.64
N ASN G 530 4.01 21.52 8.83
CA ASN G 530 4.23 20.26 9.51
C ASN G 530 3.27 19.16 9.13
N PHE G 531 2.10 19.49 8.59
CA PHE G 531 1.15 18.45 8.26
C PHE G 531 0.73 18.23 6.81
N CYS G 532 1.48 18.80 5.88
CA CYS G 532 1.17 18.64 4.45
C CYS G 532 2.44 18.70 3.61
N LYS G 533 2.32 18.34 2.33
CA LYS G 533 3.48 18.32 1.40
C LYS G 533 3.15 18.90 0.02
N LEU H 7 -22.80 37.69 -17.39
CA LEU H 7 -21.85 37.34 -16.34
C LEU H 7 -22.37 36.20 -15.43
N LYS H 8 -21.78 35.01 -15.62
CA LYS H 8 -22.17 33.81 -14.89
C LYS H 8 -21.77 33.77 -13.43
N THR H 9 -22.69 33.31 -12.60
CA THR H 9 -22.44 33.16 -11.17
C THR H 9 -22.19 31.67 -10.98
N VAL H 10 -21.04 31.33 -10.41
CA VAL H 10 -20.63 29.95 -10.17
C VAL H 10 -21.41 29.25 -9.05
N SER H 11 -21.24 27.93 -8.93
CA SER H 11 -21.96 27.13 -7.92
C SER H 11 -21.43 27.31 -6.49
N ALA H 12 -22.32 27.16 -5.49
CA ALA H 12 -21.96 27.28 -4.07
C ALA H 12 -20.86 26.28 -3.69
N ASP H 13 -20.72 25.27 -4.56
CA ASP H 13 -19.72 24.22 -4.44
C ASP H 13 -18.37 24.80 -4.88
N CYS H 14 -18.37 25.62 -5.92
CA CYS H 14 -17.14 26.24 -6.39
C CYS H 14 -16.77 27.43 -5.49
N LYS H 15 -17.78 28.17 -5.05
CA LYS H 15 -17.61 29.33 -4.17
C LYS H 15 -16.83 28.91 -2.91
N LYS H 16 -17.24 27.77 -2.34
CA LYS H 16 -16.60 27.23 -1.15
C LYS H 16 -15.11 26.95 -1.33
N GLU H 17 -14.74 26.49 -2.54
CA GLU H 17 -13.35 26.17 -2.86
C GLU H 17 -12.60 27.47 -3.14
N ALA H 18 -13.33 28.49 -3.58
CA ALA H 18 -12.71 29.77 -3.85
C ALA H 18 -12.23 30.33 -2.50
N ILE H 19 -13.19 30.43 -1.58
CA ILE H 19 -12.95 30.91 -0.23
C ILE H 19 -11.66 30.29 0.31
N GLU H 20 -11.64 28.96 0.38
CA GLU H 20 -10.48 28.23 0.88
C GLU H 20 -9.13 28.56 0.21
N LYS H 21 -9.04 28.36 -1.10
CA LYS H 21 -7.77 28.58 -1.81
C LYS H 21 -7.13 29.94 -1.56
N CYS H 22 -7.96 30.97 -1.30
CA CYS H 22 -7.52 32.34 -1.02
C CYS H 22 -6.98 32.43 0.38
N ALA H 23 -7.82 32.06 1.34
CA ALA H 23 -7.48 32.06 2.77
C ALA H 23 -6.15 31.36 2.97
N GLN H 24 -5.98 30.27 2.24
CA GLN H 24 -4.76 29.51 2.30
C GLN H 24 -3.65 30.39 1.78
N TRP H 25 -3.88 31.05 0.65
CA TRP H 25 -2.89 31.96 0.08
C TRP H 25 -2.44 32.94 1.16
N VAL H 26 -3.44 33.56 1.77
CA VAL H 26 -3.24 34.52 2.84
C VAL H 26 -2.36 33.91 3.92
N VAL H 27 -2.74 32.74 4.44
CA VAL H 27 -1.97 32.18 5.52
C VAL H 27 -0.62 31.59 5.14
N ARG H 28 -0.53 31.00 3.97
CA ARG H 28 0.70 30.38 3.53
C ARG H 28 1.79 31.38 3.20
N ASP H 29 1.41 32.45 2.49
CA ASP H 29 2.32 33.55 2.07
C ASP H 29 2.41 34.79 3.01
N CYS H 30 1.56 34.83 4.05
CA CYS H 30 1.49 35.94 5.02
C CYS H 30 0.99 37.22 4.34
N ARG H 31 -0.16 37.13 3.70
CA ARG H 31 -0.74 38.26 3.01
C ARG H 31 -1.94 38.73 3.78
N PRO H 32 -2.22 40.05 3.67
CA PRO H 32 -3.35 40.67 4.34
C PRO H 32 -4.66 40.30 3.71
N PHE H 33 -5.67 40.04 4.54
CA PHE H 33 -6.99 39.71 4.05
C PHE H 33 -7.46 40.64 2.93
N SER H 34 -7.24 41.94 3.11
CA SER H 34 -7.59 42.94 2.11
C SER H 34 -6.99 42.69 0.71
N ALA H 35 -5.89 41.93 0.64
CA ALA H 35 -5.24 41.70 -0.64
C ALA H 35 -6.20 41.16 -1.67
N VAL H 36 -7.20 40.40 -1.20
CA VAL H 36 -8.23 39.82 -2.06
C VAL H 36 -9.06 40.89 -2.77
N SER H 37 -9.46 41.94 -2.05
CA SER H 37 -10.27 43.00 -2.65
C SER H 37 -9.51 44.05 -3.44
N GLY H 38 -8.18 44.10 -3.26
CA GLY H 38 -7.37 45.04 -4.01
C GLY H 38 -7.70 44.99 -5.51
N SER H 39 -7.84 46.15 -6.14
CA SER H 39 -8.19 46.23 -7.57
C SER H 39 -7.22 45.61 -8.55
N GLY H 40 -5.92 45.88 -8.37
CA GLY H 40 -4.92 45.33 -9.26
C GLY H 40 -4.99 43.81 -9.35
N PHE H 41 -5.44 43.22 -8.24
CA PHE H 41 -5.62 41.78 -8.07
C PHE H 41 -6.87 41.30 -8.79
N ILE H 42 -8.01 41.90 -8.48
CA ILE H 42 -9.28 41.55 -9.13
C ILE H 42 -9.11 41.53 -10.65
N ASP H 43 -8.24 42.40 -11.16
CA ASP H 43 -7.99 42.49 -12.60
C ASP H 43 -7.03 41.43 -13.11
N MET H 44 -6.09 41.04 -12.25
CA MET H 44 -5.11 40.00 -12.58
C MET H 44 -5.82 38.63 -12.52
N ILE H 45 -6.75 38.50 -11.58
CA ILE H 45 -7.51 37.27 -11.42
C ILE H 45 -8.45 37.02 -12.60
N LYS H 46 -8.90 38.10 -13.26
CA LYS H 46 -9.76 37.99 -14.44
C LYS H 46 -8.89 37.43 -15.56
N PHE H 47 -7.69 37.97 -15.73
CA PHE H 47 -6.74 37.47 -16.75
C PHE H 47 -6.40 36.01 -16.61
N PHE H 48 -6.34 35.51 -15.38
CA PHE H 48 -6.05 34.10 -15.22
C PHE H 48 -7.29 33.27 -15.48
N ILE H 49 -8.47 33.83 -15.21
CA ILE H 49 -9.71 33.10 -15.50
C ILE H 49 -9.79 33.04 -17.04
N LYS H 50 -9.22 34.05 -17.70
CA LYS H 50 -9.20 34.11 -19.16
C LYS H 50 -8.29 32.99 -19.69
N VAL H 51 -7.10 32.82 -19.10
CA VAL H 51 -6.17 31.75 -19.54
C VAL H 51 -6.78 30.35 -19.31
N GLY H 52 -7.61 30.22 -18.28
CA GLY H 52 -8.26 28.94 -17.97
C GLY H 52 -9.26 28.46 -19.00
N ALA H 53 -10.14 29.35 -19.44
CA ALA H 53 -11.13 29.01 -20.46
C ALA H 53 -10.46 28.72 -21.82
N GLU H 54 -9.52 29.59 -22.23
CA GLU H 54 -8.80 29.47 -23.51
C GLU H 54 -7.59 28.51 -23.51
N TYR H 55 -7.50 27.61 -22.54
CA TYR H 55 -6.38 26.66 -22.50
C TYR H 55 -6.71 25.35 -21.79
N GLY H 56 -7.84 25.28 -21.08
CA GLY H 56 -8.18 24.06 -20.36
C GLY H 56 -7.25 23.94 -19.15
N GLU H 57 -7.81 23.61 -18.00
CA GLU H 57 -7.02 23.56 -16.77
C GLU H 57 -5.57 23.07 -16.63
N HIS H 58 -5.17 22.03 -17.35
CA HIS H 58 -3.83 21.48 -17.18
C HIS H 58 -2.67 22.29 -17.75
N VAL H 59 -2.56 23.53 -17.27
CA VAL H 59 -1.54 24.48 -17.69
C VAL H 59 -0.30 24.48 -16.80
N ASN H 60 0.85 24.72 -17.44
CA ASN H 60 2.13 24.77 -16.74
C ASN H 60 2.16 26.14 -16.07
N VAL H 61 1.61 26.18 -14.86
CA VAL H 61 1.53 27.40 -14.09
C VAL H 61 2.89 28.00 -13.75
N GLU H 62 3.82 27.20 -13.19
CA GLU H 62 5.17 27.69 -12.81
C GLU H 62 5.90 28.36 -13.98
N GLU H 63 5.65 27.86 -15.18
CA GLU H 63 6.25 28.41 -16.41
C GLU H 63 5.61 29.76 -16.69
N LEU H 64 4.28 29.75 -16.61
CA LEU H 64 3.43 30.90 -16.84
C LEU H 64 3.78 32.14 -16.01
N LEU H 65 3.60 32.06 -14.69
CA LEU H 65 3.87 33.17 -13.76
C LEU H 65 5.31 33.60 -13.86
N PRO H 66 5.53 34.89 -14.09
CA PRO H 66 6.89 35.43 -14.19
C PRO H 66 7.61 35.40 -12.87
N SER H 67 8.91 35.56 -12.93
CA SER H 67 9.69 35.52 -11.73
C SER H 67 9.73 36.90 -11.16
N PRO H 68 9.98 36.99 -9.85
CA PRO H 68 10.07 38.28 -9.16
C PRO H 68 10.92 39.29 -9.95
N ILE H 69 12.15 38.88 -10.30
CA ILE H 69 13.12 39.73 -11.03
C ILE H 69 12.58 40.19 -12.35
N THR H 70 11.64 39.45 -12.91
CA THR H 70 11.04 39.85 -14.17
C THR H 70 10.15 41.03 -13.82
N LEU H 71 9.20 40.80 -12.92
CA LEU H 71 8.29 41.87 -12.51
C LEU H 71 9.06 43.14 -12.13
N SER H 72 10.08 43.01 -11.28
CA SER H 72 10.85 44.17 -10.89
C SER H 72 11.36 44.94 -12.09
N ARG H 73 11.93 44.24 -13.06
CA ARG H 73 12.45 44.88 -14.26
C ARG H 73 11.34 45.41 -15.18
N LYS H 74 10.19 44.73 -15.23
CA LYS H 74 9.08 45.19 -16.06
C LYS H 74 8.57 46.49 -15.48
N VAL H 75 8.76 46.67 -14.18
CA VAL H 75 8.34 47.89 -13.55
C VAL H 75 9.32 49.04 -13.84
N THR H 76 10.61 48.79 -13.71
CA THR H 76 11.58 49.84 -13.99
C THR H 76 11.48 50.21 -15.48
N SER H 77 11.18 49.23 -16.33
CA SER H 77 11.06 49.48 -17.76
C SER H 77 9.71 50.12 -18.14
N ASP H 78 8.64 49.73 -17.44
CA ASP H 78 7.31 50.30 -17.69
C ASP H 78 7.31 51.76 -17.26
N ALA H 79 8.18 52.09 -16.30
CA ALA H 79 8.32 53.44 -15.82
C ALA H 79 8.66 54.27 -17.02
N LYS H 80 9.84 54.05 -17.58
CA LYS H 80 10.30 54.79 -18.77
C LYS H 80 9.25 54.94 -19.88
N GLU H 81 8.62 53.85 -20.34
CA GLU H 81 7.61 53.96 -21.41
C GLU H 81 6.56 54.98 -21.06
N LYS H 82 5.93 54.79 -19.90
CA LYS H 82 4.86 55.68 -19.41
C LYS H 82 5.28 57.11 -19.05
N LYS H 83 6.47 57.29 -18.44
CA LYS H 83 6.94 58.64 -18.10
C LYS H 83 7.04 59.43 -19.42
N ALA H 84 7.64 58.82 -20.42
CA ALA H 84 7.78 59.47 -21.72
C ALA H 84 6.44 59.67 -22.46
N LEU H 85 5.47 58.73 -22.33
CA LEU H 85 4.14 58.81 -22.99
C LEU H 85 3.39 60.12 -22.72
N ILE H 86 3.46 60.59 -21.48
CA ILE H 86 2.78 61.85 -21.14
C ILE H 86 3.64 63.10 -21.39
N GLY H 87 4.95 62.91 -21.63
CA GLY H 87 5.90 63.97 -21.90
C GLY H 87 5.25 65.15 -22.60
N ARG H 88 4.27 64.88 -23.50
CA ARG H 88 3.56 65.95 -24.18
C ARG H 88 2.49 66.60 -23.29
N GLU H 89 1.61 65.78 -22.69
CA GLU H 89 0.56 66.36 -21.85
C GLU H 89 1.09 67.22 -20.70
N ILE H 90 2.31 66.92 -20.24
CA ILE H 90 2.93 67.67 -19.16
C ILE H 90 3.66 68.92 -19.67
N LYS H 91 4.41 68.75 -20.77
CA LYS H 91 5.16 69.84 -21.41
C LYS H 91 4.15 70.91 -21.78
N SER H 92 3.02 70.47 -22.35
CA SER H 92 1.92 71.35 -22.69
C SER H 92 1.53 72.09 -21.40
N ALA H 93 0.97 71.37 -20.43
CA ALA H 93 0.54 71.94 -19.16
C ALA H 93 1.50 72.95 -18.54
N VAL H 94 2.80 72.67 -18.54
CA VAL H 94 3.79 73.60 -17.97
C VAL H 94 3.91 74.94 -18.71
N GLU H 95 3.94 74.87 -20.03
CA GLU H 95 4.05 76.07 -20.87
C GLU H 95 2.76 76.87 -21.01
N LYS H 96 1.61 76.20 -20.95
CA LYS H 96 0.30 76.89 -20.99
C LYS H 96 -0.03 77.35 -19.56
N ASP H 97 1.00 77.84 -18.85
CA ASP H 97 0.96 78.34 -17.47
C ASP H 97 -0.03 77.76 -16.47
N GLY H 98 -0.16 76.42 -16.41
CA GLY H 98 -1.09 75.81 -15.47
C GLY H 98 -0.48 74.72 -14.60
N ALA H 99 0.84 74.79 -14.48
CA ALA H 99 1.63 73.82 -13.74
C ALA H 99 2.11 74.27 -12.36
N SER H 100 1.62 73.56 -11.34
CA SER H 100 1.98 73.81 -9.94
C SER H 100 2.71 72.56 -9.51
N ALA H 101 3.56 72.70 -8.52
CA ALA H 101 4.35 71.57 -8.07
C ALA H 101 4.76 71.65 -6.59
N THR H 102 4.81 70.49 -5.93
CA THR H 102 5.21 70.33 -4.51
C THR H 102 6.62 69.71 -4.39
N ILE H 103 7.31 70.04 -3.32
CA ILE H 103 8.66 69.57 -3.09
C ILE H 103 9.03 69.42 -1.61
N ASP H 104 9.79 68.38 -1.29
CA ASP H 104 10.25 68.18 0.09
C ASP H 104 11.37 67.16 0.21
N LEU H 105 11.98 67.14 1.37
CA LEU H 105 13.07 66.22 1.65
C LEU H 105 12.57 65.11 2.56
N TRP H 106 13.02 63.90 2.25
CA TRP H 106 12.66 62.73 3.03
C TRP H 106 13.81 61.75 3.14
N THR H 107 13.83 61.05 4.26
CA THR H 107 14.88 60.10 4.51
C THR H 107 14.28 58.77 5.03
N ASP H 108 14.58 57.67 4.32
CA ASP H 108 14.11 56.33 4.68
C ASP H 108 14.84 55.82 5.91
N ASN H 109 14.26 54.83 6.58
CA ASN H 109 14.88 54.32 7.81
C ASN H 109 15.77 53.09 7.76
N TYR H 110 16.18 52.67 6.57
CA TYR H 110 17.05 51.50 6.45
C TYR H 110 18.44 51.80 5.88
N ILE H 111 18.52 52.24 4.64
CA ILE H 111 19.83 52.57 4.08
C ILE H 111 20.18 54.04 4.37
N LYS H 112 19.23 54.77 4.98
CA LYS H 112 19.34 56.20 5.31
C LYS H 112 19.60 57.06 4.06
N ARG H 113 18.85 56.81 3.00
CA ARG H 113 18.98 57.57 1.76
C ARG H 113 18.25 58.91 1.89
N ASN H 114 18.83 59.97 1.34
CA ASN H 114 18.19 61.29 1.38
C ASN H 114 17.48 61.55 0.05
N PHE H 115 16.18 61.81 0.16
CA PHE H 115 15.30 61.99 -0.99
C PHE H 115 14.72 63.38 -1.32
N LEU H 116 14.32 63.49 -2.59
CA LEU H 116 13.68 64.67 -3.13
C LEU H 116 12.36 64.26 -3.77
N GLY H 117 11.27 64.64 -3.11
CA GLY H 117 9.95 64.33 -3.63
C GLY H 117 9.45 65.47 -4.49
N VAL H 118 8.79 65.12 -5.60
CA VAL H 118 8.29 66.12 -6.52
C VAL H 118 6.94 65.70 -7.06
N THR H 119 5.95 66.55 -6.81
CA THR H 119 4.55 66.35 -7.25
C THR H 119 4.21 67.42 -8.26
N LEU H 120 3.15 67.18 -9.03
CA LEU H 120 2.71 68.13 -10.03
C LEU H 120 1.19 68.18 -10.06
N HIS H 121 0.68 69.40 -10.10
CA HIS H 121 -0.74 69.61 -10.08
C HIS H 121 -1.10 70.59 -11.16
N TYR H 122 -2.09 70.23 -11.97
CA TYR H 122 -2.57 71.07 -13.06
C TYR H 122 -4.03 70.75 -13.32
N HIS H 123 -4.60 71.44 -14.30
CA HIS H 123 -5.99 71.20 -14.60
C HIS H 123 -6.21 70.75 -16.04
N GLU H 124 -6.93 69.64 -16.21
CA GLU H 124 -7.25 69.07 -17.54
C GLU H 124 -8.71 68.55 -17.49
N ASN H 125 -9.59 69.08 -18.36
CA ASN H 125 -11.03 68.72 -18.36
C ASN H 125 -11.56 68.97 -16.98
N ASN H 126 -12.83 68.74 -16.72
CA ASN H 126 -13.33 69.04 -15.35
C ASN H 126 -12.63 68.48 -14.09
N GLU H 127 -11.48 67.87 -14.28
CA GLU H 127 -10.73 67.28 -13.18
C GLU H 127 -9.31 67.86 -12.95
N LEU H 128 -8.90 67.74 -11.70
CA LEU H 128 -7.63 68.22 -11.19
C LEU H 128 -6.58 67.11 -11.17
N ARG H 129 -5.32 67.48 -11.31
CA ARG H 129 -4.29 66.46 -11.28
C ARG H 129 -3.57 66.37 -9.94
N ASP H 130 -3.01 65.19 -9.65
CA ASP H 130 -2.26 64.94 -8.41
C ASP H 130 -1.24 63.90 -8.81
N LEU H 131 -0.08 64.34 -9.25
CA LEU H 131 0.90 63.40 -9.73
C LEU H 131 2.21 63.30 -8.97
N ILE H 132 2.69 62.10 -8.72
CA ILE H 132 4.01 61.97 -8.09
C ILE H 132 4.89 61.90 -9.33
N LEU H 133 5.75 62.90 -9.51
CA LEU H 133 6.59 62.86 -10.69
C LEU H 133 7.80 62.00 -10.43
N GLY H 134 8.26 62.04 -9.19
CA GLY H 134 9.42 61.23 -8.87
C GLY H 134 9.90 61.39 -7.46
N LEU H 135 10.80 60.48 -7.09
CA LEU H 135 11.40 60.48 -5.78
C LEU H 135 12.82 60.02 -6.05
N LYS H 136 13.70 60.98 -6.34
CA LYS H 136 15.08 60.65 -6.64
C LYS H 136 16.00 60.96 -5.47
N SER H 137 17.06 60.16 -5.39
CA SER H 137 18.06 60.25 -4.34
C SER H 137 19.10 61.31 -4.60
N LEU H 138 19.68 61.79 -3.53
CA LEU H 138 20.74 62.80 -3.64
C LEU H 138 22.09 62.11 -3.86
N ASP H 139 22.06 60.78 -3.97
CA ASP H 139 23.28 59.98 -4.13
C ASP H 139 24.30 60.40 -3.06
N PHE H 140 23.77 60.53 -1.84
CA PHE H 140 24.51 60.86 -0.61
C PHE H 140 25.34 62.16 -0.49
N GLU H 141 25.20 63.07 -1.47
CA GLU H 141 25.90 64.37 -1.50
C GLU H 141 25.23 65.47 -0.64
N ARG H 142 25.73 65.66 0.58
CA ARG H 142 25.26 66.67 1.58
C ARG H 142 23.79 67.18 1.68
N SER H 143 23.18 67.56 0.57
CA SER H 143 21.79 68.08 0.50
C SER H 143 21.81 69.60 0.61
N THR H 144 22.51 70.23 -0.33
CA THR H 144 22.57 71.69 -0.33
C THR H 144 21.72 72.18 -1.46
N ALA H 145 21.41 73.46 -1.36
CA ALA H 145 20.60 74.16 -2.34
C ALA H 145 20.82 73.75 -3.80
N GLU H 146 22.08 73.77 -4.23
CA GLU H 146 22.45 73.48 -5.61
C GLU H 146 22.03 72.11 -6.10
N ASN H 147 22.23 71.09 -5.26
CA ASN H 147 21.87 69.70 -5.59
C ASN H 147 20.36 69.45 -5.56
N ILE H 148 19.68 70.29 -4.78
CA ILE H 148 18.26 70.19 -4.70
C ILE H 148 17.72 70.75 -6.03
N TYR H 149 18.24 71.87 -6.48
CA TYR H 149 17.79 72.44 -7.76
C TYR H 149 18.19 71.41 -8.85
N LYS H 150 19.47 71.02 -8.82
CA LYS H 150 20.07 70.04 -9.74
C LYS H 150 19.18 68.81 -9.90
N LYS H 151 18.93 68.16 -8.76
CA LYS H 151 18.11 66.97 -8.70
C LYS H 151 16.69 67.24 -9.22
N LEU H 152 16.15 68.40 -8.87
CA LEU H 152 14.83 68.79 -9.32
C LEU H 152 14.78 68.90 -10.85
N LYS H 153 15.77 69.60 -11.42
CA LYS H 153 15.85 69.80 -12.89
C LYS H 153 15.87 68.43 -13.59
N ALA H 154 16.64 67.53 -12.98
CA ALA H 154 16.82 66.16 -13.43
C ALA H 154 15.48 65.42 -13.52
N ILE H 155 14.67 65.58 -12.49
CA ILE H 155 13.39 64.94 -12.43
C ILE H 155 12.47 65.43 -13.56
N PHE H 156 12.54 66.72 -13.88
CA PHE H 156 11.70 67.24 -14.97
C PHE H 156 12.26 66.81 -16.34
N SER H 157 13.59 66.69 -16.45
CA SER H 157 14.23 66.25 -17.70
C SER H 157 13.58 64.98 -18.21
N GLN H 158 13.26 64.09 -17.29
CA GLN H 158 12.63 62.83 -17.62
C GLN H 158 11.36 63.07 -18.47
N PHE H 159 10.80 64.27 -18.38
CA PHE H 159 9.57 64.59 -19.10
C PHE H 159 9.78 65.55 -20.27
N ASN H 160 10.98 66.11 -20.33
CA ASN H 160 11.44 67.07 -21.35
C ASN H 160 11.18 68.51 -21.00
N VAL H 161 10.84 68.74 -19.75
CA VAL H 161 10.60 70.08 -19.26
C VAL H 161 11.94 70.65 -18.80
N GLU H 162 12.41 71.68 -19.50
CA GLU H 162 13.70 72.29 -19.17
C GLU H 162 13.49 73.66 -18.57
N ASP H 163 12.39 74.29 -18.97
CA ASP H 163 12.08 75.62 -18.49
C ASP H 163 11.20 75.51 -17.26
N LEU H 164 11.76 75.90 -16.11
CA LEU H 164 11.06 75.80 -14.84
C LEU H 164 10.39 77.06 -14.28
N SER H 165 10.69 78.24 -14.82
CA SER H 165 10.12 79.49 -14.28
C SER H 165 8.58 79.48 -14.09
N SER H 166 7.87 79.16 -15.18
CA SER H 166 6.41 79.11 -15.26
C SER H 166 5.69 78.14 -14.28
N ILE H 167 6.48 77.43 -13.49
CA ILE H 167 5.94 76.48 -12.56
C ILE H 167 5.84 77.03 -11.17
N LYS H 168 4.62 76.98 -10.66
CA LYS H 168 4.33 77.46 -9.33
C LYS H 168 4.62 76.33 -8.37
N PHE H 169 5.59 76.57 -7.48
CA PHE H 169 6.02 75.62 -6.46
C PHE H 169 5.53 75.93 -5.05
N VAL H 170 4.76 75.01 -4.46
CA VAL H 170 4.30 75.16 -3.08
C VAL H 170 5.36 74.45 -2.21
N THR H 171 5.74 75.06 -1.12
CA THR H 171 6.80 74.51 -0.31
C THR H 171 6.74 74.91 1.16
N ASP H 172 7.49 74.22 1.99
CA ASP H 172 7.47 74.59 3.40
C ASP H 172 8.60 75.59 3.52
N ARG H 173 8.79 76.18 4.69
CA ARG H 173 9.84 77.19 4.82
C ARG H 173 11.26 76.70 5.06
N GLY H 174 11.46 75.41 4.86
CA GLY H 174 12.77 74.82 5.05
C GLY H 174 13.91 75.53 4.38
N ALA H 175 14.86 75.96 5.20
CA ALA H 175 16.06 76.67 4.77
C ALA H 175 16.60 76.24 3.38
N ASN H 176 16.80 74.93 3.22
CA ASN H 176 17.32 74.36 1.99
C ASN H 176 16.44 74.64 0.82
N VAL H 177 15.26 74.03 0.86
CA VAL H 177 14.29 74.14 -0.19
C VAL H 177 13.96 75.57 -0.65
N VAL H 178 14.05 76.57 0.23
CA VAL H 178 13.76 77.95 -0.21
C VAL H 178 14.89 78.47 -1.09
N LYS H 179 16.13 78.36 -0.62
CA LYS H 179 17.28 78.83 -1.39
C LYS H 179 17.39 78.11 -2.73
N SER H 180 16.93 76.87 -2.75
CA SER H 180 17.00 76.07 -3.95
C SER H 180 16.09 76.63 -5.02
N LEU H 181 14.84 76.86 -4.62
CA LEU H 181 13.86 77.38 -5.53
C LEU H 181 14.00 78.88 -5.87
N ALA H 182 14.39 79.70 -4.89
CA ALA H 182 14.59 81.16 -5.01
C ALA H 182 14.18 81.89 -6.31
N ASN H 183 14.79 81.52 -7.42
CA ASN H 183 14.51 82.14 -8.74
C ASN H 183 13.18 81.76 -9.38
N ASN H 184 12.38 80.90 -8.75
CA ASN H 184 11.06 80.50 -9.29
C ASN H 184 9.94 80.86 -8.31
N ILE H 185 8.71 80.71 -8.79
CA ILE H 185 7.53 81.00 -7.99
C ILE H 185 7.46 80.01 -6.84
N ARG H 186 7.48 80.53 -5.62
CA ARG H 186 7.42 79.69 -4.43
C ARG H 186 6.35 80.19 -3.43
N ILE H 187 5.29 79.40 -3.22
CA ILE H 187 4.20 79.74 -2.28
C ILE H 187 4.50 78.97 -0.99
N ASN H 188 4.13 79.55 0.16
CA ASN H 188 4.36 78.88 1.44
C ASN H 188 3.23 77.88 1.83
N CYS H 189 3.63 76.75 2.41
CA CYS H 189 2.65 75.75 2.80
C CYS H 189 1.83 76.33 3.90
N SER H 190 0.56 76.53 3.61
CA SER H 190 -0.32 77.07 4.61
C SER H 190 -0.53 76.07 5.76
N SER H 191 -0.26 74.77 5.55
CA SER H 191 -0.40 73.76 6.63
C SER H 191 0.74 73.91 7.65
N HIS H 192 1.95 74.04 7.11
CA HIS H 192 3.16 74.23 7.91
C HIS H 192 3.04 75.53 8.65
N LEU H 193 2.49 76.53 7.98
CA LEU H 193 2.32 77.81 8.62
C LEU H 193 1.34 77.65 9.78
N LEU H 194 0.14 77.16 9.49
CA LEU H 194 -0.86 77.00 10.53
C LEU H 194 -0.25 76.31 11.71
N SER H 195 0.57 75.30 11.47
CA SER H 195 1.25 74.61 12.56
C SER H 195 2.12 75.64 13.30
N ASN H 196 3.01 76.31 12.56
CA ASN H 196 3.89 77.36 13.09
C ASN H 196 3.14 78.29 14.02
N VAL H 197 1.94 78.68 13.59
CA VAL H 197 1.05 79.56 14.35
C VAL H 197 0.74 78.93 15.70
N LEU H 198 0.13 77.75 15.62
CA LEU H 198 -0.29 76.97 16.77
C LEU H 198 0.77 76.76 17.77
N GLU H 199 1.97 76.47 17.32
CA GLU H 199 3.02 76.25 18.28
C GLU H 199 3.41 77.53 19.00
N ASN H 200 3.69 78.58 18.25
CA ASN H 200 4.04 79.84 18.90
C ASN H 200 2.92 80.32 19.79
N SER H 201 1.68 80.19 19.34
CA SER H 201 0.54 80.62 20.16
C SER H 201 0.56 79.90 21.53
N PHE H 202 0.99 78.65 21.56
CA PHE H 202 1.03 77.94 22.81
C PHE H 202 2.25 78.32 23.63
N GLU H 203 3.39 78.36 22.96
CA GLU H 203 4.64 78.72 23.61
C GLU H 203 4.47 80.05 24.31
N GLU H 204 3.74 80.96 23.67
CA GLU H 204 3.48 82.27 24.20
C GLU H 204 2.22 82.34 25.08
N THR H 205 1.87 81.23 25.73
CA THR H 205 0.70 81.17 26.64
C THR H 205 0.95 80.13 27.76
N PRO H 206 1.99 80.35 28.56
CA PRO H 206 2.32 79.44 29.67
C PRO H 206 1.18 79.06 30.64
N GLU H 207 0.21 79.93 30.78
CA GLU H 207 -0.93 79.71 31.68
C GLU H 207 -1.62 78.36 31.38
N LEU H 208 -1.21 77.76 30.28
CA LEU H 208 -1.75 76.51 29.82
C LEU H 208 -0.85 75.31 30.05
N ASN H 209 0.47 75.55 30.00
CA ASN H 209 1.48 74.52 30.20
C ASN H 209 1.12 73.48 31.22
N MET H 210 0.61 73.92 32.37
CA MET H 210 0.21 73.00 33.43
C MET H 210 -0.84 71.97 32.93
N PRO H 211 -2.15 72.33 32.78
CA PRO H 211 -3.10 71.30 32.31
C PRO H 211 -2.68 70.51 31.06
N ILE H 212 -1.78 71.07 30.29
CA ILE H 212 -1.32 70.37 29.12
C ILE H 212 -0.42 69.25 29.62
N LEU H 213 0.66 69.60 30.34
CA LEU H 213 1.58 68.60 30.88
C LEU H 213 0.82 67.59 31.72
N ALA H 214 -0.09 68.04 32.57
CA ALA H 214 -0.90 67.12 33.36
C ALA H 214 -1.66 66.15 32.48
N CYS H 215 -2.07 66.61 31.30
CA CYS H 215 -2.77 65.74 30.39
C CYS H 215 -1.82 64.75 29.72
N LYS H 216 -0.62 65.21 29.39
CA LYS H 216 0.39 64.34 28.79
C LYS H 216 0.78 63.27 29.82
N ASN H 217 0.56 63.57 31.10
CA ASN H 217 0.89 62.63 32.16
C ASN H 217 -0.18 61.62 32.46
N ILE H 218 -1.41 61.89 32.03
CA ILE H 218 -2.52 60.94 32.24
C ILE H 218 -2.32 59.84 31.18
N VAL H 219 -1.84 60.27 30.01
CA VAL H 219 -1.55 59.36 28.93
C VAL H 219 -0.36 58.51 29.39
N LYS H 220 0.79 59.14 29.67
CA LYS H 220 1.99 58.42 30.12
C LYS H 220 1.68 57.32 31.16
N TYR H 221 0.79 57.65 32.09
CA TYR H 221 0.37 56.75 33.15
C TYR H 221 -0.49 55.61 32.67
N PHE H 222 -1.38 55.83 31.72
CA PHE H 222 -2.18 54.71 31.20
C PHE H 222 -1.35 53.74 30.29
N LYS H 223 -0.21 54.23 29.80
CA LYS H 223 0.72 53.48 28.95
C LYS H 223 1.64 52.54 29.79
N LYS H 224 2.24 53.07 30.85
CA LYS H 224 3.08 52.28 31.77
C LYS H 224 2.15 51.27 32.49
N ALA H 225 1.16 51.77 33.22
CA ALA H 225 0.21 50.95 33.96
C ALA H 225 -0.78 50.15 33.12
N ASN H 226 -0.38 49.70 31.93
CA ASN H 226 -1.20 48.92 30.99
C ASN H 226 -2.72 48.87 31.23
N LEU H 227 -3.34 50.05 31.10
CA LEU H 227 -4.77 50.30 31.30
C LEU H 227 -5.56 50.67 30.05
N GLN H 228 -4.86 50.84 28.94
CA GLN H 228 -5.51 51.26 27.72
C GLN H 228 -6.63 50.40 27.15
N HIS H 229 -6.62 49.11 27.40
CA HIS H 229 -7.69 48.25 26.87
C HIS H 229 -9.08 48.50 27.46
N ARG H 230 -9.10 49.25 28.56
CA ARG H 230 -10.33 49.54 29.27
C ARG H 230 -11.26 50.49 28.51
N LEU H 231 -10.67 51.53 27.93
CA LEU H 231 -11.40 52.59 27.21
C LEU H 231 -11.92 52.15 25.86
N ARG H 232 -12.91 52.86 25.35
CA ARG H 232 -13.44 52.54 24.04
C ARG H 232 -12.35 52.93 23.02
N SER H 233 -11.68 54.04 23.33
CA SER H 233 -10.69 54.61 22.45
C SER H 233 -9.44 55.00 23.23
N SER H 234 -8.34 54.32 22.96
CA SER H 234 -7.06 54.60 23.62
C SER H 234 -6.71 56.08 23.77
N LEU H 235 -5.99 56.43 24.83
CA LEU H 235 -5.56 57.83 25.02
C LEU H 235 -4.35 58.11 24.13
N LYS H 236 -4.53 58.88 23.07
CA LYS H 236 -3.41 59.16 22.20
C LYS H 236 -2.42 60.12 22.84
N SER H 237 -1.14 59.81 22.75
CA SER H 237 -0.09 60.62 23.37
C SER H 237 0.21 61.87 22.58
N GLU H 238 1.46 62.30 22.56
CA GLU H 238 1.79 63.49 21.84
C GLU H 238 2.25 63.30 20.38
N CYS H 239 3.56 63.45 20.21
CA CYS H 239 4.19 63.37 18.90
C CYS H 239 4.00 64.74 18.29
N PRO H 240 4.87 65.70 18.64
CA PRO H 240 4.96 67.12 18.24
C PRO H 240 5.07 67.45 16.76
N THR H 241 5.80 66.61 16.04
CA THR H 241 6.01 66.74 14.59
C THR H 241 4.70 66.74 13.82
N ARG H 242 3.66 66.21 14.45
CA ARG H 242 2.37 66.15 13.83
C ARG H 242 1.52 67.38 13.99
N TRP H 243 0.76 67.69 12.95
CA TRP H 243 -0.06 68.87 12.92
C TRP H 243 -1.24 68.75 13.83
N ASN H 244 -1.41 69.76 14.70
CA ASN H 244 -2.51 69.80 15.66
C ASN H 244 -2.27 68.64 16.66
N SER H 245 -1.03 68.59 17.15
CA SER H 245 -0.57 67.54 18.08
C SER H 245 -1.47 67.49 19.31
N THR H 246 -1.43 68.61 20.03
CA THR H 246 -2.18 68.75 21.24
C THR H 246 -3.65 68.40 21.07
N TYR H 247 -4.31 69.02 20.12
CA TYR H 247 -5.73 68.71 19.91
C TYR H 247 -6.02 67.22 20.03
N THR H 248 -5.40 66.45 19.12
CA THR H 248 -5.62 64.99 19.06
C THR H 248 -5.50 64.39 20.47
N MET H 249 -4.44 64.82 21.16
CA MET H 249 -4.11 64.35 22.50
C MET H 249 -5.09 64.68 23.59
N LEU H 250 -5.86 65.74 23.44
CA LEU H 250 -6.79 66.09 24.49
C LEU H 250 -8.12 65.52 24.14
N ARG H 251 -8.40 65.44 22.85
CA ARG H 251 -9.67 64.91 22.35
C ARG H 251 -9.90 63.47 22.89
N SER H 252 -8.80 62.74 23.07
CA SER H 252 -8.81 61.37 23.59
C SER H 252 -9.31 61.42 25.04
N ILE H 253 -8.57 62.16 25.87
CA ILE H 253 -8.89 62.34 27.27
C ILE H 253 -10.33 62.80 27.42
N LEU H 254 -10.75 63.65 26.50
CA LEU H 254 -12.08 64.18 26.58
C LEU H 254 -13.16 63.18 26.19
N ASP H 255 -12.98 62.49 25.08
CA ASP H 255 -14.00 61.56 24.61
C ASP H 255 -14.26 60.46 25.64
N ASN H 256 -13.19 60.11 26.37
CA ASN H 256 -13.21 59.06 27.39
C ASN H 256 -13.09 59.63 28.80
N TRP H 257 -13.87 60.66 29.13
CA TRP H 257 -13.81 61.26 30.47
C TRP H 257 -14.41 60.25 31.44
N GLU H 258 -15.68 59.93 31.21
CA GLU H 258 -16.43 59.00 32.05
C GLU H 258 -15.56 57.80 32.47
N SER H 259 -14.82 57.28 31.50
CA SER H 259 -13.94 56.15 31.70
C SER H 259 -12.66 56.49 32.51
N VAL H 260 -11.80 57.38 32.03
CA VAL H 260 -10.56 57.70 32.74
C VAL H 260 -10.66 58.14 34.18
N ILE H 261 -11.86 58.40 34.67
CA ILE H 261 -12.02 58.81 36.08
C ILE H 261 -12.50 57.61 36.90
N GLN H 262 -13.56 56.98 36.43
CA GLN H 262 -14.16 55.79 37.04
C GLN H 262 -12.99 54.93 37.52
N ILE H 263 -12.04 54.77 36.58
CA ILE H 263 -10.80 54.03 36.71
C ILE H 263 -9.92 54.61 37.81
N LEU H 264 -9.45 55.85 37.62
CA LEU H 264 -8.57 56.49 38.59
C LEU H 264 -9.11 56.60 40.03
N SER H 265 -10.42 56.53 40.14
CA SER H 265 -11.13 56.58 41.41
C SER H 265 -10.71 55.30 42.15
N GLU H 266 -11.23 54.15 41.69
CA GLU H 266 -10.94 52.85 42.28
C GLU H 266 -9.51 52.35 42.21
N ALA H 267 -8.61 53.05 41.51
CA ALA H 267 -7.21 52.64 41.47
C ALA H 267 -6.39 53.66 42.28
N GLY H 268 -7.14 54.45 43.07
CA GLY H 268 -6.60 55.46 43.97
C GLY H 268 -5.47 56.34 43.51
N GLU H 269 -5.54 56.77 42.26
CA GLU H 269 -4.53 57.66 41.73
C GLU H 269 -5.09 59.06 41.42
N THR H 270 -6.36 59.27 41.79
CA THR H 270 -7.12 60.50 41.58
C THR H 270 -6.35 61.80 41.78
N GLN H 271 -5.19 61.71 42.42
CA GLN H 271 -4.34 62.85 42.69
C GLN H 271 -3.82 63.61 41.45
N ARG H 272 -3.70 62.93 40.30
CA ARG H 272 -3.22 63.61 39.07
C ARG H 272 -4.29 64.54 38.47
N ILE H 273 -5.43 63.93 38.17
CA ILE H 273 -6.60 64.59 37.58
C ILE H 273 -7.12 65.84 38.29
N VAL H 274 -7.03 65.88 39.61
CA VAL H 274 -7.53 67.04 40.34
C VAL H 274 -6.64 68.30 40.19
N HIS H 275 -5.88 68.32 39.11
CA HIS H 275 -5.03 69.46 38.80
C HIS H 275 -5.37 69.94 37.35
N ILE H 276 -6.37 69.29 36.76
CA ILE H 276 -6.85 69.57 35.40
C ILE H 276 -8.28 70.07 35.47
N ASN H 277 -8.45 71.28 34.96
CA ASN H 277 -9.75 71.91 34.92
C ASN H 277 -10.47 71.33 33.71
N LYS H 278 -11.48 70.49 33.92
CA LYS H 278 -12.18 69.94 32.75
C LYS H 278 -12.61 71.05 31.78
N SER H 279 -13.18 72.12 32.32
CA SER H 279 -13.59 73.24 31.49
C SER H 279 -12.50 73.61 30.45
N ILE H 280 -11.34 74.10 30.91
CA ILE H 280 -10.26 74.50 30.04
C ILE H 280 -10.00 73.48 28.97
N ILE H 281 -9.98 72.22 29.38
CA ILE H 281 -9.70 71.19 28.40
C ILE H 281 -10.78 71.16 27.32
N GLN H 282 -12.05 71.04 27.73
CA GLN H 282 -13.12 70.99 26.72
C GLN H 282 -13.26 72.24 25.87
N THR H 283 -12.70 73.35 26.35
CA THR H 283 -12.76 74.58 25.58
C THR H 283 -11.66 74.49 24.53
N MET H 284 -10.46 74.13 24.94
CA MET H 284 -9.35 74.00 24.01
C MET H 284 -9.62 73.03 22.86
N VAL H 285 -10.40 71.97 23.08
CA VAL H 285 -10.65 71.07 21.95
C VAL H 285 -11.61 71.80 21.06
N ASN H 286 -12.66 72.39 21.67
CA ASN H 286 -13.68 73.13 20.93
C ASN H 286 -13.07 74.09 19.90
N ILE H 287 -12.02 74.81 20.30
CA ILE H 287 -11.32 75.71 19.42
C ILE H 287 -10.59 74.88 18.42
N LEU H 288 -9.59 74.14 18.91
CA LEU H 288 -8.73 73.28 18.09
C LEU H 288 -9.44 72.36 17.07
N ASP H 289 -10.69 72.04 17.40
CA ASP H 289 -11.58 71.19 16.62
C ASP H 289 -11.64 71.83 15.28
N GLY H 290 -11.91 73.14 15.31
CA GLY H 290 -11.98 73.95 14.11
C GLY H 290 -10.66 73.94 13.34
N PHE H 291 -9.52 74.09 14.02
CA PHE H 291 -8.23 74.06 13.33
C PHE H 291 -7.99 72.75 12.59
N GLU H 292 -8.70 71.70 13.00
CA GLU H 292 -8.58 70.39 12.36
C GLU H 292 -9.19 70.52 10.99
N ARG H 293 -10.48 70.79 10.97
CA ARG H 293 -11.20 70.91 9.72
C ARG H 293 -10.45 71.83 8.77
N ILE H 294 -9.87 72.89 9.31
CA ILE H 294 -9.09 73.78 8.48
C ILE H 294 -7.93 72.98 7.95
N PHE H 295 -7.20 72.36 8.87
CA PHE H 295 -6.04 71.54 8.54
C PHE H 295 -6.34 70.55 7.45
N LYS H 296 -7.53 69.95 7.52
CA LYS H 296 -7.93 68.95 6.55
C LYS H 296 -8.24 69.57 5.19
N GLU H 297 -8.96 70.68 5.19
CA GLU H 297 -9.29 71.33 3.94
C GLU H 297 -8.08 71.78 3.15
N LEU H 298 -7.05 72.20 3.86
CA LEU H 298 -5.82 72.68 3.25
C LEU H 298 -4.96 71.56 2.78
N GLN H 299 -5.31 70.36 3.14
CA GLN H 299 -4.50 69.23 2.71
C GLN H 299 -5.03 68.57 1.47
N THR H 300 -6.05 69.17 0.86
CA THR H 300 -6.69 68.58 -0.32
C THR H 300 -6.03 68.83 -1.66
N CYS H 301 -6.14 67.86 -2.59
CA CYS H 301 -5.59 67.99 -3.96
C CYS H 301 -6.52 67.42 -4.99
N SER H 302 -7.67 66.95 -4.53
CA SER H 302 -8.70 66.39 -5.37
C SER H 302 -9.62 67.53 -5.78
N SER H 303 -9.44 68.69 -5.17
CA SER H 303 -10.28 69.83 -5.48
C SER H 303 -9.42 71.04 -5.18
N PRO H 304 -9.86 72.22 -5.64
CA PRO H 304 -9.00 73.38 -5.36
C PRO H 304 -8.95 73.64 -3.87
N SER H 305 -7.78 74.07 -3.45
CA SER H 305 -7.56 74.31 -2.06
C SER H 305 -7.04 75.73 -1.73
N LEU H 306 -6.12 76.24 -2.57
CA LEU H 306 -5.51 77.57 -2.37
C LEU H 306 -6.53 78.66 -2.18
N CYS H 307 -7.65 78.55 -2.85
CA CYS H 307 -8.61 79.57 -2.66
C CYS H 307 -9.25 79.56 -1.24
N PHE H 308 -8.93 78.59 -0.42
CA PHE H 308 -9.52 78.63 0.91
C PHE H 308 -8.54 79.10 1.98
N VAL H 309 -7.29 79.36 1.59
CA VAL H 309 -6.31 79.77 2.57
C VAL H 309 -6.83 81.01 3.23
N VAL H 310 -7.28 81.96 2.44
CA VAL H 310 -7.76 83.16 3.06
C VAL H 310 -8.97 82.97 3.97
N PRO H 311 -10.05 82.32 3.49
CA PRO H 311 -11.23 82.11 4.36
C PRO H 311 -10.90 81.38 5.70
N SER H 312 -9.83 80.58 5.67
CA SER H 312 -9.37 79.85 6.86
C SER H 312 -8.90 80.92 7.83
N ILE H 313 -8.02 81.79 7.34
CA ILE H 313 -7.54 82.89 8.15
C ILE H 313 -8.75 83.62 8.72
N LEU H 314 -9.79 83.84 7.92
CA LEU H 314 -10.96 84.48 8.49
C LEU H 314 -11.58 83.58 9.57
N LYS H 315 -11.61 82.26 9.32
CA LYS H 315 -12.15 81.30 10.29
C LYS H 315 -11.39 81.35 11.59
N VAL H 316 -10.08 81.11 11.56
CA VAL H 316 -9.26 81.16 12.79
C VAL H 316 -9.70 82.36 13.59
N LYS H 317 -9.66 83.53 12.97
CA LYS H 317 -10.04 84.76 13.63
C LYS H 317 -11.43 84.71 14.22
N GLU H 318 -12.38 84.17 13.47
CA GLU H 318 -13.77 84.06 13.90
C GLU H 318 -13.90 83.16 15.12
N ILE H 319 -13.02 82.17 15.20
CA ILE H 319 -13.04 81.22 16.32
C ILE H 319 -12.64 81.98 17.57
N CYS H 320 -11.48 82.61 17.49
CA CYS H 320 -10.91 83.37 18.57
C CYS H 320 -11.63 84.65 18.94
N SER H 321 -12.87 84.78 18.49
CA SER H 321 -13.67 85.94 18.81
C SER H 321 -13.95 85.82 20.30
N PRO H 322 -13.65 86.86 21.10
CA PRO H 322 -13.92 86.74 22.54
C PRO H 322 -15.37 86.29 22.66
N ASP H 323 -15.66 85.30 23.51
CA ASP H 323 -17.01 84.72 23.60
C ASP H 323 -18.08 84.94 24.70
N VAL H 324 -17.68 85.21 25.95
CA VAL H 324 -18.62 85.41 27.10
C VAL H 324 -18.37 84.29 28.07
N GLY H 325 -17.62 84.59 29.11
CA GLY H 325 -17.32 83.55 30.06
C GLY H 325 -15.92 83.04 29.78
N ASP H 326 -15.29 83.59 28.77
CA ASP H 326 -13.95 83.14 28.49
C ASP H 326 -13.07 83.36 29.73
N VAL H 327 -12.59 82.27 30.29
CA VAL H 327 -11.69 82.31 31.42
C VAL H 327 -10.48 83.09 30.95
N ALA H 328 -9.99 83.96 31.80
CA ALA H 328 -8.82 84.78 31.46
C ALA H 328 -7.71 84.03 30.73
N ASP H 329 -7.49 82.79 31.16
CA ASP H 329 -6.44 81.94 30.58
C ASP H 329 -6.65 81.75 29.07
N ILE H 330 -7.87 81.36 28.72
CA ILE H 330 -8.30 81.09 27.34
C ILE H 330 -8.10 82.29 26.43
N ALA H 331 -8.71 83.40 26.84
CA ALA H 331 -8.65 84.64 26.11
C ALA H 331 -7.24 85.18 25.85
N LYS H 332 -6.28 84.78 26.68
CA LYS H 332 -4.89 85.20 26.49
C LYS H 332 -4.40 84.34 25.30
N LEU H 333 -4.92 83.12 25.19
CA LEU H 333 -4.51 82.25 24.11
C LEU H 333 -5.11 82.81 22.82
N LYS H 334 -6.45 82.88 22.77
CA LYS H 334 -7.19 83.39 21.61
C LYS H 334 -6.52 84.62 20.98
N VAL H 335 -6.10 85.55 21.82
CA VAL H 335 -5.40 86.76 21.40
C VAL H 335 -4.04 86.46 20.76
N ASN H 336 -3.36 85.48 21.33
CA ASN H 336 -2.06 85.10 20.85
C ASN H 336 -2.17 84.37 19.53
N ILE H 337 -3.24 83.60 19.37
CA ILE H 337 -3.46 82.90 18.11
C ILE H 337 -3.67 83.94 17.00
N ILE H 338 -4.54 84.92 17.29
CA ILE H 338 -4.87 86.00 16.38
C ILE H 338 -3.64 86.79 15.98
N LYS H 339 -2.91 87.24 16.99
CA LYS H 339 -1.68 87.98 16.80
C LYS H 339 -0.79 87.18 15.86
N ASN H 340 -0.74 85.87 16.10
CA ASN H 340 0.10 84.99 15.30
C ASN H 340 -0.42 84.71 13.89
N VAL H 341 -1.74 84.72 13.74
CA VAL H 341 -2.34 84.50 12.44
C VAL H 341 -1.76 85.56 11.53
N ARG H 342 -1.66 86.79 12.06
CA ARG H 342 -1.13 87.95 11.34
C ARG H 342 0.39 87.92 11.11
N ILE H 343 1.18 88.00 12.20
CA ILE H 343 2.64 88.01 12.10
C ILE H 343 3.29 86.77 11.49
N ILE H 344 2.59 85.65 11.55
CA ILE H 344 3.14 84.40 11.02
C ILE H 344 2.50 83.90 9.74
N TRP H 345 1.18 83.84 9.69
CA TRP H 345 0.49 83.34 8.50
C TRP H 345 0.30 84.43 7.41
N GLU H 346 -0.58 85.42 7.66
CA GLU H 346 -0.87 86.50 6.70
C GLU H 346 0.39 87.07 6.11
N GLU H 347 1.31 87.39 7.01
CA GLU H 347 2.59 87.97 6.66
C GLU H 347 3.38 87.09 5.67
N ASN H 348 3.02 85.82 5.59
CA ASN H 348 3.72 84.91 4.72
C ASN H 348 2.97 84.39 3.51
N LEU H 349 1.80 84.98 3.22
CA LEU H 349 1.04 84.61 2.04
C LEU H 349 1.66 85.36 0.85
N SER H 350 1.02 85.30 -0.31
CA SER H 350 1.53 85.97 -1.53
C SER H 350 0.36 86.51 -2.32
N ILE H 351 0.64 87.14 -3.46
CA ILE H 351 -0.48 87.65 -4.23
C ILE H 351 -1.43 86.50 -4.60
N TRP H 352 -0.82 85.41 -5.08
CA TRP H 352 -1.51 84.19 -5.52
C TRP H 352 -2.72 83.85 -4.67
N HIS H 353 -2.47 83.77 -3.37
CA HIS H 353 -3.50 83.43 -2.41
C HIS H 353 -4.76 84.29 -2.50
N TYR H 354 -4.56 85.61 -2.53
CA TYR H 354 -5.67 86.55 -2.52
C TYR H 354 -6.45 86.55 -3.79
N THR H 355 -5.70 86.32 -4.86
CA THR H 355 -6.21 86.26 -6.21
C THR H 355 -7.05 85.01 -6.30
N ALA H 356 -6.47 83.91 -5.84
CA ALA H 356 -7.13 82.62 -5.84
C ALA H 356 -8.47 82.77 -5.16
N PHE H 357 -8.46 83.36 -3.95
CA PHE H 357 -9.68 83.60 -3.18
C PHE H 357 -10.64 84.33 -4.08
N PHE H 358 -10.13 85.42 -4.67
CA PHE H 358 -10.89 86.23 -5.60
C PHE H 358 -11.62 85.35 -6.65
N PHE H 359 -10.96 84.30 -7.14
CA PHE H 359 -11.59 83.43 -8.12
C PHE H 359 -12.62 82.44 -7.60
N TYR H 360 -13.18 82.72 -6.44
CA TYR H 360 -14.19 81.86 -5.90
C TYR H 360 -15.39 82.77 -5.98
N PRO H 361 -16.21 82.60 -7.01
CA PRO H 361 -17.38 83.42 -7.17
C PRO H 361 -17.95 84.26 -6.06
N PRO H 362 -18.25 83.72 -4.86
CA PRO H 362 -18.69 84.89 -4.01
C PRO H 362 -17.48 85.90 -3.45
N ALA H 363 -17.14 86.79 -4.43
CA ALA H 363 -16.12 87.89 -4.60
C ALA H 363 -16.32 89.25 -3.93
N LEU H 364 -17.49 89.50 -3.33
CA LEU H 364 -17.76 90.75 -2.57
C LEU H 364 -16.54 90.98 -1.65
N HIS H 365 -16.26 89.98 -0.84
CA HIS H 365 -15.16 89.93 0.14
C HIS H 365 -13.92 90.83 0.15
N MET H 366 -13.02 90.78 -0.81
CA MET H 366 -11.85 91.67 -0.70
C MET H 366 -12.03 92.88 -1.62
N GLN H 367 -13.25 93.44 -1.52
CA GLN H 367 -13.78 94.63 -2.22
C GLN H 367 -12.90 95.83 -1.99
N GLN H 368 -11.93 95.64 -1.11
CA GLN H 368 -10.98 96.64 -0.74
C GLN H 368 -9.70 96.52 -1.52
N GLU H 369 -8.71 97.21 -0.98
CA GLU H 369 -7.36 97.33 -1.51
C GLU H 369 -6.83 96.13 -2.29
N LYS H 370 -7.37 94.95 -2.00
CA LYS H 370 -6.89 93.80 -2.70
C LYS H 370 -7.28 93.75 -4.18
N VAL H 371 -8.54 94.04 -4.47
CA VAL H 371 -9.03 93.98 -5.85
C VAL H 371 -8.21 94.75 -6.89
N ALA H 372 -7.70 95.90 -6.51
CA ALA H 372 -6.88 96.73 -7.38
C ALA H 372 -5.65 95.94 -7.84
N GLN H 373 -4.74 95.66 -6.91
CA GLN H 373 -3.51 94.95 -7.23
C GLN H 373 -3.75 93.53 -7.72
N ILE H 374 -4.93 92.99 -7.41
CA ILE H 374 -5.24 91.66 -7.89
C ILE H 374 -5.34 91.78 -9.40
N LYS H 375 -6.08 92.80 -9.85
CA LYS H 375 -6.28 93.05 -11.27
C LYS H 375 -4.97 93.36 -11.94
N GLU H 376 -4.10 94.13 -11.29
CA GLU H 376 -2.79 94.45 -11.85
C GLU H 376 -2.10 93.15 -12.23
N PHE H 377 -2.11 92.23 -11.26
CA PHE H 377 -1.55 90.89 -11.36
C PHE H 377 -2.21 90.06 -12.47
N CYS H 378 -3.53 89.88 -12.44
CA CYS H 378 -4.27 89.11 -13.46
C CYS H 378 -3.96 89.49 -14.92
N LEU H 379 -3.92 90.80 -15.17
CA LEU H 379 -3.64 91.36 -16.49
C LEU H 379 -2.25 90.92 -16.83
N SER H 380 -1.29 91.28 -15.99
CA SER H 380 0.11 90.89 -16.16
C SER H 380 0.17 89.43 -16.62
N LYS H 381 -0.54 88.57 -15.88
CA LYS H 381 -0.62 87.14 -16.17
C LYS H 381 -1.30 86.80 -17.50
N MET H 382 -2.47 87.37 -17.76
CA MET H 382 -3.19 87.08 -19.01
C MET H 382 -2.42 87.49 -20.26
N GLU H 383 -1.44 88.37 -20.09
CA GLU H 383 -0.61 88.85 -21.19
C GLU H 383 0.34 87.77 -21.66
N ASP H 384 0.88 86.98 -20.72
CA ASP H 384 1.81 85.89 -21.03
C ASP H 384 1.11 84.70 -21.70
N LEU H 385 -0.18 84.49 -21.40
CA LEU H 385 -0.93 83.38 -22.00
C LEU H 385 -1.23 83.69 -23.48
N GLU H 386 -1.18 84.98 -23.84
CA GLU H 386 -1.36 85.44 -25.24
C GLU H 386 0.05 85.40 -25.85
N LEU H 387 1.04 85.08 -25.02
CA LEU H 387 2.45 84.94 -25.43
C LEU H 387 2.71 83.46 -25.72
N ILE H 388 1.63 82.75 -26.06
CA ILE H 388 1.71 81.36 -26.50
C ILE H 388 1.65 81.65 -28.02
N ASN H 389 2.59 82.51 -28.42
CA ASN H 389 2.79 83.01 -29.78
C ASN H 389 3.78 82.12 -30.54
N ARG H 390 3.57 80.80 -30.46
CA ARG H 390 4.44 79.86 -31.16
C ARG H 390 3.92 79.68 -32.60
N MET H 391 4.01 80.77 -33.37
CA MET H 391 3.57 80.84 -34.77
C MET H 391 4.77 80.65 -35.70
N SER H 392 5.25 79.41 -35.84
CA SER H 392 6.38 79.11 -36.72
C SER H 392 5.98 79.06 -38.22
N SER H 393 5.24 80.08 -38.66
CA SER H 393 4.75 80.23 -40.05
C SER H 393 4.04 78.99 -40.59
N SER H 412 -26.80 85.48 -50.46
CA SER H 412 -25.61 86.06 -51.08
C SER H 412 -25.98 87.39 -51.78
N ILE H 413 -25.33 87.66 -52.91
CA ILE H 413 -25.56 88.86 -53.75
C ILE H 413 -26.97 88.67 -54.41
N ASP H 414 -27.12 87.47 -55.01
CA ASP H 414 -28.33 86.99 -55.70
C ASP H 414 -28.10 85.49 -55.96
N LEU H 415 -28.16 84.72 -54.87
CA LEU H 415 -27.92 83.27 -54.90
C LEU H 415 -28.85 82.40 -54.01
N THR H 416 -28.91 82.65 -52.70
CA THR H 416 -29.70 81.76 -51.84
C THR H 416 -29.94 82.22 -50.38
N SER H 417 -30.42 81.28 -49.56
CA SER H 417 -30.73 81.40 -48.11
C SER H 417 -31.16 80.01 -47.55
N HIS H 418 -32.46 79.86 -47.17
CA HIS H 418 -33.11 78.62 -46.65
C HIS H 418 -33.16 78.37 -45.12
N SER H 419 -34.34 78.56 -44.53
CA SER H 419 -34.55 78.32 -43.10
C SER H 419 -34.33 76.85 -42.75
N LYS H 420 -34.93 76.42 -41.66
CA LYS H 420 -34.84 75.03 -41.13
C LYS H 420 -33.49 74.28 -41.18
N ASP H 421 -32.45 75.00 -41.63
CA ASP H 421 -31.09 74.47 -41.72
C ASP H 421 -30.19 75.35 -40.85
N ILE H 422 -30.85 76.21 -40.06
CA ILE H 422 -30.17 77.10 -39.14
C ILE H 422 -31.04 77.16 -37.91
N SER H 423 -30.37 76.98 -36.78
CA SER H 423 -30.91 76.93 -35.42
C SER H 423 -31.87 78.04 -35.13
N THR H 424 -32.79 77.82 -34.20
CA THR H 424 -33.75 78.89 -33.90
C THR H 424 -33.03 80.16 -33.42
N THR H 425 -31.92 79.97 -32.73
CA THR H 425 -31.13 81.09 -32.21
C THR H 425 -30.50 81.84 -33.35
N SER H 426 -29.58 81.18 -34.08
CA SER H 426 -28.89 81.79 -35.22
C SER H 426 -29.85 82.47 -36.18
N PHE H 427 -31.11 82.02 -36.21
CA PHE H 427 -32.09 82.66 -37.07
C PHE H 427 -32.46 84.02 -36.48
N PHE H 428 -33.02 84.02 -35.27
CA PHE H 428 -33.45 85.23 -34.58
C PHE H 428 -32.42 86.22 -34.08
N PHE H 429 -31.21 85.76 -33.76
CA PHE H 429 -30.18 86.64 -33.23
C PHE H 429 -28.89 86.34 -33.96
N PRO H 430 -28.74 86.82 -35.20
CA PRO H 430 -27.47 86.49 -35.88
C PRO H 430 -26.29 87.24 -35.31
N GLN H 431 -26.52 88.48 -34.84
CA GLN H 431 -25.45 89.31 -34.30
C GLN H 431 -24.88 88.78 -32.98
N LEU H 432 -25.73 88.15 -32.16
CA LEU H 432 -25.25 87.60 -30.90
C LEU H 432 -24.73 86.20 -31.16
N THR H 433 -24.89 85.73 -32.40
CA THR H 433 -24.45 84.41 -32.79
C THR H 433 -23.11 84.45 -33.56
N GLN H 434 -22.78 85.59 -34.17
CA GLN H 434 -21.50 85.73 -34.85
C GLN H 434 -20.47 85.78 -33.72
N ASN H 435 -20.86 86.43 -32.60
CA ASN H 435 -20.05 86.58 -31.36
C ASN H 435 -19.95 85.24 -30.57
N ASN H 436 -20.50 84.18 -31.15
CA ASN H 436 -20.44 82.82 -30.60
C ASN H 436 -18.99 82.48 -30.97
N SER H 437 -18.70 82.58 -32.27
CA SER H 437 -17.36 82.38 -32.85
C SER H 437 -16.71 83.74 -32.56
N ARG H 438 -16.50 84.00 -31.26
CA ARG H 438 -15.96 85.25 -30.73
C ARG H 438 -14.88 86.03 -31.47
N GLU H 439 -15.36 86.84 -32.42
CA GLU H 439 -14.52 87.73 -33.21
C GLU H 439 -14.56 89.08 -32.43
N PRO H 440 -13.66 90.05 -32.75
CA PRO H 440 -13.71 91.26 -31.92
C PRO H 440 -13.91 90.80 -30.45
N PRO H 441 -12.97 89.95 -29.94
CA PRO H 441 -13.02 89.40 -28.57
C PRO H 441 -12.92 90.49 -27.51
N VAL H 442 -13.58 90.26 -26.38
CA VAL H 442 -13.51 91.22 -25.31
C VAL H 442 -12.10 91.11 -24.74
N CYS H 443 -11.56 92.24 -24.34
CA CYS H 443 -10.21 92.30 -23.83
C CYS H 443 -10.10 91.76 -22.41
N PRO H 444 -8.85 91.64 -21.89
CA PRO H 444 -8.62 91.15 -20.53
C PRO H 444 -9.49 91.93 -19.51
N SER H 445 -9.25 93.23 -19.44
CA SER H 445 -9.96 94.13 -18.55
C SER H 445 -11.44 93.96 -18.68
N ASP H 446 -11.93 93.83 -19.89
CA ASP H 446 -13.36 93.65 -20.07
C ASP H 446 -13.80 92.37 -19.39
N GLU H 447 -13.01 91.31 -19.55
CA GLU H 447 -13.36 90.02 -18.92
C GLU H 447 -13.38 90.20 -17.41
N PHE H 448 -12.28 90.76 -16.91
CA PHE H 448 -12.14 91.02 -15.48
C PHE H 448 -13.34 91.79 -14.95
N GLU H 449 -13.52 93.01 -15.43
CA GLU H 449 -14.62 93.81 -14.99
C GLU H 449 -15.98 93.18 -15.23
N PHE H 450 -16.02 92.16 -16.09
CA PHE H 450 -17.28 91.46 -16.40
C PHE H 450 -17.59 90.51 -15.28
N TYR H 451 -16.50 89.87 -14.83
CA TYR H 451 -16.50 88.86 -13.76
C TYR H 451 -16.96 89.51 -12.49
N ARG H 452 -16.35 90.65 -12.22
CA ARG H 452 -16.64 91.45 -11.04
C ARG H 452 -18.10 91.83 -10.83
N LYS H 453 -18.82 92.11 -11.90
CA LYS H 453 -20.22 92.42 -11.71
C LYS H 453 -20.96 91.09 -11.44
N GLU H 454 -20.27 89.97 -11.60
CA GLU H 454 -20.93 88.67 -11.48
C GLU H 454 -21.57 88.44 -10.12
N ILE H 455 -22.76 87.84 -10.08
CA ILE H 455 -23.25 87.59 -8.76
C ILE H 455 -22.91 86.21 -8.27
N VAL H 456 -23.72 85.17 -8.53
CA VAL H 456 -23.36 83.79 -8.06
C VAL H 456 -23.72 83.44 -6.58
N ILE H 457 -24.95 82.99 -6.37
CA ILE H 457 -25.41 82.54 -5.07
C ILE H 457 -24.49 81.38 -4.66
N LEU H 458 -24.25 81.16 -3.37
CA LEU H 458 -23.41 80.04 -2.93
C LEU H 458 -24.39 78.98 -2.50
N SER H 459 -24.16 77.72 -2.88
CA SER H 459 -25.04 76.62 -2.47
C SER H 459 -24.21 75.41 -2.08
N GLU H 460 -24.60 74.79 -0.97
CA GLU H 460 -23.94 73.60 -0.40
C GLU H 460 -22.87 72.83 -1.22
N ASP H 461 -23.33 72.33 -2.36
CA ASP H 461 -22.60 71.51 -3.33
C ASP H 461 -21.71 72.29 -4.33
N PHE H 462 -22.04 73.54 -4.58
CA PHE H 462 -21.31 74.37 -5.52
C PHE H 462 -19.84 74.02 -5.63
N LYS H 463 -19.41 73.65 -6.83
CA LYS H 463 -18.00 73.31 -7.03
C LYS H 463 -17.36 74.43 -7.85
N VAL H 464 -16.24 75.00 -7.39
CA VAL H 464 -15.57 76.11 -8.11
C VAL H 464 -15.23 75.79 -9.55
N MET H 465 -14.42 74.75 -9.78
CA MET H 465 -14.06 74.41 -11.15
C MET H 465 -15.23 74.13 -12.05
N GLU H 466 -16.32 73.65 -11.46
CA GLU H 466 -17.52 73.37 -12.22
C GLU H 466 -18.00 74.68 -12.85
N TRP H 467 -17.85 75.79 -12.12
CA TRP H 467 -18.27 77.12 -12.59
C TRP H 467 -17.32 77.74 -13.61
N TRP H 468 -16.03 77.83 -13.32
CA TRP H 468 -15.14 78.38 -14.34
C TRP H 468 -15.21 77.60 -15.64
N ASN H 469 -15.23 76.28 -15.54
CA ASN H 469 -15.32 75.48 -16.75
C ASN H 469 -16.60 75.73 -17.50
N LEU H 470 -17.71 75.94 -16.80
CA LEU H 470 -18.94 76.18 -17.49
C LEU H 470 -18.83 77.50 -18.21
N ASN H 471 -18.29 78.49 -17.51
CA ASN H 471 -18.19 79.82 -18.10
C ASN H 471 -17.00 80.10 -18.98
N SER H 472 -16.25 79.07 -19.38
CA SER H 472 -15.07 79.22 -20.25
C SER H 472 -15.36 80.09 -21.47
N LYS H 473 -16.60 79.97 -21.96
CA LYS H 473 -17.11 80.73 -23.11
C LYS H 473 -17.16 82.24 -22.90
N LYS H 474 -17.73 82.68 -21.78
CA LYS H 474 -17.83 84.11 -21.48
C LYS H 474 -16.47 84.66 -21.05
N TYR H 475 -15.63 83.84 -20.43
CA TYR H 475 -14.35 84.34 -19.98
C TYR H 475 -13.15 83.56 -20.53
N PRO H 476 -13.05 83.47 -21.85
CA PRO H 476 -11.98 82.78 -22.57
C PRO H 476 -10.61 82.96 -21.97
N LYS H 477 -10.07 84.16 -21.98
CA LYS H 477 -8.73 84.34 -21.42
C LYS H 477 -8.68 84.31 -19.90
N LEU H 478 -9.77 84.70 -19.24
CA LEU H 478 -9.79 84.75 -17.77
C LEU H 478 -9.88 83.36 -17.18
N SER H 479 -10.88 82.60 -17.61
CA SER H 479 -11.07 81.26 -17.10
C SER H 479 -9.78 80.47 -17.23
N LYS H 480 -9.05 80.59 -18.33
CA LYS H 480 -7.78 79.86 -18.39
C LYS H 480 -6.87 80.18 -17.17
N LEU H 481 -6.74 81.44 -16.81
CA LEU H 481 -5.94 81.84 -15.66
C LEU H 481 -6.52 81.32 -14.32
N ALA H 482 -7.83 81.44 -14.14
CA ALA H 482 -8.54 80.99 -12.92
C ALA H 482 -8.33 79.50 -12.68
N LEU H 483 -8.46 78.70 -13.73
CA LEU H 483 -8.26 77.28 -13.58
C LEU H 483 -6.80 76.99 -13.22
N SER H 484 -5.86 77.67 -13.84
CA SER H 484 -4.43 77.47 -13.53
C SER H 484 -4.01 77.92 -12.12
N LEU H 485 -4.88 78.67 -11.46
CA LEU H 485 -4.60 79.17 -10.13
C LEU H 485 -5.32 78.29 -9.14
N LEU H 486 -6.56 77.95 -9.46
CA LEU H 486 -7.38 77.09 -8.61
C LEU H 486 -6.78 75.68 -8.46
N SER H 487 -5.93 75.33 -9.43
CA SER H 487 -5.20 74.07 -9.48
C SER H 487 -3.93 74.13 -8.60
N ILE H 488 -3.64 75.29 -8.02
CA ILE H 488 -2.48 75.37 -7.15
C ILE H 488 -2.96 74.85 -5.81
N PRO H 489 -2.16 73.92 -5.25
CA PRO H 489 -2.29 73.21 -3.98
C PRO H 489 -2.04 74.17 -2.86
N ALA H 490 -2.93 74.22 -1.88
CA ALA H 490 -2.79 75.12 -0.73
C ALA H 490 -1.63 74.75 0.20
N SER H 491 -1.09 73.54 0.05
CA SER H 491 0.00 73.06 0.90
C SER H 491 0.85 71.95 0.28
N SER H 492 1.94 71.63 0.98
CA SER H 492 2.85 70.62 0.53
C SER H 492 2.43 69.23 0.98
N ALA H 493 1.16 69.08 1.35
CA ALA H 493 0.63 67.79 1.77
C ALA H 493 0.93 66.74 0.72
N ALA H 494 0.76 67.07 -0.56
CA ALA H 494 1.04 66.09 -1.61
C ALA H 494 2.46 65.49 -1.55
N SER H 495 3.47 66.29 -1.24
CA SER H 495 4.82 65.71 -1.15
C SER H 495 4.91 64.85 0.09
N GLU H 496 4.43 65.39 1.22
CA GLU H 496 4.44 64.67 2.49
C GLU H 496 3.79 63.31 2.22
N ARG H 497 2.53 63.28 1.76
CA ARG H 497 1.82 62.01 1.46
C ARG H 497 2.61 61.02 0.62
N THR H 498 3.41 61.53 -0.32
CA THR H 498 4.27 60.73 -1.20
C THR H 498 5.21 59.93 -0.32
N PHE H 499 5.84 60.59 0.64
CA PHE H 499 6.73 59.89 1.56
C PHE H 499 6.00 58.78 2.28
N SER H 500 4.75 59.03 2.69
CA SER H 500 4.01 57.99 3.38
C SER H 500 3.93 56.76 2.52
N LEU H 501 3.84 56.98 1.21
CA LEU H 501 3.74 55.86 0.29
C LEU H 501 5.08 55.22 0.07
N ALA H 502 6.13 56.01 0.07
CA ALA H 502 7.49 55.49 -0.11
C ALA H 502 7.80 54.52 1.01
N GLY H 503 7.20 54.79 2.16
CA GLY H 503 7.42 53.94 3.32
C GLY H 503 6.62 52.67 3.35
N ASN H 504 5.60 52.57 2.53
CA ASN H 504 4.80 51.37 2.52
C ASN H 504 5.54 50.40 1.63
N ILE H 505 6.33 50.95 0.71
CA ILE H 505 7.09 50.12 -0.21
C ILE H 505 8.56 49.99 0.17
N ILE H 506 8.87 50.13 1.46
CA ILE H 506 10.24 49.96 1.95
C ILE H 506 10.06 49.36 3.34
N THR H 507 9.28 48.27 3.40
CA THR H 507 9.01 47.55 4.65
C THR H 507 10.33 47.09 5.31
N GLU H 508 10.24 46.59 6.54
CA GLU H 508 11.40 46.02 7.22
C GLU H 508 12.02 45.02 6.19
N LYS H 509 11.18 44.08 5.75
CA LYS H 509 11.56 43.05 4.77
C LYS H 509 12.09 43.67 3.48
N ARG H 510 11.24 44.40 2.75
CA ARG H 510 11.63 45.02 1.47
C ARG H 510 12.87 45.94 1.52
N ASN H 511 13.55 45.96 2.67
CA ASN H 511 14.69 46.80 2.88
C ASN H 511 15.78 46.87 1.79
N ARG H 512 15.62 46.12 0.73
CA ARG H 512 16.64 46.16 -0.29
C ARG H 512 16.16 46.75 -1.60
N ILE H 513 14.95 47.33 -1.61
CA ILE H 513 14.42 47.88 -2.85
C ILE H 513 15.31 49.01 -3.37
N GLY H 514 15.36 49.20 -4.69
CA GLY H 514 16.26 50.21 -5.24
C GLY H 514 15.68 51.57 -5.56
N GLN H 515 16.54 52.58 -5.58
CA GLN H 515 16.15 53.97 -5.87
C GLN H 515 15.20 54.00 -7.06
N GLN H 516 15.70 53.51 -8.19
CA GLN H 516 14.95 53.47 -9.45
C GLN H 516 13.62 52.75 -9.32
N THR H 517 13.66 51.63 -8.61
CA THR H 517 12.49 50.79 -8.40
C THR H 517 11.42 51.47 -7.56
N VAL H 518 11.84 52.30 -6.61
CA VAL H 518 10.87 53.00 -5.77
C VAL H 518 10.24 54.03 -6.64
N ASP H 519 11.09 54.88 -7.23
CA ASP H 519 10.63 55.93 -8.12
C ASP H 519 9.56 55.35 -9.05
N SER H 520 9.92 54.27 -9.72
CA SER H 520 9.02 53.63 -10.65
C SER H 520 7.78 53.18 -9.94
N LEU H 521 7.97 52.46 -8.84
CA LEU H 521 6.84 51.95 -8.07
C LEU H 521 5.85 53.08 -7.70
N LEU H 522 6.41 54.19 -7.20
CA LEU H 522 5.63 55.33 -6.77
C LEU H 522 4.92 55.93 -7.93
N PHE H 523 5.73 56.25 -8.94
CA PHE H 523 5.28 56.86 -10.18
C PHE H 523 4.21 56.07 -10.87
N LEU H 524 4.57 54.84 -11.22
CA LEU H 524 3.66 53.97 -11.90
C LEU H 524 2.34 53.99 -11.16
N ASN H 525 2.35 53.80 -9.85
CA ASN H 525 1.09 53.80 -9.13
C ASN H 525 0.26 55.06 -9.42
N SER H 526 0.93 56.24 -9.41
CA SER H 526 0.28 57.55 -9.67
C SER H 526 -0.39 57.57 -11.04
N PHE H 527 0.42 57.27 -12.06
CA PHE H 527 -0.04 57.24 -13.44
C PHE H 527 -1.40 56.57 -13.54
N TYR H 528 -1.52 55.34 -13.04
CA TYR H 528 -2.78 54.60 -13.10
C TYR H 528 -4.01 55.32 -12.52
N LYS H 529 -3.80 56.11 -11.47
CA LYS H 529 -4.90 56.81 -10.82
C LYS H 529 -5.36 58.02 -11.64
N ASN H 530 -4.39 58.84 -12.03
CA ASN H 530 -4.64 60.07 -12.80
C ASN H 530 -4.96 59.85 -14.27
N PHE H 531 -4.41 58.79 -14.85
CA PHE H 531 -4.59 58.53 -16.27
C PHE H 531 -5.34 57.27 -16.74
N CYS H 532 -6.38 56.83 -16.03
CA CYS H 532 -7.10 55.62 -16.45
C CYS H 532 -8.42 55.49 -15.71
N LYS H 533 -9.38 54.79 -16.32
CA LYS H 533 -10.71 54.58 -15.71
C LYS H 533 -10.88 53.17 -15.15
#